data_1LFO
# 
_entry.id   1LFO 
# 
_audit_conform.dict_name       mmcif_pdbx.dic 
_audit_conform.dict_version    5.397 
_audit_conform.dict_location   http://mmcif.pdb.org/dictionaries/ascii/mmcif_pdbx.dic 
# 
loop_
_database_2.database_id 
_database_2.database_code 
_database_2.pdbx_database_accession 
_database_2.pdbx_DOI 
PDB   1LFO         pdb_00001lfo 10.2210/pdb1lfo/pdb 
WWPDB D_1000174699 ?            ?                   
# 
loop_
_pdbx_audit_revision_history.ordinal 
_pdbx_audit_revision_history.data_content_type 
_pdbx_audit_revision_history.major_revision 
_pdbx_audit_revision_history.minor_revision 
_pdbx_audit_revision_history.revision_date 
1 'Structure model' 1 0 1997-06-16 
2 'Structure model' 1 1 2008-03-24 
3 'Structure model' 1 2 2011-07-13 
4 'Structure model' 1 3 2023-08-09 
5 'Structure model' 1 4 2024-10-30 
# 
_pdbx_audit_revision_details.ordinal             1 
_pdbx_audit_revision_details.revision_ordinal    1 
_pdbx_audit_revision_details.data_content_type   'Structure model' 
_pdbx_audit_revision_details.provider            repository 
_pdbx_audit_revision_details.type                'Initial release' 
_pdbx_audit_revision_details.description         ? 
_pdbx_audit_revision_details.details             ? 
# 
loop_
_pdbx_audit_revision_group.ordinal 
_pdbx_audit_revision_group.revision_ordinal 
_pdbx_audit_revision_group.data_content_type 
_pdbx_audit_revision_group.group 
1 2 'Structure model' 'Version format compliance' 
2 3 'Structure model' 'Version format compliance' 
3 4 'Structure model' 'Database references'       
4 4 'Structure model' 'Derived calculations'      
5 4 'Structure model' Other                       
6 4 'Structure model' 'Refinement description'    
7 5 'Structure model' 'Data collection'           
8 5 'Structure model' 'Structure summary'         
# 
loop_
_pdbx_audit_revision_category.ordinal 
_pdbx_audit_revision_category.revision_ordinal 
_pdbx_audit_revision_category.data_content_type 
_pdbx_audit_revision_category.category 
1  4 'Structure model' database_2                    
2  4 'Structure model' pdbx_database_status          
3  4 'Structure model' pdbx_initial_refinement_model 
4  4 'Structure model' struct_conn                   
5  4 'Structure model' struct_ref_seq_dif            
6  4 'Structure model' struct_site                   
7  5 'Structure model' chem_comp_atom                
8  5 'Structure model' chem_comp_bond                
9  5 'Structure model' pdbx_entry_details            
10 5 'Structure model' pdbx_modification_feature     
# 
loop_
_pdbx_audit_revision_item.ordinal 
_pdbx_audit_revision_item.revision_ordinal 
_pdbx_audit_revision_item.data_content_type 
_pdbx_audit_revision_item.item 
1  4 'Structure model' '_database_2.pdbx_DOI'                
2  4 'Structure model' '_database_2.pdbx_database_accession' 
3  4 'Structure model' '_pdbx_database_status.process_site'  
4  4 'Structure model' '_struct_conn.pdbx_leaving_atom_flag' 
5  4 'Structure model' '_struct_conn.ptnr1_auth_comp_id'     
6  4 'Structure model' '_struct_conn.ptnr1_auth_seq_id'      
7  4 'Structure model' '_struct_conn.ptnr1_label_atom_id'    
8  4 'Structure model' '_struct_conn.ptnr1_label_comp_id'    
9  4 'Structure model' '_struct_conn.ptnr1_label_seq_id'     
10 4 'Structure model' '_struct_conn.ptnr2_auth_comp_id'     
11 4 'Structure model' '_struct_conn.ptnr2_auth_seq_id'      
12 4 'Structure model' '_struct_conn.ptnr2_label_atom_id'    
13 4 'Structure model' '_struct_conn.ptnr2_label_comp_id'    
14 4 'Structure model' '_struct_conn.ptnr2_label_seq_id'     
15 4 'Structure model' '_struct_ref_seq_dif.details'         
16 4 'Structure model' '_struct_site.pdbx_auth_asym_id'      
17 4 'Structure model' '_struct_site.pdbx_auth_comp_id'      
18 4 'Structure model' '_struct_site.pdbx_auth_seq_id'       
# 
_pdbx_database_status.status_code                     REL 
_pdbx_database_status.entry_id                        1LFO 
_pdbx_database_status.recvd_initial_deposition_date   1996-12-09 
_pdbx_database_status.deposit_site                    ? 
_pdbx_database_status.process_site                    BNL 
_pdbx_database_status.status_code_sf                  REL 
_pdbx_database_status.status_code_mr                  ? 
_pdbx_database_status.SG_entry                        ? 
_pdbx_database_status.pdb_format_compatible           Y 
_pdbx_database_status.status_code_cs                  ? 
_pdbx_database_status.status_code_nmr_data            ? 
_pdbx_database_status.methods_development_category    ? 
# 
loop_
_audit_author.name 
_audit_author.pdbx_ordinal 
'Thompson, J.' 1 
'Winter, N.'   2 
'Terwey, D.'   3 
'Bratt, J.'    4 
'Banaszak, L.' 5 
# 
_citation.id                        primary 
_citation.title                     
'The crystal structure of the liver fatty acid-binding protein. A complex with two bound oleates.' 
_citation.journal_abbrev            J.Biol.Chem. 
_citation.journal_volume            272 
_citation.page_first                7140 
_citation.page_last                 7150 
_citation.year                      1997 
_citation.journal_id_ASTM           JBCHA3 
_citation.country                   US 
_citation.journal_id_ISSN           0021-9258 
_citation.journal_id_CSD            0071 
_citation.book_publisher            ? 
_citation.pdbx_database_id_PubMed   9054409 
_citation.pdbx_database_id_DOI      10.1074/jbc.272.11.7140 
# 
loop_
_citation_author.citation_id 
_citation_author.name 
_citation_author.ordinal 
_citation_author.identifier_ORCID 
primary 'Thompson, J.' 1 ? 
primary 'Winter, N.'   2 ? 
primary 'Terwey, D.'   3 ? 
primary 'Bratt, J.'    4 ? 
primary 'Banaszak, L.' 5 ? 
# 
loop_
_entity.id 
_entity.type 
_entity.src_method 
_entity.pdbx_description 
_entity.formula_weight 
_entity.pdbx_number_of_molecules 
_entity.pdbx_ec 
_entity.pdbx_mutation 
_entity.pdbx_fragment 
_entity.details 
1 polymer     man 'LIVER FATTY ACID BINDING PROTEIN' 14333.608 1  ? ? ? 
'AMINO-TERMINAL INITIATOR METHIONINE AND MODIFIED CYSTEINE 69 PRESENT' 
2 non-polymer syn 'OLEIC ACID'                       282.461   2  ? ? ? ? 
3 non-polymer syn 'BUTENOIC ACID'                    86.089    1  ? ? ? ? 
4 non-polymer syn 'UNKNOWN ATOM OR ION'              ?         1  ? ? ? ? 
5 water       nat water                              18.015    61 ? ? ? ? 
# 
_entity_name_com.entity_id   1 
_entity_name_com.name        LFABP 
# 
_entity_poly.entity_id                      1 
_entity_poly.type                           'polypeptide(L)' 
_entity_poly.nstd_linkage                   no 
_entity_poly.nstd_monomer                   yes 
_entity_poly.pdbx_seq_one_letter_code       
;(ACE)MNFSGKYQVQSQENFEPFMKAMGLPEDLIQKGKDIKGVSEIVHEGKKVKLTITYGSKVIHNEFTLGEE(SMC)EL
ETMTGEKVKAVVKMEGDNKMVTTFKGIKSVTEFNGDTITNTMTLGDIVYKRVSKRI
;
_entity_poly.pdbx_seq_one_letter_code_can   
;XMNFSGKYQVQSQENFEPFMKAMGLPEDLIQKGKDIKGVSEIVHEGKKVKLTITYGSKVIHNEFTLGEECELETMTGEKV
KAVVKMEGDNKMVTTFKGIKSVTEFNGDTITNTMTLGDIVYKRVSKRI
;
_entity_poly.pdbx_strand_id                 A 
_entity_poly.pdbx_target_identifier         ? 
# 
loop_
_pdbx_entity_nonpoly.entity_id 
_pdbx_entity_nonpoly.name 
_pdbx_entity_nonpoly.comp_id 
2 'OLEIC ACID'          OLA 
3 'BUTENOIC ACID'       BEO 
4 'UNKNOWN ATOM OR ION' UNX 
5 water                 HOH 
# 
loop_
_entity_poly_seq.entity_id 
_entity_poly_seq.num 
_entity_poly_seq.mon_id 
_entity_poly_seq.hetero 
1 1   ACE n 
1 2   MET n 
1 3   ASN n 
1 4   PHE n 
1 5   SER n 
1 6   GLY n 
1 7   LYS n 
1 8   TYR n 
1 9   GLN n 
1 10  VAL n 
1 11  GLN n 
1 12  SER n 
1 13  GLN n 
1 14  GLU n 
1 15  ASN n 
1 16  PHE n 
1 17  GLU n 
1 18  PRO n 
1 19  PHE n 
1 20  MET n 
1 21  LYS n 
1 22  ALA n 
1 23  MET n 
1 24  GLY n 
1 25  LEU n 
1 26  PRO n 
1 27  GLU n 
1 28  ASP n 
1 29  LEU n 
1 30  ILE n 
1 31  GLN n 
1 32  LYS n 
1 33  GLY n 
1 34  LYS n 
1 35  ASP n 
1 36  ILE n 
1 37  LYS n 
1 38  GLY n 
1 39  VAL n 
1 40  SER n 
1 41  GLU n 
1 42  ILE n 
1 43  VAL n 
1 44  HIS n 
1 45  GLU n 
1 46  GLY n 
1 47  LYS n 
1 48  LYS n 
1 49  VAL n 
1 50  LYS n 
1 51  LEU n 
1 52  THR n 
1 53  ILE n 
1 54  THR n 
1 55  TYR n 
1 56  GLY n 
1 57  SER n 
1 58  LYS n 
1 59  VAL n 
1 60  ILE n 
1 61  HIS n 
1 62  ASN n 
1 63  GLU n 
1 64  PHE n 
1 65  THR n 
1 66  LEU n 
1 67  GLY n 
1 68  GLU n 
1 69  GLU n 
1 70  SMC n 
1 71  GLU n 
1 72  LEU n 
1 73  GLU n 
1 74  THR n 
1 75  MET n 
1 76  THR n 
1 77  GLY n 
1 78  GLU n 
1 79  LYS n 
1 80  VAL n 
1 81  LYS n 
1 82  ALA n 
1 83  VAL n 
1 84  VAL n 
1 85  LYS n 
1 86  MET n 
1 87  GLU n 
1 88  GLY n 
1 89  ASP n 
1 90  ASN n 
1 91  LYS n 
1 92  MET n 
1 93  VAL n 
1 94  THR n 
1 95  THR n 
1 96  PHE n 
1 97  LYS n 
1 98  GLY n 
1 99  ILE n 
1 100 LYS n 
1 101 SER n 
1 102 VAL n 
1 103 THR n 
1 104 GLU n 
1 105 PHE n 
1 106 ASN n 
1 107 GLY n 
1 108 ASP n 
1 109 THR n 
1 110 ILE n 
1 111 THR n 
1 112 ASN n 
1 113 THR n 
1 114 MET n 
1 115 THR n 
1 116 LEU n 
1 117 GLY n 
1 118 ASP n 
1 119 ILE n 
1 120 VAL n 
1 121 TYR n 
1 122 LYS n 
1 123 ARG n 
1 124 VAL n 
1 125 SER n 
1 126 LYS n 
1 127 ARG n 
1 128 ILE n 
# 
_entity_src_gen.entity_id                          1 
_entity_src_gen.pdbx_src_id                        1 
_entity_src_gen.pdbx_alt_source_flag               sample 
_entity_src_gen.pdbx_seq_type                      ? 
_entity_src_gen.pdbx_beg_seq_num                   ? 
_entity_src_gen.pdbx_end_seq_num                   ? 
_entity_src_gen.gene_src_common_name               'Norway rat' 
_entity_src_gen.gene_src_genus                     Rattus 
_entity_src_gen.pdbx_gene_src_gene                 ? 
_entity_src_gen.gene_src_species                   ? 
_entity_src_gen.gene_src_strain                    ? 
_entity_src_gen.gene_src_tissue                    ? 
_entity_src_gen.gene_src_tissue_fraction           ? 
_entity_src_gen.gene_src_details                   ? 
_entity_src_gen.pdbx_gene_src_fragment             ? 
_entity_src_gen.pdbx_gene_src_scientific_name      'Rattus norvegicus' 
_entity_src_gen.pdbx_gene_src_ncbi_taxonomy_id     10116 
_entity_src_gen.pdbx_gene_src_variant              ? 
_entity_src_gen.pdbx_gene_src_cell_line            ? 
_entity_src_gen.pdbx_gene_src_atcc                 ? 
_entity_src_gen.pdbx_gene_src_organ                LIVER 
_entity_src_gen.pdbx_gene_src_organelle            ? 
_entity_src_gen.pdbx_gene_src_cell                 ? 
_entity_src_gen.pdbx_gene_src_cellular_location    ? 
_entity_src_gen.host_org_common_name               ? 
_entity_src_gen.pdbx_host_org_scientific_name      'Escherichia coli' 
_entity_src_gen.pdbx_host_org_ncbi_taxonomy_id     562 
_entity_src_gen.host_org_genus                     Escherichia 
_entity_src_gen.pdbx_host_org_gene                 ? 
_entity_src_gen.pdbx_host_org_organ                ? 
_entity_src_gen.host_org_species                   ? 
_entity_src_gen.pdbx_host_org_tissue               ? 
_entity_src_gen.pdbx_host_org_tissue_fraction      ? 
_entity_src_gen.pdbx_host_org_strain               'K12 H1' 
_entity_src_gen.pdbx_host_org_variant              ? 
_entity_src_gen.pdbx_host_org_cell_line            ? 
_entity_src_gen.pdbx_host_org_atcc                 ? 
_entity_src_gen.pdbx_host_org_culture_collection   ? 
_entity_src_gen.pdbx_host_org_cell                 ? 
_entity_src_gen.pdbx_host_org_organelle            ? 
_entity_src_gen.pdbx_host_org_cellular_location    ? 
_entity_src_gen.pdbx_host_org_vector_type          ? 
_entity_src_gen.pdbx_host_org_vector               ? 
_entity_src_gen.host_org_details                   ? 
_entity_src_gen.expression_system_id               ? 
_entity_src_gen.plasmid_name                       PJBL2 
_entity_src_gen.plasmid_details                    ? 
_entity_src_gen.pdbx_description                   ? 
# 
loop_
_chem_comp.id 
_chem_comp.type 
_chem_comp.mon_nstd_flag 
_chem_comp.name 
_chem_comp.pdbx_synonyms 
_chem_comp.formula 
_chem_comp.formula_weight 
ACE non-polymer         . 'ACETYL GROUP'        ? 'C2 H4 O'        44.053  
ALA 'L-peptide linking' y ALANINE               ? 'C3 H7 N O2'     89.093  
ARG 'L-peptide linking' y ARGININE              ? 'C6 H15 N4 O2 1' 175.209 
ASN 'L-peptide linking' y ASPARAGINE            ? 'C4 H8 N2 O3'    132.118 
ASP 'L-peptide linking' y 'ASPARTIC ACID'       ? 'C4 H7 N O4'     133.103 
BEO non-polymer         . 'BUTENOIC ACID'       ? 'C4 H6 O2'       86.089  
CYS 'L-peptide linking' y CYSTEINE              ? 'C3 H7 N O2 S'   121.158 
GLN 'L-peptide linking' y GLUTAMINE             ? 'C5 H10 N2 O3'   146.144 
GLU 'L-peptide linking' y 'GLUTAMIC ACID'       ? 'C5 H9 N O4'     147.129 
GLY 'peptide linking'   y GLYCINE               ? 'C2 H5 N O2'     75.067  
HIS 'L-peptide linking' y HISTIDINE             ? 'C6 H10 N3 O2 1' 156.162 
HOH non-polymer         . WATER                 ? 'H2 O'           18.015  
ILE 'L-peptide linking' y ISOLEUCINE            ? 'C6 H13 N O2'    131.173 
LEU 'L-peptide linking' y LEUCINE               ? 'C6 H13 N O2'    131.173 
LYS 'L-peptide linking' y LYSINE                ? 'C6 H15 N2 O2 1' 147.195 
MET 'L-peptide linking' y METHIONINE            ? 'C5 H11 N O2 S'  149.211 
OLA non-polymer         . 'OLEIC ACID'          ? 'C18 H34 O2'     282.461 
PHE 'L-peptide linking' y PHENYLALANINE         ? 'C9 H11 N O2'    165.189 
PRO 'L-peptide linking' y PROLINE               ? 'C5 H9 N O2'     115.130 
SER 'L-peptide linking' y SERINE                ? 'C3 H7 N O3'     105.093 
SMC 'L-peptide linking' n S-METHYLCYSTEINE      ? 'C4 H9 N O2 S'   135.185 
THR 'L-peptide linking' y THREONINE             ? 'C4 H9 N O3'     119.119 
TYR 'L-peptide linking' y TYROSINE              ? 'C9 H11 N O3'    181.189 
UNX non-polymer         . 'UNKNOWN ATOM OR ION' ? ?                ?       
VAL 'L-peptide linking' y VALINE                ? 'C5 H11 N O2'    117.146 
# 
loop_
_pdbx_poly_seq_scheme.asym_id 
_pdbx_poly_seq_scheme.entity_id 
_pdbx_poly_seq_scheme.seq_id 
_pdbx_poly_seq_scheme.mon_id 
_pdbx_poly_seq_scheme.ndb_seq_num 
_pdbx_poly_seq_scheme.pdb_seq_num 
_pdbx_poly_seq_scheme.auth_seq_num 
_pdbx_poly_seq_scheme.pdb_mon_id 
_pdbx_poly_seq_scheme.auth_mon_id 
_pdbx_poly_seq_scheme.pdb_strand_id 
_pdbx_poly_seq_scheme.pdb_ins_code 
_pdbx_poly_seq_scheme.hetero 
A 1 1   ACE 1   0   0   ACE ACE A . n 
A 1 2   MET 2   1   1   MET MET A . n 
A 1 3   ASN 3   2   2   ASN ASN A . n 
A 1 4   PHE 4   3   3   PHE PHE A . n 
A 1 5   SER 5   4   4   SER SER A . n 
A 1 6   GLY 6   5   5   GLY GLY A . n 
A 1 7   LYS 7   6   6   LYS LYS A . n 
A 1 8   TYR 8   7   7   TYR TYR A . n 
A 1 9   GLN 9   8   8   GLN GLN A . n 
A 1 10  VAL 10  9   9   VAL VAL A . n 
A 1 11  GLN 11  10  10  GLN GLN A . n 
A 1 12  SER 12  11  11  SER SER A . n 
A 1 13  GLN 13  12  12  GLN GLN A . n 
A 1 14  GLU 14  13  13  GLU GLU A . n 
A 1 15  ASN 15  14  14  ASN ASN A . n 
A 1 16  PHE 16  15  15  PHE PHE A . n 
A 1 17  GLU 17  16  16  GLU GLU A . n 
A 1 18  PRO 18  17  17  PRO PRO A . n 
A 1 19  PHE 19  18  18  PHE PHE A . n 
A 1 20  MET 20  19  19  MET MET A . n 
A 1 21  LYS 21  20  20  LYS LYS A . n 
A 1 22  ALA 22  21  21  ALA ALA A . n 
A 1 23  MET 23  22  22  MET MET A . n 
A 1 24  GLY 24  23  23  GLY GLY A . n 
A 1 25  LEU 25  24  24  LEU LEU A . n 
A 1 26  PRO 26  25  25  PRO PRO A . n 
A 1 27  GLU 27  26  26  GLU GLU A . n 
A 1 28  ASP 28  27  27  ASP ASP A . n 
A 1 29  LEU 29  28  28  LEU LEU A . n 
A 1 30  ILE 30  29  29  ILE ILE A . n 
A 1 31  GLN 31  30  30  GLN GLN A . n 
A 1 32  LYS 32  31  31  LYS LYS A . n 
A 1 33  GLY 33  32  32  GLY GLY A . n 
A 1 34  LYS 34  33  33  LYS LYS A . n 
A 1 35  ASP 35  34  34  ASP ASP A . n 
A 1 36  ILE 36  35  35  ILE ILE A . n 
A 1 37  LYS 37  36  36  LYS LYS A . n 
A 1 38  GLY 38  37  37  GLY GLY A . n 
A 1 39  VAL 39  38  38  VAL VAL A . n 
A 1 40  SER 40  39  39  SER SER A . n 
A 1 41  GLU 41  40  40  GLU GLU A . n 
A 1 42  ILE 42  41  41  ILE ILE A . n 
A 1 43  VAL 43  42  42  VAL VAL A . n 
A 1 44  HIS 44  43  43  HIS HIS A . n 
A 1 45  GLU 45  44  44  GLU GLU A . n 
A 1 46  GLY 46  45  45  GLY GLY A . n 
A 1 47  LYS 47  46  46  LYS LYS A . n 
A 1 48  LYS 48  47  47  LYS LYS A . n 
A 1 49  VAL 49  48  48  VAL VAL A . n 
A 1 50  LYS 50  49  49  LYS LYS A . n 
A 1 51  LEU 51  50  50  LEU LEU A . n 
A 1 52  THR 52  51  51  THR THR A . n 
A 1 53  ILE 53  52  52  ILE ILE A . n 
A 1 54  THR 54  53  53  THR THR A . n 
A 1 55  TYR 55  54  54  TYR TYR A . n 
A 1 56  GLY 56  55  55  GLY GLY A . n 
A 1 57  SER 57  56  56  SER SER A . n 
A 1 58  LYS 58  57  57  LYS LYS A . n 
A 1 59  VAL 59  58  58  VAL VAL A . n 
A 1 60  ILE 60  59  59  ILE ILE A . n 
A 1 61  HIS 61  60  60  HIS HIS A . n 
A 1 62  ASN 62  61  61  ASN ASN A . n 
A 1 63  GLU 63  62  62  GLU GLU A . n 
A 1 64  PHE 64  63  63  PHE PHE A . n 
A 1 65  THR 65  64  64  THR THR A . n 
A 1 66  LEU 66  65  65  LEU LEU A . n 
A 1 67  GLY 67  66  66  GLY GLY A . n 
A 1 68  GLU 68  67  67  GLU GLU A . n 
A 1 69  GLU 69  68  68  GLU GLU A . n 
A 1 70  SMC 70  69  69  SMC CYM A . n 
A 1 71  GLU 71  70  70  GLU GLU A . n 
A 1 72  LEU 72  71  71  LEU LEU A . n 
A 1 73  GLU 73  72  72  GLU GLU A . n 
A 1 74  THR 74  73  73  THR THR A . n 
A 1 75  MET 75  74  74  MET MET A . n 
A 1 76  THR 76  75  75  THR THR A . n 
A 1 77  GLY 77  76  76  GLY GLY A . n 
A 1 78  GLU 78  77  77  GLU GLU A . n 
A 1 79  LYS 79  78  78  LYS LYS A . n 
A 1 80  VAL 80  79  79  VAL VAL A . n 
A 1 81  LYS 81  80  80  LYS LYS A . n 
A 1 82  ALA 82  81  81  ALA ALA A . n 
A 1 83  VAL 83  82  82  VAL VAL A . n 
A 1 84  VAL 84  83  83  VAL VAL A . n 
A 1 85  LYS 85  84  84  LYS LYS A . n 
A 1 86  MET 86  85  85  MET MET A . n 
A 1 87  GLU 87  86  86  GLU GLU A . n 
A 1 88  GLY 88  87  87  GLY GLY A . n 
A 1 89  ASP 89  88  88  ASP ASP A . n 
A 1 90  ASN 90  89  89  ASN ASN A . n 
A 1 91  LYS 91  90  90  LYS LYS A . n 
A 1 92  MET 92  91  91  MET MET A . n 
A 1 93  VAL 93  92  92  VAL VAL A . n 
A 1 94  THR 94  93  93  THR THR A . n 
A 1 95  THR 95  94  94  THR THR A . n 
A 1 96  PHE 96  95  95  PHE PHE A . n 
A 1 97  LYS 97  96  96  LYS LYS A . n 
A 1 98  GLY 98  97  97  GLY GLY A . n 
A 1 99  ILE 99  98  98  ILE ILE A . n 
A 1 100 LYS 100 99  99  LYS LYS A . n 
A 1 101 SER 101 100 100 SER SER A . n 
A 1 102 VAL 102 101 101 VAL VAL A . n 
A 1 103 THR 103 102 102 THR THR A . n 
A 1 104 GLU 104 103 103 GLU GLU A . n 
A 1 105 PHE 105 104 104 PHE PHE A . n 
A 1 106 ASN 106 105 105 ASN ASN A . n 
A 1 107 GLY 107 106 106 GLY GLY A . n 
A 1 108 ASP 108 107 107 ASP ASP A . n 
A 1 109 THR 109 108 108 THR THR A . n 
A 1 110 ILE 110 109 109 ILE ILE A . n 
A 1 111 THR 111 110 110 THR THR A . n 
A 1 112 ASN 112 111 111 ASN ASN A . n 
A 1 113 THR 113 112 112 THR THR A . n 
A 1 114 MET 114 113 113 MET MET A . n 
A 1 115 THR 115 114 114 THR THR A . n 
A 1 116 LEU 116 115 115 LEU LEU A . n 
A 1 117 GLY 117 116 116 GLY GLY A . n 
A 1 118 ASP 118 117 117 ASP ASP A . n 
A 1 119 ILE 119 118 118 ILE ILE A . n 
A 1 120 VAL 120 119 119 VAL VAL A . n 
A 1 121 TYR 121 120 120 TYR TYR A . n 
A 1 122 LYS 122 121 121 LYS LYS A . n 
A 1 123 ARG 123 122 122 ARG ARG A . n 
A 1 124 VAL 124 123 123 VAL VAL A . n 
A 1 125 SER 125 124 124 SER SER A . n 
A 1 126 LYS 126 125 125 LYS LYS A . n 
A 1 127 ARG 127 126 126 ARG ARG A . n 
A 1 128 ILE 128 127 127 ILE ILE A . n 
# 
loop_
_pdbx_nonpoly_scheme.asym_id 
_pdbx_nonpoly_scheme.entity_id 
_pdbx_nonpoly_scheme.mon_id 
_pdbx_nonpoly_scheme.ndb_seq_num 
_pdbx_nonpoly_scheme.pdb_seq_num 
_pdbx_nonpoly_scheme.auth_seq_num 
_pdbx_nonpoly_scheme.pdb_mon_id 
_pdbx_nonpoly_scheme.auth_mon_id 
_pdbx_nonpoly_scheme.pdb_strand_id 
_pdbx_nonpoly_scheme.pdb_ins_code 
B 2 OLA 1  128 128 OLA OLA A . 
C 2 OLA 1  129 129 OLA OLA A . 
D 3 BEO 1  130 130 BEO BEO A . 
E 4 UNX 1  131 131 UNX UNX A . 
F 5 HOH 1  132 132 HOH HOH A . 
F 5 HOH 2  133 133 HOH HOH A . 
F 5 HOH 3  134 134 HOH HOH A . 
F 5 HOH 4  135 135 HOH HOH A . 
F 5 HOH 5  136 136 HOH HOH A . 
F 5 HOH 6  137 137 HOH HOH A . 
F 5 HOH 7  138 138 HOH HOH A . 
F 5 HOH 8  139 139 HOH HOH A . 
F 5 HOH 9  140 140 HOH HOH A . 
F 5 HOH 10 141 141 HOH HOH A . 
F 5 HOH 11 142 142 HOH HOH A . 
F 5 HOH 12 143 143 HOH HOH A . 
F 5 HOH 13 144 144 HOH HOH A . 
F 5 HOH 14 145 145 HOH HOH A . 
F 5 HOH 15 146 146 HOH HOH A . 
F 5 HOH 16 147 147 HOH HOH A . 
F 5 HOH 17 148 148 HOH HOH A . 
F 5 HOH 18 149 149 HOH HOH A . 
F 5 HOH 19 150 150 HOH HOH A . 
F 5 HOH 20 151 151 HOH HOH A . 
F 5 HOH 21 152 152 HOH HOH A . 
F 5 HOH 22 153 153 HOH HOH A . 
F 5 HOH 23 154 154 HOH HOH A . 
F 5 HOH 24 155 155 HOH HOH A . 
F 5 HOH 25 156 156 HOH HOH A . 
F 5 HOH 26 157 157 HOH HOH A . 
F 5 HOH 27 158 158 HOH HOH A . 
F 5 HOH 28 159 159 HOH HOH A . 
F 5 HOH 29 160 160 HOH HOH A . 
F 5 HOH 30 161 161 HOH HOH A . 
F 5 HOH 31 162 162 HOH HOH A . 
F 5 HOH 32 163 163 HOH HOH A . 
F 5 HOH 33 164 164 HOH HOH A . 
F 5 HOH 34 165 165 HOH HOH A . 
F 5 HOH 35 166 166 HOH HOH A . 
F 5 HOH 36 167 167 HOH HOH A . 
F 5 HOH 37 168 168 HOH HOH A . 
F 5 HOH 38 169 169 HOH HOH A . 
F 5 HOH 39 170 170 HOH HOH A . 
F 5 HOH 40 171 171 HOH HOH A . 
F 5 HOH 41 172 172 HOH HOH A . 
F 5 HOH 42 173 173 HOH HOH A . 
F 5 HOH 43 174 174 HOH HOH A . 
F 5 HOH 44 175 175 HOH HOH A . 
F 5 HOH 45 176 176 HOH HOH A . 
F 5 HOH 46 177 177 HOH HOH A . 
F 5 HOH 47 178 178 HOH HOH A . 
F 5 HOH 48 179 179 HOH HOH A . 
F 5 HOH 49 180 180 HOH HOH A . 
F 5 HOH 50 181 181 HOH HOH A . 
F 5 HOH 51 182 182 HOH HOH A . 
F 5 HOH 52 183 183 HOH HOH A . 
F 5 HOH 53 184 184 HOH HOH A . 
F 5 HOH 54 185 185 HOH HOH A . 
F 5 HOH 55 186 186 HOH HOH A . 
F 5 HOH 56 187 187 HOH HOH A . 
F 5 HOH 57 188 188 HOH HOH A . 
F 5 HOH 58 189 189 HOH HOH A . 
F 5 HOH 59 190 190 HOH HOH A . 
F 5 HOH 60 191 191 HOH HOH A . 
F 5 HOH 61 192 192 HOH HOH A . 
# 
loop_
_software.name 
_software.classification 
_software.version 
_software.citation_id 
_software.pdbx_ordinal 
X-PLOR 'model building' . ? 1 
X-PLOR refinement       . ? 2 
XENGEN 'data reduction' . ? 3 
XENGEN 'data scaling'   . ? 4 
X-PLOR phasing          . ? 5 
# 
_cell.entry_id           1LFO 
_cell.length_a           83.890 
_cell.length_b           83.890 
_cell.length_c           44.650 
_cell.angle_alpha        90.00 
_cell.angle_beta         90.00 
_cell.angle_gamma        120.00 
_cell.Z_PDB              6 
_cell.pdbx_unique_axis   ? 
# 
_symmetry.entry_id                         1LFO 
_symmetry.space_group_name_H-M             'P 32 2 1' 
_symmetry.pdbx_full_space_group_name_H-M   ? 
_symmetry.cell_setting                     ? 
_symmetry.Int_Tables_number                154 
# 
_exptl.entry_id          1LFO 
_exptl.method            'X-RAY DIFFRACTION' 
_exptl.crystals_number   1 
# 
_exptl_crystal.id                    1 
_exptl_crystal.density_meas          ? 
_exptl_crystal.density_Matthews      2.6 
_exptl_crystal.density_percent_sol   55. 
_exptl_crystal.description           'DATA IN THE 2.3 - 2.1 ANGSTROM RANGE WAS NOT USED DUE TO ITS POOR QUALITY.' 
# 
_exptl_crystal_grow.crystal_id      1 
_exptl_crystal_grow.method          'VAPOR DIFFUSION, HANGING DROP' 
_exptl_crystal_grow.temp            ? 
_exptl_crystal_grow.temp_details    ? 
_exptl_crystal_grow.pH              5.6 
_exptl_crystal_grow.pdbx_pH_range   ? 
_exptl_crystal_grow.pdbx_details    
;HANGING DROP VAPOR DIFFUSION EXPERIMENT 1 ML WELL: 3 M AMMONIUM SULFATE, 200 MM LISO4, 100 MM CITRATE, AT A PH OF 5.6 STOCK: 13 MG/ML LFABP-OLEATE COMPLEX 10 MICROLITER DROP: 1:1 MIXTURE OF STOCK AND WELL, vapor diffusion - hanging drop
;
# 
_diffrn.id                     1 
_diffrn.ambient_temp           287 
_diffrn.ambient_temp_details   ? 
_diffrn.crystal_id             1 
# 
_diffrn_detector.diffrn_id              1 
_diffrn_detector.detector               'AREA DETECTOR' 
_diffrn_detector.type                   SIEMENS 
_diffrn_detector.pdbx_collection_date   1991-08-26 
_diffrn_detector.details                ? 
# 
_diffrn_radiation.diffrn_id                        1 
_diffrn_radiation.wavelength_id                    1 
_diffrn_radiation.pdbx_monochromatic_or_laue_m_l   M 
_diffrn_radiation.monochromator                    'GRAPHITE(002)' 
_diffrn_radiation.pdbx_diffrn_protocol             ? 
_diffrn_radiation.pdbx_scattering_type             x-ray 
# 
_diffrn_radiation_wavelength.id           1 
_diffrn_radiation_wavelength.wavelength   1.5418 
_diffrn_radiation_wavelength.wt           1.0 
# 
_diffrn_source.diffrn_id                   1 
_diffrn_source.source                      'ROTATING ANODE' 
_diffrn_source.type                        'RIGAKU RUH2R' 
_diffrn_source.pdbx_synchrotron_site       ? 
_diffrn_source.pdbx_synchrotron_beamline   ? 
_diffrn_source.pdbx_wavelength             1.5418 
_diffrn_source.pdbx_wavelength_list        ? 
# 
_reflns.entry_id                     1LFO 
_reflns.observed_criterion_sigma_I   0. 
_reflns.observed_criterion_sigma_F   ? 
_reflns.d_resolution_low             38.8 
_reflns.d_resolution_high            2.1 
_reflns.number_obs                   8640 
_reflns.number_all                   ? 
_reflns.percent_possible_obs         79.3 
_reflns.pdbx_Rmerge_I_obs            ? 
_reflns.pdbx_Rsym_value              0.1000000 
_reflns.pdbx_netI_over_sigmaI        10.7 
_reflns.B_iso_Wilson_estimate        36.8 
_reflns.pdbx_redundancy              5.3 
_reflns.pdbx_diffrn_id               1 
_reflns.pdbx_ordinal                 1 
# 
_reflns_shell.d_res_high             2.1 
_reflns_shell.d_res_low              2.3 
_reflns_shell.percent_possible_all   33.2 
_reflns_shell.Rmerge_I_obs           ? 
_reflns_shell.pdbx_Rsym_value        0.5350000 
_reflns_shell.meanI_over_sigI_obs    0.89 
_reflns_shell.pdbx_redundancy        ? 
_reflns_shell.pdbx_diffrn_id         ? 
_reflns_shell.pdbx_ordinal           1 
# 
_refine.entry_id                                 1LFO 
_refine.ls_number_reflns_obs                     7475 
_refine.ls_number_reflns_all                     ? 
_refine.pdbx_ls_sigma_I                          ? 
_refine.pdbx_ls_sigma_F                          1. 
_refine.pdbx_data_cutoff_high_absF               10000000.00 
_refine.pdbx_data_cutoff_low_absF                0.001 
_refine.pdbx_data_cutoff_high_rms_absF           ? 
_refine.ls_d_res_low                             8.0 
_refine.ls_d_res_high                            2.3 
_refine.ls_percent_reflns_obs                    92.6 
_refine.ls_R_factor_obs                          0.2020000 
_refine.ls_R_factor_all                          ? 
_refine.ls_R_factor_R_work                       0.2020000 
_refine.ls_R_factor_R_free                       0.2620000 
_refine.ls_R_factor_R_free_error                 0.013 
_refine.ls_R_factor_R_free_error_details         ? 
_refine.ls_percent_reflns_R_free                 5.3 
_refine.ls_number_reflns_R_free                  396 
_refine.ls_number_parameters                     ? 
_refine.ls_number_restraints                     ? 
_refine.occupancy_min                            ? 
_refine.occupancy_max                            ? 
_refine.B_iso_mean                               40.9 
_refine.aniso_B[1][1]                            ? 
_refine.aniso_B[2][2]                            ? 
_refine.aniso_B[3][3]                            ? 
_refine.aniso_B[1][2]                            ? 
_refine.aniso_B[1][3]                            ? 
_refine.aniso_B[2][3]                            ? 
_refine.solvent_model_details                    ? 
_refine.solvent_model_param_ksol                 ? 
_refine.solvent_model_param_bsol                 ? 
_refine.pdbx_ls_cross_valid_method               THROUGHOUT 
_refine.details                                  ? 
_refine.pdbx_starting_model                      
'SUPERIMPOSED POLYALANINE COMPOSITE STRUCTURE OF 1ADL, 1CBR, 1CRB, 1OPB, 1IFC, 1HMR' 
_refine.pdbx_method_to_determine_struct          'MOLECULAR REPLACEMENT' 
_refine.pdbx_isotropic_thermal_model             RESTRAINED 
_refine.pdbx_stereochemistry_target_values       ? 
_refine.pdbx_stereochem_target_val_spec_case     ? 
_refine.pdbx_R_Free_selection_details            RANDOM 
_refine.pdbx_overall_ESU_R                       ? 
_refine.pdbx_overall_ESU_R_Free                  ? 
_refine.overall_SU_ML                            ? 
_refine.overall_SU_B                             ? 
_refine.pdbx_refine_id                           'X-RAY DIFFRACTION' 
_refine.pdbx_diffrn_id                           1 
_refine.pdbx_TLS_residual_ADP_flag               ? 
_refine.correlation_coeff_Fo_to_Fc               ? 
_refine.correlation_coeff_Fo_to_Fc_free          ? 
_refine.pdbx_solvent_vdw_probe_radii             ? 
_refine.pdbx_solvent_ion_probe_radii             ? 
_refine.pdbx_solvent_shrinkage_radii             ? 
_refine.pdbx_overall_phase_error                 ? 
_refine.overall_SU_R_Cruickshank_DPI             ? 
_refine.pdbx_overall_SU_R_free_Cruickshank_DPI   ? 
_refine.pdbx_overall_SU_R_Blow_DPI               ? 
_refine.pdbx_overall_SU_R_free_Blow_DPI          ? 
# 
_refine_analyze.entry_id                        1LFO 
_refine_analyze.Luzzati_coordinate_error_obs    ? 
_refine_analyze.Luzzati_sigma_a_obs             ? 
_refine_analyze.Luzzati_d_res_low_obs           5.0 
_refine_analyze.Luzzati_coordinate_error_free   0.47 
_refine_analyze.Luzzati_sigma_a_free            ? 
_refine_analyze.Luzzati_d_res_low_free          ? 
_refine_analyze.number_disordered_residues      ? 
_refine_analyze.occupancy_sum_hydrogen          ? 
_refine_analyze.occupancy_sum_non_hydrogen      ? 
_refine_analyze.pdbx_refine_id                  'X-RAY DIFFRACTION' 
# 
_refine_hist.pdbx_refine_id                   'X-RAY DIFFRACTION' 
_refine_hist.cycle_id                         LAST 
_refine_hist.pdbx_number_atoms_protein        1004 
_refine_hist.pdbx_number_atoms_nucleic_acid   0 
_refine_hist.pdbx_number_atoms_ligand         46 
_refine_hist.number_atoms_solvent             62 
_refine_hist.number_atoms_total               1112 
_refine_hist.d_res_high                       2.3 
_refine_hist.d_res_low                        8.0 
# 
loop_
_refine_ls_restr.type 
_refine_ls_restr.dev_ideal 
_refine_ls_restr.dev_ideal_target 
_refine_ls_restr.weight 
_refine_ls_restr.number 
_refine_ls_restr.pdbx_refine_id 
_refine_ls_restr.pdbx_restraint_function 
x_bond_d                0.008 ?    ? ? 'X-RAY DIFFRACTION' ? 
x_bond_d_na             ?     ?    ? ? 'X-RAY DIFFRACTION' ? 
x_bond_d_prot           ?     ?    ? ? 'X-RAY DIFFRACTION' ? 
x_angle_d               ?     ?    ? ? 'X-RAY DIFFRACTION' ? 
x_angle_d_na            ?     ?    ? ? 'X-RAY DIFFRACTION' ? 
x_angle_d_prot          ?     ?    ? ? 'X-RAY DIFFRACTION' ? 
x_angle_deg             1.53  ?    ? ? 'X-RAY DIFFRACTION' ? 
x_angle_deg_na          ?     ?    ? ? 'X-RAY DIFFRACTION' ? 
x_angle_deg_prot        ?     ?    ? ? 'X-RAY DIFFRACTION' ? 
x_dihedral_angle_d      27.7  ?    ? ? 'X-RAY DIFFRACTION' ? 
x_dihedral_angle_d_na   ?     ?    ? ? 'X-RAY DIFFRACTION' ? 
x_dihedral_angle_d_prot ?     ?    ? ? 'X-RAY DIFFRACTION' ? 
x_improper_angle_d      1.11  ?    ? ? 'X-RAY DIFFRACTION' ? 
x_improper_angle_d_na   ?     ?    ? ? 'X-RAY DIFFRACTION' ? 
x_improper_angle_d_prot ?     ?    ? ? 'X-RAY DIFFRACTION' ? 
x_mcbond_it             1.38  1.5  ? ? 'X-RAY DIFFRACTION' ? 
x_mcangle_it            2.04  2.00 ? ? 'X-RAY DIFFRACTION' ? 
x_scbond_it             2.18  2.00 ? ? 'X-RAY DIFFRACTION' ? 
x_scangle_it            2.70  2.50 ? ? 'X-RAY DIFFRACTION' ? 
# 
_refine_ls_shell.pdbx_total_number_of_bins_used   30 
_refine_ls_shell.d_res_high                       2.30 
_refine_ls_shell.d_res_low                        2.33 
_refine_ls_shell.number_reflns_R_work             153 
_refine_ls_shell.R_factor_R_work                  0.4600000 
_refine_ls_shell.percent_reflns_obs               61.6 
_refine_ls_shell.R_factor_R_free                  0.4500000 
_refine_ls_shell.R_factor_R_free_error            0.131 
_refine_ls_shell.percent_reflns_R_free            3. 
_refine_ls_shell.number_reflns_R_free             12 
_refine_ls_shell.pdbx_refine_id                   'X-RAY DIFFRACTION' 
_refine_ls_shell.number_reflns_all                ? 
_refine_ls_shell.R_factor_all                     ? 
# 
loop_
_pdbx_xplor_file.serial_no 
_pdbx_xplor_file.param_file 
_pdbx_xplor_file.topol_file 
_pdbx_xplor_file.pdbx_refine_id 
1 PARAM19X.PRO TOPH19X.PRO 'X-RAY DIFFRACTION' 
2 OLEATE.PAR   OLEATE.TOP  'X-RAY DIFFRACTION' 
# 
_struct.entry_id                  1LFO 
_struct.title                     'LIVER FATTY ACID BINDING PROTEIN-OLEATE COMPLEX' 
_struct.pdbx_model_details        ? 
_struct.pdbx_CASP_flag            ? 
_struct.pdbx_model_type_details   ? 
# 
_struct_keywords.entry_id        1LFO 
_struct_keywords.pdbx_keywords   'INTRACELLULAR LIPID TRANSPORT PROTEIN' 
_struct_keywords.text            'INTRACELLULAR LIPID TRANSPORT PROTEIN, FATTY ACID BINDING PROTEIN' 
# 
loop_
_struct_asym.id 
_struct_asym.pdbx_blank_PDB_chainid_flag 
_struct_asym.pdbx_modified 
_struct_asym.entity_id 
_struct_asym.details 
A N N 1 ? 
B N N 2 ? 
C N N 2 ? 
D N N 3 ? 
E N N 4 ? 
F N N 5 ? 
# 
_struct_ref.id                         1 
_struct_ref.db_name                    UNP 
_struct_ref.db_code                    FABPL_RAT 
_struct_ref.pdbx_db_accession          P02692 
_struct_ref.entity_id                  1 
_struct_ref.pdbx_align_begin           1 
_struct_ref.pdbx_db_isoform            ? 
_struct_ref.pdbx_seq_one_letter_code   ? 
# 
_struct_ref_seq.align_id                      1 
_struct_ref_seq.ref_id                        1 
_struct_ref_seq.pdbx_PDB_id_code              1LFO 
_struct_ref_seq.pdbx_strand_id                A 
_struct_ref_seq.seq_align_beg                 2 
_struct_ref_seq.pdbx_seq_align_beg_ins_code   ? 
_struct_ref_seq.seq_align_end                 128 
_struct_ref_seq.pdbx_seq_align_end_ins_code   ? 
_struct_ref_seq.pdbx_db_accession             P02692 
_struct_ref_seq.db_align_beg                  1 
_struct_ref_seq.pdbx_db_align_beg_ins_code    ? 
_struct_ref_seq.db_align_end                  127 
_struct_ref_seq.pdbx_db_align_end_ins_code    ? 
_struct_ref_seq.pdbx_auth_seq_align_beg       1 
_struct_ref_seq.pdbx_auth_seq_align_end       127 
# 
_struct_ref_seq_dif.align_id                     1 
_struct_ref_seq_dif.pdbx_pdb_id_code             1LFO 
_struct_ref_seq_dif.mon_id                       SMC 
_struct_ref_seq_dif.pdbx_pdb_strand_id           A 
_struct_ref_seq_dif.seq_num                      70 
_struct_ref_seq_dif.pdbx_pdb_ins_code            ? 
_struct_ref_seq_dif.pdbx_seq_db_name             UNP 
_struct_ref_seq_dif.pdbx_seq_db_accession_code   P02692 
_struct_ref_seq_dif.db_mon_id                    CYS 
_struct_ref_seq_dif.pdbx_seq_db_seq_num          69 
_struct_ref_seq_dif.details                      'modified residue' 
_struct_ref_seq_dif.pdbx_auth_seq_num            69 
_struct_ref_seq_dif.pdbx_ordinal                 1 
# 
_pdbx_struct_assembly.id                   1 
_pdbx_struct_assembly.details              author_defined_assembly 
_pdbx_struct_assembly.method_details       ? 
_pdbx_struct_assembly.oligomeric_details   monomeric 
_pdbx_struct_assembly.oligomeric_count     1 
# 
_pdbx_struct_assembly_gen.assembly_id       1 
_pdbx_struct_assembly_gen.oper_expression   1 
_pdbx_struct_assembly_gen.asym_id_list      A,B,C,D,E,F 
# 
_pdbx_struct_oper_list.id                   1 
_pdbx_struct_oper_list.type                 'identity operation' 
_pdbx_struct_oper_list.name                 1_555 
_pdbx_struct_oper_list.symmetry_operation   x,y,z 
_pdbx_struct_oper_list.matrix[1][1]         1.0000000000 
_pdbx_struct_oper_list.matrix[1][2]         0.0000000000 
_pdbx_struct_oper_list.matrix[1][3]         0.0000000000 
_pdbx_struct_oper_list.vector[1]            0.0000000000 
_pdbx_struct_oper_list.matrix[2][1]         0.0000000000 
_pdbx_struct_oper_list.matrix[2][2]         1.0000000000 
_pdbx_struct_oper_list.matrix[2][3]         0.0000000000 
_pdbx_struct_oper_list.vector[2]            0.0000000000 
_pdbx_struct_oper_list.matrix[3][1]         0.0000000000 
_pdbx_struct_oper_list.matrix[3][2]         0.0000000000 
_pdbx_struct_oper_list.matrix[3][3]         1.0000000000 
_pdbx_struct_oper_list.vector[3]            0.0000000000 
# 
_struct_biol.id   1 
# 
loop_
_struct_conf.conf_type_id 
_struct_conf.id 
_struct_conf.pdbx_PDB_helix_id 
_struct_conf.beg_label_comp_id 
_struct_conf.beg_label_asym_id 
_struct_conf.beg_label_seq_id 
_struct_conf.pdbx_beg_PDB_ins_code 
_struct_conf.end_label_comp_id 
_struct_conf.end_label_asym_id 
_struct_conf.end_label_seq_id 
_struct_conf.pdbx_end_PDB_ins_code 
_struct_conf.beg_auth_comp_id 
_struct_conf.beg_auth_asym_id 
_struct_conf.beg_auth_seq_id 
_struct_conf.end_auth_comp_id 
_struct_conf.end_auth_asym_id 
_struct_conf.end_auth_seq_id 
_struct_conf.pdbx_PDB_helix_class 
_struct_conf.details 
_struct_conf.pdbx_PDB_helix_length 
HELX_P HELX_P1 1 PHE A 16 ? MET A 23 ? PHE A 15 MET A 22 1 ? 8 
HELX_P HELX_P2 2 GLU A 27 ? ASP A 35 ? GLU A 26 ASP A 34 1 ? 9 
# 
_struct_conf_type.id          HELX_P 
_struct_conf_type.criteria    ? 
_struct_conf_type.reference   ? 
# 
loop_
_struct_conn.id 
_struct_conn.conn_type_id 
_struct_conn.pdbx_leaving_atom_flag 
_struct_conn.pdbx_PDB_id 
_struct_conn.ptnr1_label_asym_id 
_struct_conn.ptnr1_label_comp_id 
_struct_conn.ptnr1_label_seq_id 
_struct_conn.ptnr1_label_atom_id 
_struct_conn.pdbx_ptnr1_label_alt_id 
_struct_conn.pdbx_ptnr1_PDB_ins_code 
_struct_conn.pdbx_ptnr1_standard_comp_id 
_struct_conn.ptnr1_symmetry 
_struct_conn.ptnr2_label_asym_id 
_struct_conn.ptnr2_label_comp_id 
_struct_conn.ptnr2_label_seq_id 
_struct_conn.ptnr2_label_atom_id 
_struct_conn.pdbx_ptnr2_label_alt_id 
_struct_conn.pdbx_ptnr2_PDB_ins_code 
_struct_conn.ptnr1_auth_asym_id 
_struct_conn.ptnr1_auth_comp_id 
_struct_conn.ptnr1_auth_seq_id 
_struct_conn.ptnr2_auth_asym_id 
_struct_conn.ptnr2_auth_comp_id 
_struct_conn.ptnr2_auth_seq_id 
_struct_conn.ptnr2_symmetry 
_struct_conn.pdbx_ptnr3_label_atom_id 
_struct_conn.pdbx_ptnr3_label_seq_id 
_struct_conn.pdbx_ptnr3_label_comp_id 
_struct_conn.pdbx_ptnr3_label_asym_id 
_struct_conn.pdbx_ptnr3_label_alt_id 
_struct_conn.pdbx_ptnr3_PDB_ins_code 
_struct_conn.details 
_struct_conn.pdbx_dist_value 
_struct_conn.pdbx_value_order 
_struct_conn.pdbx_role 
covale1 covale both ? A ACE 1  C ? ? ? 1_555 A MET 2  N ? ? A ACE 0  A MET 1  1_555 ? ? ? ? ? ? ? 1.330 ? ? 
covale2 covale both ? A GLU 69 C ? ? ? 1_555 A SMC 70 N ? ? A GLU 68 A SMC 69 1_555 ? ? ? ? ? ? ? 1.325 ? ? 
covale3 covale both ? A SMC 70 C ? ? ? 1_555 A GLU 71 N ? ? A SMC 69 A GLU 70 1_555 ? ? ? ? ? ? ? 1.325 ? ? 
# 
_struct_conn_type.id          covale 
_struct_conn_type.criteria    ? 
_struct_conn_type.reference   ? 
# 
loop_
_pdbx_modification_feature.ordinal 
_pdbx_modification_feature.label_comp_id 
_pdbx_modification_feature.label_asym_id 
_pdbx_modification_feature.label_seq_id 
_pdbx_modification_feature.label_alt_id 
_pdbx_modification_feature.modified_residue_label_comp_id 
_pdbx_modification_feature.modified_residue_label_asym_id 
_pdbx_modification_feature.modified_residue_label_seq_id 
_pdbx_modification_feature.modified_residue_label_alt_id 
_pdbx_modification_feature.auth_comp_id 
_pdbx_modification_feature.auth_asym_id 
_pdbx_modification_feature.auth_seq_id 
_pdbx_modification_feature.PDB_ins_code 
_pdbx_modification_feature.symmetry 
_pdbx_modification_feature.modified_residue_auth_comp_id 
_pdbx_modification_feature.modified_residue_auth_asym_id 
_pdbx_modification_feature.modified_residue_auth_seq_id 
_pdbx_modification_feature.modified_residue_PDB_ins_code 
_pdbx_modification_feature.modified_residue_symmetry 
_pdbx_modification_feature.comp_id_linking_atom 
_pdbx_modification_feature.modified_residue_id_linking_atom 
_pdbx_modification_feature.modified_residue_id 
_pdbx_modification_feature.ref_pcm_id 
_pdbx_modification_feature.ref_comp_id 
_pdbx_modification_feature.type 
_pdbx_modification_feature.category 
1 SMC A 70 ? .   . . . SMC A 69 ? 1_555 .   . . . .     . . CYS 1 SMC Methylation 'Named protein modification' 
2 ACE A 1  ? MET A 2 ? ACE A 0  ? 1_555 MET A 1 ? 1_555 . . MET 4 ACE None        'Terminal acetylation'       
# 
_struct_sheet.id               A 
_struct_sheet.type             ? 
_struct_sheet.number_strands   9 
_struct_sheet.details          ? 
# 
loop_
_struct_sheet_order.sheet_id 
_struct_sheet_order.range_id_1 
_struct_sheet_order.range_id_2 
_struct_sheet_order.offset 
_struct_sheet_order.sense 
A 1 2 ? anti-parallel 
A 2 3 ? anti-parallel 
A 3 4 ? anti-parallel 
A 4 5 ? anti-parallel 
A 5 6 ? anti-parallel 
A 6 7 ? anti-parallel 
A 7 8 ? anti-parallel 
A 8 9 ? anti-parallel 
# 
loop_
_struct_sheet_range.sheet_id 
_struct_sheet_range.id 
_struct_sheet_range.beg_label_comp_id 
_struct_sheet_range.beg_label_asym_id 
_struct_sheet_range.beg_label_seq_id 
_struct_sheet_range.pdbx_beg_PDB_ins_code 
_struct_sheet_range.end_label_comp_id 
_struct_sheet_range.end_label_asym_id 
_struct_sheet_range.end_label_seq_id 
_struct_sheet_range.pdbx_end_PDB_ins_code 
_struct_sheet_range.beg_auth_comp_id 
_struct_sheet_range.beg_auth_asym_id 
_struct_sheet_range.beg_auth_seq_id 
_struct_sheet_range.end_auth_comp_id 
_struct_sheet_range.end_auth_asym_id 
_struct_sheet_range.end_auth_seq_id 
A 1 LYS A 58  ? THR A 65  ? LYS A 57  THR A 64  
A 2 LYS A 48  ? TYR A 55  ? LYS A 47  TYR A 54  
A 3 VAL A 39  ? GLU A 45  ? VAL A 38  GLU A 44  
A 4 GLY A 6   ? GLU A 14  ? GLY A 5   GLU A 13  
A 5 ILE A 119 ? ILE A 128 ? ILE A 118 ILE A 127 
A 6 THR A 109 ? LEU A 116 ? THR A 108 LEU A 115 
A 7 ILE A 99  ? ASN A 106 ? ILE A 98  ASN A 105 
A 8 LYS A 91  ? PHE A 96  ? LYS A 90  PHE A 95  
A 9 LYS A 85  ? GLU A 87  ? LYS A 84  GLU A 86  
# 
loop_
_pdbx_struct_sheet_hbond.sheet_id 
_pdbx_struct_sheet_hbond.range_id_1 
_pdbx_struct_sheet_hbond.range_id_2 
_pdbx_struct_sheet_hbond.range_1_label_atom_id 
_pdbx_struct_sheet_hbond.range_1_label_comp_id 
_pdbx_struct_sheet_hbond.range_1_label_asym_id 
_pdbx_struct_sheet_hbond.range_1_label_seq_id 
_pdbx_struct_sheet_hbond.range_1_PDB_ins_code 
_pdbx_struct_sheet_hbond.range_1_auth_atom_id 
_pdbx_struct_sheet_hbond.range_1_auth_comp_id 
_pdbx_struct_sheet_hbond.range_1_auth_asym_id 
_pdbx_struct_sheet_hbond.range_1_auth_seq_id 
_pdbx_struct_sheet_hbond.range_2_label_atom_id 
_pdbx_struct_sheet_hbond.range_2_label_comp_id 
_pdbx_struct_sheet_hbond.range_2_label_asym_id 
_pdbx_struct_sheet_hbond.range_2_label_seq_id 
_pdbx_struct_sheet_hbond.range_2_PDB_ins_code 
_pdbx_struct_sheet_hbond.range_2_auth_atom_id 
_pdbx_struct_sheet_hbond.range_2_auth_comp_id 
_pdbx_struct_sheet_hbond.range_2_auth_asym_id 
_pdbx_struct_sheet_hbond.range_2_auth_seq_id 
A 1 2 O LYS A 58  ? O LYS A 57  N TYR A 55  ? N TYR A 54  
A 2 3 O LYS A 48  ? O LYS A 47  N GLU A 45  ? N GLU A 44  
A 3 4 O SER A 40  ? O SER A 39  N TYR A 8   ? N TYR A 7   
A 4 5 O LYS A 7   ? O LYS A 6   N ILE A 128 ? N ILE A 127 
A 5 6 O ILE A 119 ? O ILE A 118 N LEU A 116 ? N LEU A 115 
A 6 7 O THR A 109 ? O THR A 108 N ASN A 106 ? N ASN A 105 
A 7 8 O ILE A 99  ? O ILE A 98  N PHE A 96  ? N PHE A 95  
A 8 9 O LYS A 91  ? O LYS A 90  N GLU A 87  ? N GLU A 86  
# 
loop_
_struct_site.id 
_struct_site.pdbx_evidence_code 
_struct_site.pdbx_auth_asym_id 
_struct_site.pdbx_auth_comp_id 
_struct_site.pdbx_auth_seq_id 
_struct_site.pdbx_auth_ins_code 
_struct_site.pdbx_num_residues 
_struct_site.details 
AC1 Software A OLA 128 ? 9  'BINDING SITE FOR RESIDUE OLA A 128' 
AC2 Software A OLA 129 ? 10 'BINDING SITE FOR RESIDUE OLA A 129' 
AC3 Software A BEO 130 ? 4  'BINDING SITE FOR RESIDUE BEO A 130' 
AC4 Software A UNX 131 ? 2  'BINDING SITE FOR RESIDUE UNX A 131' 
# 
loop_
_struct_site_gen.id 
_struct_site_gen.site_id 
_struct_site_gen.pdbx_num_res 
_struct_site_gen.label_comp_id 
_struct_site_gen.label_asym_id 
_struct_site_gen.label_seq_id 
_struct_site_gen.pdbx_auth_ins_code 
_struct_site_gen.auth_comp_id 
_struct_site_gen.auth_asym_id 
_struct_site_gen.auth_seq_id 
_struct_site_gen.label_atom_id 
_struct_site_gen.label_alt_id 
_struct_site_gen.symmetry 
_struct_site_gen.details 
1  AC1 9  LYS A 32  ? LYS A 31  . ? 1_555 ? 
2  AC1 9  GLY A 33  ? GLY A 32  . ? 1_555 ? 
3  AC1 9  TYR A 55  ? TYR A 54  . ? 1_555 ? 
4  AC1 9  GLY A 56  ? GLY A 55  . ? 1_555 ? 
5  AC1 9  SER A 57  ? SER A 56  . ? 1_555 ? 
6  AC1 9  LYS A 58  ? LYS A 57  . ? 1_555 ? 
7  AC1 9  ASP A 89  ? ASP A 88  . ? 3_665 ? 
8  AC1 9  ARG A 123 ? ARG A 122 . ? 1_555 ? 
9  AC1 9  OLA C .   ? OLA A 129 . ? 1_555 ? 
10 AC2 10 SER A 40  ? SER A 39  . ? 1_555 ? 
11 AC2 10 PHE A 64  ? PHE A 63  . ? 1_555 ? 
12 AC2 10 GLU A 73  ? GLU A 72  . ? 1_555 ? 
13 AC2 10 MET A 75  ? MET A 74  . ? 1_555 ? 
14 AC2 10 THR A 103 ? THR A 102 . ? 1_555 ? 
15 AC2 10 ARG A 123 ? ARG A 122 . ? 1_555 ? 
16 AC2 10 OLA B .   ? OLA A 128 . ? 1_555 ? 
17 AC2 10 UNX E .   ? UNX A 131 . ? 1_555 ? 
18 AC2 10 HOH F .   ? HOH A 179 . ? 1_555 ? 
19 AC2 10 HOH F .   ? HOH A 181 . ? 1_555 ? 
20 AC3 4  ASN A 15  ? ASN A 14  . ? 1_555 ? 
21 AC3 4  PHE A 16  ? PHE A 15  . ? 1_555 ? 
22 AC3 4  GLU A 17  ? GLU A 16  . ? 1_555 ? 
23 AC3 4  PRO A 18  ? PRO A 17  . ? 1_555 ? 
24 AC4 2  ILE A 60  ? ILE A 59  . ? 1_555 ? 
25 AC4 2  OLA C .   ? OLA A 129 . ? 1_555 ? 
# 
_pdbx_entry_details.entry_id                   1LFO 
_pdbx_entry_details.compound_details           ? 
_pdbx_entry_details.source_details             ? 
_pdbx_entry_details.nonpolymer_details         ? 
_pdbx_entry_details.sequence_details           ? 
_pdbx_entry_details.has_ligand_of_interest     ? 
_pdbx_entry_details.has_protein_modification   Y 
# 
loop_
_pdbx_validate_torsion.id 
_pdbx_validate_torsion.PDB_model_num 
_pdbx_validate_torsion.auth_comp_id 
_pdbx_validate_torsion.auth_asym_id 
_pdbx_validate_torsion.auth_seq_id 
_pdbx_validate_torsion.PDB_ins_code 
_pdbx_validate_torsion.label_alt_id 
_pdbx_validate_torsion.phi 
_pdbx_validate_torsion.psi 
1 1 ASN A 2  ? ? 66.88  114.11 
2 1 GLU A 26 ? ? -24.52 -59.93 
# 
_pdbx_struct_mod_residue.id               1 
_pdbx_struct_mod_residue.label_asym_id    A 
_pdbx_struct_mod_residue.label_comp_id    SMC 
_pdbx_struct_mod_residue.label_seq_id     70 
_pdbx_struct_mod_residue.auth_asym_id     A 
_pdbx_struct_mod_residue.auth_comp_id     SMC 
_pdbx_struct_mod_residue.auth_seq_id      69 
_pdbx_struct_mod_residue.PDB_ins_code     ? 
_pdbx_struct_mod_residue.parent_comp_id   CYS 
_pdbx_struct_mod_residue.details          S-METHYLCYSTEINE 
# 
loop_
_chem_comp_atom.comp_id 
_chem_comp_atom.atom_id 
_chem_comp_atom.type_symbol 
_chem_comp_atom.pdbx_aromatic_flag 
_chem_comp_atom.pdbx_stereo_config 
_chem_comp_atom.pdbx_ordinal 
ACE C    C N N 1   
ACE O    O N N 2   
ACE CH3  C N N 3   
ACE H    H N N 4   
ACE H1   H N N 5   
ACE H2   H N N 6   
ACE H3   H N N 7   
ALA N    N N N 8   
ALA CA   C N S 9   
ALA C    C N N 10  
ALA O    O N N 11  
ALA CB   C N N 12  
ALA OXT  O N N 13  
ALA H    H N N 14  
ALA H2   H N N 15  
ALA HA   H N N 16  
ALA HB1  H N N 17  
ALA HB2  H N N 18  
ALA HB3  H N N 19  
ALA HXT  H N N 20  
ARG N    N N N 21  
ARG CA   C N S 22  
ARG C    C N N 23  
ARG O    O N N 24  
ARG CB   C N N 25  
ARG CG   C N N 26  
ARG CD   C N N 27  
ARG NE   N N N 28  
ARG CZ   C N N 29  
ARG NH1  N N N 30  
ARG NH2  N N N 31  
ARG OXT  O N N 32  
ARG H    H N N 33  
ARG H2   H N N 34  
ARG HA   H N N 35  
ARG HB2  H N N 36  
ARG HB3  H N N 37  
ARG HG2  H N N 38  
ARG HG3  H N N 39  
ARG HD2  H N N 40  
ARG HD3  H N N 41  
ARG HE   H N N 42  
ARG HH11 H N N 43  
ARG HH12 H N N 44  
ARG HH21 H N N 45  
ARG HH22 H N N 46  
ARG HXT  H N N 47  
ASN N    N N N 48  
ASN CA   C N S 49  
ASN C    C N N 50  
ASN O    O N N 51  
ASN CB   C N N 52  
ASN CG   C N N 53  
ASN OD1  O N N 54  
ASN ND2  N N N 55  
ASN OXT  O N N 56  
ASN H    H N N 57  
ASN H2   H N N 58  
ASN HA   H N N 59  
ASN HB2  H N N 60  
ASN HB3  H N N 61  
ASN HD21 H N N 62  
ASN HD22 H N N 63  
ASN HXT  H N N 64  
ASP N    N N N 65  
ASP CA   C N S 66  
ASP C    C N N 67  
ASP O    O N N 68  
ASP CB   C N N 69  
ASP CG   C N N 70  
ASP OD1  O N N 71  
ASP OD2  O N N 72  
ASP OXT  O N N 73  
ASP H    H N N 74  
ASP H2   H N N 75  
ASP HA   H N N 76  
ASP HB2  H N N 77  
ASP HB3  H N N 78  
ASP HD2  H N N 79  
ASP HXT  H N N 80  
BEO C1   C N N 81  
BEO O1   O N N 82  
BEO O2   O N N 83  
BEO C2   C N N 84  
BEO C3   C N N 85  
BEO C4   C N N 86  
BEO HO2  H N N 87  
BEO H2   H N N 88  
BEO H3   H N N 89  
BEO H41  H N N 90  
BEO H42  H N N 91  
BEO H43  H N N 92  
CYS N    N N N 93  
CYS CA   C N R 94  
CYS C    C N N 95  
CYS O    O N N 96  
CYS CB   C N N 97  
CYS SG   S N N 98  
CYS OXT  O N N 99  
CYS H    H N N 100 
CYS H2   H N N 101 
CYS HA   H N N 102 
CYS HB2  H N N 103 
CYS HB3  H N N 104 
CYS HG   H N N 105 
CYS HXT  H N N 106 
GLN N    N N N 107 
GLN CA   C N S 108 
GLN C    C N N 109 
GLN O    O N N 110 
GLN CB   C N N 111 
GLN CG   C N N 112 
GLN CD   C N N 113 
GLN OE1  O N N 114 
GLN NE2  N N N 115 
GLN OXT  O N N 116 
GLN H    H N N 117 
GLN H2   H N N 118 
GLN HA   H N N 119 
GLN HB2  H N N 120 
GLN HB3  H N N 121 
GLN HG2  H N N 122 
GLN HG3  H N N 123 
GLN HE21 H N N 124 
GLN HE22 H N N 125 
GLN HXT  H N N 126 
GLU N    N N N 127 
GLU CA   C N S 128 
GLU C    C N N 129 
GLU O    O N N 130 
GLU CB   C N N 131 
GLU CG   C N N 132 
GLU CD   C N N 133 
GLU OE1  O N N 134 
GLU OE2  O N N 135 
GLU OXT  O N N 136 
GLU H    H N N 137 
GLU H2   H N N 138 
GLU HA   H N N 139 
GLU HB2  H N N 140 
GLU HB3  H N N 141 
GLU HG2  H N N 142 
GLU HG3  H N N 143 
GLU HE2  H N N 144 
GLU HXT  H N N 145 
GLY N    N N N 146 
GLY CA   C N N 147 
GLY C    C N N 148 
GLY O    O N N 149 
GLY OXT  O N N 150 
GLY H    H N N 151 
GLY H2   H N N 152 
GLY HA2  H N N 153 
GLY HA3  H N N 154 
GLY HXT  H N N 155 
HIS N    N N N 156 
HIS CA   C N S 157 
HIS C    C N N 158 
HIS O    O N N 159 
HIS CB   C N N 160 
HIS CG   C Y N 161 
HIS ND1  N Y N 162 
HIS CD2  C Y N 163 
HIS CE1  C Y N 164 
HIS NE2  N Y N 165 
HIS OXT  O N N 166 
HIS H    H N N 167 
HIS H2   H N N 168 
HIS HA   H N N 169 
HIS HB2  H N N 170 
HIS HB3  H N N 171 
HIS HD1  H N N 172 
HIS HD2  H N N 173 
HIS HE1  H N N 174 
HIS HE2  H N N 175 
HIS HXT  H N N 176 
HOH O    O N N 177 
HOH H1   H N N 178 
HOH H2   H N N 179 
ILE N    N N N 180 
ILE CA   C N S 181 
ILE C    C N N 182 
ILE O    O N N 183 
ILE CB   C N S 184 
ILE CG1  C N N 185 
ILE CG2  C N N 186 
ILE CD1  C N N 187 
ILE OXT  O N N 188 
ILE H    H N N 189 
ILE H2   H N N 190 
ILE HA   H N N 191 
ILE HB   H N N 192 
ILE HG12 H N N 193 
ILE HG13 H N N 194 
ILE HG21 H N N 195 
ILE HG22 H N N 196 
ILE HG23 H N N 197 
ILE HD11 H N N 198 
ILE HD12 H N N 199 
ILE HD13 H N N 200 
ILE HXT  H N N 201 
LEU N    N N N 202 
LEU CA   C N S 203 
LEU C    C N N 204 
LEU O    O N N 205 
LEU CB   C N N 206 
LEU CG   C N N 207 
LEU CD1  C N N 208 
LEU CD2  C N N 209 
LEU OXT  O N N 210 
LEU H    H N N 211 
LEU H2   H N N 212 
LEU HA   H N N 213 
LEU HB2  H N N 214 
LEU HB3  H N N 215 
LEU HG   H N N 216 
LEU HD11 H N N 217 
LEU HD12 H N N 218 
LEU HD13 H N N 219 
LEU HD21 H N N 220 
LEU HD22 H N N 221 
LEU HD23 H N N 222 
LEU HXT  H N N 223 
LYS N    N N N 224 
LYS CA   C N S 225 
LYS C    C N N 226 
LYS O    O N N 227 
LYS CB   C N N 228 
LYS CG   C N N 229 
LYS CD   C N N 230 
LYS CE   C N N 231 
LYS NZ   N N N 232 
LYS OXT  O N N 233 
LYS H    H N N 234 
LYS H2   H N N 235 
LYS HA   H N N 236 
LYS HB2  H N N 237 
LYS HB3  H N N 238 
LYS HG2  H N N 239 
LYS HG3  H N N 240 
LYS HD2  H N N 241 
LYS HD3  H N N 242 
LYS HE2  H N N 243 
LYS HE3  H N N 244 
LYS HZ1  H N N 245 
LYS HZ2  H N N 246 
LYS HZ3  H N N 247 
LYS HXT  H N N 248 
MET N    N N N 249 
MET CA   C N S 250 
MET C    C N N 251 
MET O    O N N 252 
MET CB   C N N 253 
MET CG   C N N 254 
MET SD   S N N 255 
MET CE   C N N 256 
MET OXT  O N N 257 
MET H    H N N 258 
MET H2   H N N 259 
MET HA   H N N 260 
MET HB2  H N N 261 
MET HB3  H N N 262 
MET HG2  H N N 263 
MET HG3  H N N 264 
MET HE1  H N N 265 
MET HE2  H N N 266 
MET HE3  H N N 267 
MET HXT  H N N 268 
OLA C1   C N N 269 
OLA O1   O N N 270 
OLA O2   O N N 271 
OLA C2   C N N 272 
OLA C3   C N N 273 
OLA C4   C N N 274 
OLA C5   C N N 275 
OLA C6   C N N 276 
OLA C7   C N N 277 
OLA C8   C N N 278 
OLA C9   C N N 279 
OLA C10  C N N 280 
OLA C11  C N N 281 
OLA C12  C N N 282 
OLA C13  C N N 283 
OLA C14  C N N 284 
OLA C15  C N N 285 
OLA C16  C N N 286 
OLA C17  C N N 287 
OLA C18  C N N 288 
OLA HO2  H N N 289 
OLA H21  H N N 290 
OLA H22  H N N 291 
OLA H31  H N N 292 
OLA H32  H N N 293 
OLA H41  H N N 294 
OLA H42  H N N 295 
OLA H51  H N N 296 
OLA H52  H N N 297 
OLA H61  H N N 298 
OLA H62  H N N 299 
OLA H71  H N N 300 
OLA H72  H N N 301 
OLA H81  H N N 302 
OLA H82  H N N 303 
OLA H9   H N N 304 
OLA H10  H N N 305 
OLA H111 H N N 306 
OLA H112 H N N 307 
OLA H121 H N N 308 
OLA H122 H N N 309 
OLA H131 H N N 310 
OLA H132 H N N 311 
OLA H141 H N N 312 
OLA H142 H N N 313 
OLA H151 H N N 314 
OLA H152 H N N 315 
OLA H161 H N N 316 
OLA H162 H N N 317 
OLA H171 H N N 318 
OLA H172 H N N 319 
OLA H181 H N N 320 
OLA H182 H N N 321 
OLA H183 H N N 322 
PHE N    N N N 323 
PHE CA   C N S 324 
PHE C    C N N 325 
PHE O    O N N 326 
PHE CB   C N N 327 
PHE CG   C Y N 328 
PHE CD1  C Y N 329 
PHE CD2  C Y N 330 
PHE CE1  C Y N 331 
PHE CE2  C Y N 332 
PHE CZ   C Y N 333 
PHE OXT  O N N 334 
PHE H    H N N 335 
PHE H2   H N N 336 
PHE HA   H N N 337 
PHE HB2  H N N 338 
PHE HB3  H N N 339 
PHE HD1  H N N 340 
PHE HD2  H N N 341 
PHE HE1  H N N 342 
PHE HE2  H N N 343 
PHE HZ   H N N 344 
PHE HXT  H N N 345 
PRO N    N N N 346 
PRO CA   C N S 347 
PRO C    C N N 348 
PRO O    O N N 349 
PRO CB   C N N 350 
PRO CG   C N N 351 
PRO CD   C N N 352 
PRO OXT  O N N 353 
PRO H    H N N 354 
PRO HA   H N N 355 
PRO HB2  H N N 356 
PRO HB3  H N N 357 
PRO HG2  H N N 358 
PRO HG3  H N N 359 
PRO HD2  H N N 360 
PRO HD3  H N N 361 
PRO HXT  H N N 362 
SER N    N N N 363 
SER CA   C N S 364 
SER C    C N N 365 
SER O    O N N 366 
SER CB   C N N 367 
SER OG   O N N 368 
SER OXT  O N N 369 
SER H    H N N 370 
SER H2   H N N 371 
SER HA   H N N 372 
SER HB2  H N N 373 
SER HB3  H N N 374 
SER HG   H N N 375 
SER HXT  H N N 376 
SMC N    N N N 377 
SMC CA   C N R 378 
SMC CB   C N N 379 
SMC SG   S N N 380 
SMC CS   C N N 381 
SMC C    C N N 382 
SMC O    O N N 383 
SMC OXT  O N N 384 
SMC H    H N N 385 
SMC H2   H N N 386 
SMC HA   H N N 387 
SMC HB2  H N N 388 
SMC HB3  H N N 389 
SMC HCS1 H N N 390 
SMC HCS2 H N N 391 
SMC HCS3 H N N 392 
SMC HXT  H N N 393 
THR N    N N N 394 
THR CA   C N S 395 
THR C    C N N 396 
THR O    O N N 397 
THR CB   C N R 398 
THR OG1  O N N 399 
THR CG2  C N N 400 
THR OXT  O N N 401 
THR H    H N N 402 
THR H2   H N N 403 
THR HA   H N N 404 
THR HB   H N N 405 
THR HG1  H N N 406 
THR HG21 H N N 407 
THR HG22 H N N 408 
THR HG23 H N N 409 
THR HXT  H N N 410 
TYR N    N N N 411 
TYR CA   C N S 412 
TYR C    C N N 413 
TYR O    O N N 414 
TYR CB   C N N 415 
TYR CG   C Y N 416 
TYR CD1  C Y N 417 
TYR CD2  C Y N 418 
TYR CE1  C Y N 419 
TYR CE2  C Y N 420 
TYR CZ   C Y N 421 
TYR OH   O N N 422 
TYR OXT  O N N 423 
TYR H    H N N 424 
TYR H2   H N N 425 
TYR HA   H N N 426 
TYR HB2  H N N 427 
TYR HB3  H N N 428 
TYR HD1  H N N 429 
TYR HD2  H N N 430 
TYR HE1  H N N 431 
TYR HE2  H N N 432 
TYR HH   H N N 433 
TYR HXT  H N N 434 
VAL N    N N N 435 
VAL CA   C N S 436 
VAL C    C N N 437 
VAL O    O N N 438 
VAL CB   C N N 439 
VAL CG1  C N N 440 
VAL CG2  C N N 441 
VAL OXT  O N N 442 
VAL H    H N N 443 
VAL H2   H N N 444 
VAL HA   H N N 445 
VAL HB   H N N 446 
VAL HG11 H N N 447 
VAL HG12 H N N 448 
VAL HG13 H N N 449 
VAL HG21 H N N 450 
VAL HG22 H N N 451 
VAL HG23 H N N 452 
VAL HXT  H N N 453 
# 
loop_
_chem_comp_bond.comp_id 
_chem_comp_bond.atom_id_1 
_chem_comp_bond.atom_id_2 
_chem_comp_bond.value_order 
_chem_comp_bond.pdbx_aromatic_flag 
_chem_comp_bond.pdbx_stereo_config 
_chem_comp_bond.pdbx_ordinal 
ACE C   O    doub N N 1   
ACE C   CH3  sing N N 2   
ACE C   H    sing N N 3   
ACE CH3 H1   sing N N 4   
ACE CH3 H2   sing N N 5   
ACE CH3 H3   sing N N 6   
ALA N   CA   sing N N 7   
ALA N   H    sing N N 8   
ALA N   H2   sing N N 9   
ALA CA  C    sing N N 10  
ALA CA  CB   sing N N 11  
ALA CA  HA   sing N N 12  
ALA C   O    doub N N 13  
ALA C   OXT  sing N N 14  
ALA CB  HB1  sing N N 15  
ALA CB  HB2  sing N N 16  
ALA CB  HB3  sing N N 17  
ALA OXT HXT  sing N N 18  
ARG N   CA   sing N N 19  
ARG N   H    sing N N 20  
ARG N   H2   sing N N 21  
ARG CA  C    sing N N 22  
ARG CA  CB   sing N N 23  
ARG CA  HA   sing N N 24  
ARG C   O    doub N N 25  
ARG C   OXT  sing N N 26  
ARG CB  CG   sing N N 27  
ARG CB  HB2  sing N N 28  
ARG CB  HB3  sing N N 29  
ARG CG  CD   sing N N 30  
ARG CG  HG2  sing N N 31  
ARG CG  HG3  sing N N 32  
ARG CD  NE   sing N N 33  
ARG CD  HD2  sing N N 34  
ARG CD  HD3  sing N N 35  
ARG NE  CZ   sing N N 36  
ARG NE  HE   sing N N 37  
ARG CZ  NH1  sing N N 38  
ARG CZ  NH2  doub N N 39  
ARG NH1 HH11 sing N N 40  
ARG NH1 HH12 sing N N 41  
ARG NH2 HH21 sing N N 42  
ARG NH2 HH22 sing N N 43  
ARG OXT HXT  sing N N 44  
ASN N   CA   sing N N 45  
ASN N   H    sing N N 46  
ASN N   H2   sing N N 47  
ASN CA  C    sing N N 48  
ASN CA  CB   sing N N 49  
ASN CA  HA   sing N N 50  
ASN C   O    doub N N 51  
ASN C   OXT  sing N N 52  
ASN CB  CG   sing N N 53  
ASN CB  HB2  sing N N 54  
ASN CB  HB3  sing N N 55  
ASN CG  OD1  doub N N 56  
ASN CG  ND2  sing N N 57  
ASN ND2 HD21 sing N N 58  
ASN ND2 HD22 sing N N 59  
ASN OXT HXT  sing N N 60  
ASP N   CA   sing N N 61  
ASP N   H    sing N N 62  
ASP N   H2   sing N N 63  
ASP CA  C    sing N N 64  
ASP CA  CB   sing N N 65  
ASP CA  HA   sing N N 66  
ASP C   O    doub N N 67  
ASP C   OXT  sing N N 68  
ASP CB  CG   sing N N 69  
ASP CB  HB2  sing N N 70  
ASP CB  HB3  sing N N 71  
ASP CG  OD1  doub N N 72  
ASP CG  OD2  sing N N 73  
ASP OD2 HD2  sing N N 74  
ASP OXT HXT  sing N N 75  
BEO C1  O1   doub N N 76  
BEO C1  O2   sing N N 77  
BEO C1  C2   sing N N 78  
BEO O2  HO2  sing N N 79  
BEO C2  C3   doub N E 80  
BEO C2  H2   sing N N 81  
BEO C3  C4   sing N N 82  
BEO C3  H3   sing N N 83  
BEO C4  H41  sing N N 84  
BEO C4  H42  sing N N 85  
BEO C4  H43  sing N N 86  
CYS N   CA   sing N N 87  
CYS N   H    sing N N 88  
CYS N   H2   sing N N 89  
CYS CA  C    sing N N 90  
CYS CA  CB   sing N N 91  
CYS CA  HA   sing N N 92  
CYS C   O    doub N N 93  
CYS C   OXT  sing N N 94  
CYS CB  SG   sing N N 95  
CYS CB  HB2  sing N N 96  
CYS CB  HB3  sing N N 97  
CYS SG  HG   sing N N 98  
CYS OXT HXT  sing N N 99  
GLN N   CA   sing N N 100 
GLN N   H    sing N N 101 
GLN N   H2   sing N N 102 
GLN CA  C    sing N N 103 
GLN CA  CB   sing N N 104 
GLN CA  HA   sing N N 105 
GLN C   O    doub N N 106 
GLN C   OXT  sing N N 107 
GLN CB  CG   sing N N 108 
GLN CB  HB2  sing N N 109 
GLN CB  HB3  sing N N 110 
GLN CG  CD   sing N N 111 
GLN CG  HG2  sing N N 112 
GLN CG  HG3  sing N N 113 
GLN CD  OE1  doub N N 114 
GLN CD  NE2  sing N N 115 
GLN NE2 HE21 sing N N 116 
GLN NE2 HE22 sing N N 117 
GLN OXT HXT  sing N N 118 
GLU N   CA   sing N N 119 
GLU N   H    sing N N 120 
GLU N   H2   sing N N 121 
GLU CA  C    sing N N 122 
GLU CA  CB   sing N N 123 
GLU CA  HA   sing N N 124 
GLU C   O    doub N N 125 
GLU C   OXT  sing N N 126 
GLU CB  CG   sing N N 127 
GLU CB  HB2  sing N N 128 
GLU CB  HB3  sing N N 129 
GLU CG  CD   sing N N 130 
GLU CG  HG2  sing N N 131 
GLU CG  HG3  sing N N 132 
GLU CD  OE1  doub N N 133 
GLU CD  OE2  sing N N 134 
GLU OE2 HE2  sing N N 135 
GLU OXT HXT  sing N N 136 
GLY N   CA   sing N N 137 
GLY N   H    sing N N 138 
GLY N   H2   sing N N 139 
GLY CA  C    sing N N 140 
GLY CA  HA2  sing N N 141 
GLY CA  HA3  sing N N 142 
GLY C   O    doub N N 143 
GLY C   OXT  sing N N 144 
GLY OXT HXT  sing N N 145 
HIS N   CA   sing N N 146 
HIS N   H    sing N N 147 
HIS N   H2   sing N N 148 
HIS CA  C    sing N N 149 
HIS CA  CB   sing N N 150 
HIS CA  HA   sing N N 151 
HIS C   O    doub N N 152 
HIS C   OXT  sing N N 153 
HIS CB  CG   sing N N 154 
HIS CB  HB2  sing N N 155 
HIS CB  HB3  sing N N 156 
HIS CG  ND1  sing Y N 157 
HIS CG  CD2  doub Y N 158 
HIS ND1 CE1  doub Y N 159 
HIS ND1 HD1  sing N N 160 
HIS CD2 NE2  sing Y N 161 
HIS CD2 HD2  sing N N 162 
HIS CE1 NE2  sing Y N 163 
HIS CE1 HE1  sing N N 164 
HIS NE2 HE2  sing N N 165 
HIS OXT HXT  sing N N 166 
HOH O   H1   sing N N 167 
HOH O   H2   sing N N 168 
ILE N   CA   sing N N 169 
ILE N   H    sing N N 170 
ILE N   H2   sing N N 171 
ILE CA  C    sing N N 172 
ILE CA  CB   sing N N 173 
ILE CA  HA   sing N N 174 
ILE C   O    doub N N 175 
ILE C   OXT  sing N N 176 
ILE CB  CG1  sing N N 177 
ILE CB  CG2  sing N N 178 
ILE CB  HB   sing N N 179 
ILE CG1 CD1  sing N N 180 
ILE CG1 HG12 sing N N 181 
ILE CG1 HG13 sing N N 182 
ILE CG2 HG21 sing N N 183 
ILE CG2 HG22 sing N N 184 
ILE CG2 HG23 sing N N 185 
ILE CD1 HD11 sing N N 186 
ILE CD1 HD12 sing N N 187 
ILE CD1 HD13 sing N N 188 
ILE OXT HXT  sing N N 189 
LEU N   CA   sing N N 190 
LEU N   H    sing N N 191 
LEU N   H2   sing N N 192 
LEU CA  C    sing N N 193 
LEU CA  CB   sing N N 194 
LEU CA  HA   sing N N 195 
LEU C   O    doub N N 196 
LEU C   OXT  sing N N 197 
LEU CB  CG   sing N N 198 
LEU CB  HB2  sing N N 199 
LEU CB  HB3  sing N N 200 
LEU CG  CD1  sing N N 201 
LEU CG  CD2  sing N N 202 
LEU CG  HG   sing N N 203 
LEU CD1 HD11 sing N N 204 
LEU CD1 HD12 sing N N 205 
LEU CD1 HD13 sing N N 206 
LEU CD2 HD21 sing N N 207 
LEU CD2 HD22 sing N N 208 
LEU CD2 HD23 sing N N 209 
LEU OXT HXT  sing N N 210 
LYS N   CA   sing N N 211 
LYS N   H    sing N N 212 
LYS N   H2   sing N N 213 
LYS CA  C    sing N N 214 
LYS CA  CB   sing N N 215 
LYS CA  HA   sing N N 216 
LYS C   O    doub N N 217 
LYS C   OXT  sing N N 218 
LYS CB  CG   sing N N 219 
LYS CB  HB2  sing N N 220 
LYS CB  HB3  sing N N 221 
LYS CG  CD   sing N N 222 
LYS CG  HG2  sing N N 223 
LYS CG  HG3  sing N N 224 
LYS CD  CE   sing N N 225 
LYS CD  HD2  sing N N 226 
LYS CD  HD3  sing N N 227 
LYS CE  NZ   sing N N 228 
LYS CE  HE2  sing N N 229 
LYS CE  HE3  sing N N 230 
LYS NZ  HZ1  sing N N 231 
LYS NZ  HZ2  sing N N 232 
LYS NZ  HZ3  sing N N 233 
LYS OXT HXT  sing N N 234 
MET N   CA   sing N N 235 
MET N   H    sing N N 236 
MET N   H2   sing N N 237 
MET CA  C    sing N N 238 
MET CA  CB   sing N N 239 
MET CA  HA   sing N N 240 
MET C   O    doub N N 241 
MET C   OXT  sing N N 242 
MET CB  CG   sing N N 243 
MET CB  HB2  sing N N 244 
MET CB  HB3  sing N N 245 
MET CG  SD   sing N N 246 
MET CG  HG2  sing N N 247 
MET CG  HG3  sing N N 248 
MET SD  CE   sing N N 249 
MET CE  HE1  sing N N 250 
MET CE  HE2  sing N N 251 
MET CE  HE3  sing N N 252 
MET OXT HXT  sing N N 253 
OLA C1  O1   doub N N 254 
OLA C1  O2   sing N N 255 
OLA C1  C2   sing N N 256 
OLA O2  HO2  sing N N 257 
OLA C2  C3   sing N N 258 
OLA C2  H21  sing N N 259 
OLA C2  H22  sing N N 260 
OLA C3  C4   sing N N 261 
OLA C3  H31  sing N N 262 
OLA C3  H32  sing N N 263 
OLA C4  C5   sing N N 264 
OLA C4  H41  sing N N 265 
OLA C4  H42  sing N N 266 
OLA C5  C6   sing N N 267 
OLA C5  H51  sing N N 268 
OLA C5  H52  sing N N 269 
OLA C6  C7   sing N N 270 
OLA C6  H61  sing N N 271 
OLA C6  H62  sing N N 272 
OLA C7  C8   sing N N 273 
OLA C7  H71  sing N N 274 
OLA C7  H72  sing N N 275 
OLA C8  C9   sing N N 276 
OLA C8  H81  sing N N 277 
OLA C8  H82  sing N N 278 
OLA C9  C10  doub N Z 279 
OLA C9  H9   sing N N 280 
OLA C10 C11  sing N N 281 
OLA C10 H10  sing N N 282 
OLA C11 C12  sing N N 283 
OLA C11 H111 sing N N 284 
OLA C11 H112 sing N N 285 
OLA C12 C13  sing N N 286 
OLA C12 H121 sing N N 287 
OLA C12 H122 sing N N 288 
OLA C13 C14  sing N N 289 
OLA C13 H131 sing N N 290 
OLA C13 H132 sing N N 291 
OLA C14 C15  sing N N 292 
OLA C14 H141 sing N N 293 
OLA C14 H142 sing N N 294 
OLA C15 C16  sing N N 295 
OLA C15 H151 sing N N 296 
OLA C15 H152 sing N N 297 
OLA C16 C17  sing N N 298 
OLA C16 H161 sing N N 299 
OLA C16 H162 sing N N 300 
OLA C17 C18  sing N N 301 
OLA C17 H171 sing N N 302 
OLA C17 H172 sing N N 303 
OLA C18 H181 sing N N 304 
OLA C18 H182 sing N N 305 
OLA C18 H183 sing N N 306 
PHE N   CA   sing N N 307 
PHE N   H    sing N N 308 
PHE N   H2   sing N N 309 
PHE CA  C    sing N N 310 
PHE CA  CB   sing N N 311 
PHE CA  HA   sing N N 312 
PHE C   O    doub N N 313 
PHE C   OXT  sing N N 314 
PHE CB  CG   sing N N 315 
PHE CB  HB2  sing N N 316 
PHE CB  HB3  sing N N 317 
PHE CG  CD1  doub Y N 318 
PHE CG  CD2  sing Y N 319 
PHE CD1 CE1  sing Y N 320 
PHE CD1 HD1  sing N N 321 
PHE CD2 CE2  doub Y N 322 
PHE CD2 HD2  sing N N 323 
PHE CE1 CZ   doub Y N 324 
PHE CE1 HE1  sing N N 325 
PHE CE2 CZ   sing Y N 326 
PHE CE2 HE2  sing N N 327 
PHE CZ  HZ   sing N N 328 
PHE OXT HXT  sing N N 329 
PRO N   CA   sing N N 330 
PRO N   CD   sing N N 331 
PRO N   H    sing N N 332 
PRO CA  C    sing N N 333 
PRO CA  CB   sing N N 334 
PRO CA  HA   sing N N 335 
PRO C   O    doub N N 336 
PRO C   OXT  sing N N 337 
PRO CB  CG   sing N N 338 
PRO CB  HB2  sing N N 339 
PRO CB  HB3  sing N N 340 
PRO CG  CD   sing N N 341 
PRO CG  HG2  sing N N 342 
PRO CG  HG3  sing N N 343 
PRO CD  HD2  sing N N 344 
PRO CD  HD3  sing N N 345 
PRO OXT HXT  sing N N 346 
SER N   CA   sing N N 347 
SER N   H    sing N N 348 
SER N   H2   sing N N 349 
SER CA  C    sing N N 350 
SER CA  CB   sing N N 351 
SER CA  HA   sing N N 352 
SER C   O    doub N N 353 
SER C   OXT  sing N N 354 
SER CB  OG   sing N N 355 
SER CB  HB2  sing N N 356 
SER CB  HB3  sing N N 357 
SER OG  HG   sing N N 358 
SER OXT HXT  sing N N 359 
SMC N   CA   sing N N 360 
SMC N   H    sing N N 361 
SMC N   H2   sing N N 362 
SMC CA  CB   sing N N 363 
SMC CA  C    sing N N 364 
SMC CA  HA   sing N N 365 
SMC CB  SG   sing N N 366 
SMC CB  HB2  sing N N 367 
SMC CB  HB3  sing N N 368 
SMC SG  CS   sing N N 369 
SMC CS  HCS1 sing N N 370 
SMC CS  HCS2 sing N N 371 
SMC CS  HCS3 sing N N 372 
SMC C   O    doub N N 373 
SMC C   OXT  sing N N 374 
SMC OXT HXT  sing N N 375 
THR N   CA   sing N N 376 
THR N   H    sing N N 377 
THR N   H2   sing N N 378 
THR CA  C    sing N N 379 
THR CA  CB   sing N N 380 
THR CA  HA   sing N N 381 
THR C   O    doub N N 382 
THR C   OXT  sing N N 383 
THR CB  OG1  sing N N 384 
THR CB  CG2  sing N N 385 
THR CB  HB   sing N N 386 
THR OG1 HG1  sing N N 387 
THR CG2 HG21 sing N N 388 
THR CG2 HG22 sing N N 389 
THR CG2 HG23 sing N N 390 
THR OXT HXT  sing N N 391 
TYR N   CA   sing N N 392 
TYR N   H    sing N N 393 
TYR N   H2   sing N N 394 
TYR CA  C    sing N N 395 
TYR CA  CB   sing N N 396 
TYR CA  HA   sing N N 397 
TYR C   O    doub N N 398 
TYR C   OXT  sing N N 399 
TYR CB  CG   sing N N 400 
TYR CB  HB2  sing N N 401 
TYR CB  HB3  sing N N 402 
TYR CG  CD1  doub Y N 403 
TYR CG  CD2  sing Y N 404 
TYR CD1 CE1  sing Y N 405 
TYR CD1 HD1  sing N N 406 
TYR CD2 CE2  doub Y N 407 
TYR CD2 HD2  sing N N 408 
TYR CE1 CZ   doub Y N 409 
TYR CE1 HE1  sing N N 410 
TYR CE2 CZ   sing Y N 411 
TYR CE2 HE2  sing N N 412 
TYR CZ  OH   sing N N 413 
TYR OH  HH   sing N N 414 
TYR OXT HXT  sing N N 415 
VAL N   CA   sing N N 416 
VAL N   H    sing N N 417 
VAL N   H2   sing N N 418 
VAL CA  C    sing N N 419 
VAL CA  CB   sing N N 420 
VAL CA  HA   sing N N 421 
VAL C   O    doub N N 422 
VAL C   OXT  sing N N 423 
VAL CB  CG1  sing N N 424 
VAL CB  CG2  sing N N 425 
VAL CB  HB   sing N N 426 
VAL CG1 HG11 sing N N 427 
VAL CG1 HG12 sing N N 428 
VAL CG1 HG13 sing N N 429 
VAL CG2 HG21 sing N N 430 
VAL CG2 HG22 sing N N 431 
VAL CG2 HG23 sing N N 432 
VAL OXT HXT  sing N N 433 
# 
loop_
_pdbx_initial_refinement_model.id 
_pdbx_initial_refinement_model.entity_id_list 
_pdbx_initial_refinement_model.type 
_pdbx_initial_refinement_model.source_name 
_pdbx_initial_refinement_model.accession_code 
_pdbx_initial_refinement_model.details 
1 ? 'experimental model' PDB 1ADL 'SUPERIMPOSED POLYALANINE COMPOSITE STRUCTURE OF 1ADL, 1CBR, 1CRB, 1OPB, 1IFC, 1HMR' 
2 ? 'experimental model' PDB 1CBR 'SUPERIMPOSED POLYALANINE COMPOSITE STRUCTURE OF 1ADL, 1CBR, 1CRB, 1OPB, 1IFC, 1HMR' 
3 ? 'experimental model' PDB 1CRB 'SUPERIMPOSED POLYALANINE COMPOSITE STRUCTURE OF 1ADL, 1CBR, 1CRB, 1OPB, 1IFC, 1HMR' 
4 ? 'experimental model' PDB 1OPB 'SUPERIMPOSED POLYALANINE COMPOSITE STRUCTURE OF 1ADL, 1CBR, 1CRB, 1OPB, 1IFC, 1HMR' 
5 ? 'experimental model' PDB 1IFC 'SUPERIMPOSED POLYALANINE COMPOSITE STRUCTURE OF 1ADL, 1CBR, 1CRB, 1OPB, 1IFC, 1HMR' 
6 ? 'experimental model' PDB 1HMR 'SUPERIMPOSED POLYALANINE COMPOSITE STRUCTURE OF 1ADL, 1CBR, 1CRB, 1OPB, 1IFC, 1HMR' 
# 
_atom_sites.entry_id                    1LFO 
_atom_sites.fract_transf_matrix[1][1]   -0.00534325 
_atom_sites.fract_transf_matrix[1][2]   -0.01265923 
_atom_sites.fract_transf_matrix[1][3]   -0.00080124 
_atom_sites.fract_transf_matrix[2][1]   0.00118966 
_atom_sites.fract_transf_matrix[2][2]   -0.00724797 
_atom_sites.fract_transf_matrix[2][3]   -0.01164042 
_atom_sites.fract_transf_matrix[3][1]   0.01932251 
_atom_sites.fract_transf_matrix[3][2]   -0.00862042 
_atom_sites.fract_transf_matrix[3][3]   0.00734233 
_atom_sites.fract_transf_vector[1]      0.491917 
_atom_sites.fract_transf_vector[2]      0.346657 
_atom_sites.fract_transf_vector[3]      0.776133 
# 
loop_
_atom_type.symbol 
C 
N 
O 
S 
X 
# 
loop_
_atom_site.group_PDB 
_atom_site.id 
_atom_site.type_symbol 
_atom_site.label_atom_id 
_atom_site.label_alt_id 
_atom_site.label_comp_id 
_atom_site.label_asym_id 
_atom_site.label_entity_id 
_atom_site.label_seq_id 
_atom_site.pdbx_PDB_ins_code 
_atom_site.Cartn_x 
_atom_site.Cartn_y 
_atom_site.Cartn_z 
_atom_site.occupancy 
_atom_site.B_iso_or_equiv 
_atom_site.pdbx_formal_charge 
_atom_site.auth_seq_id 
_atom_site.auth_comp_id 
_atom_site.auth_asym_id 
_atom_site.auth_atom_id 
_atom_site.pdbx_PDB_model_num 
HETATM 1    C C   . ACE A 1 1   ? -2.424  6.377   17.453  1.00 85.66  ? 0   ACE A C   1 
HETATM 2    O O   . ACE A 1 1   ? -2.234  7.017   16.395  1.00 88.15  ? 0   ACE A O   1 
HETATM 3    C CH3 . ACE A 1 1   ? -3.571  6.833   18.396  1.00 89.65  ? 0   ACE A CH3 1 
ATOM   4    N N   . MET A 1 2   ? -1.773  5.251   17.731  1.00 80.86  ? 1   MET A N   1 
ATOM   5    C CA  . MET A 1 2   ? -2.444  3.956   17.704  1.00 74.00  ? 1   MET A CA  1 
ATOM   6    C C   . MET A 1 2   ? -1.434  2.819   17.537  1.00 69.78  ? 1   MET A C   1 
ATOM   7    O O   . MET A 1 2   ? -1.636  1.724   18.068  1.00 76.27  ? 1   MET A O   1 
ATOM   8    C CB  . MET A 1 2   ? -3.462  3.917   16.555  1.00 76.30  ? 1   MET A CB  1 
ATOM   9    C CG  . MET A 1 2   ? -4.588  2.918   16.726  1.00 75.05  ? 1   MET A CG  1 
ATOM   10   S SD  . MET A 1 2   ? -5.728  2.955   15.333  1.00 71.24  ? 1   MET A SD  1 
ATOM   11   C CE  . MET A 1 2   ? -5.746  1.213   14.877  1.00 74.76  ? 1   MET A CE  1 
ATOM   12   N N   . ASN A 1 3   ? -0.326  3.112   16.856  1.00 58.80  ? 2   ASN A N   1 
ATOM   13   C CA  . ASN A 1 3   ? 0.738   2.141   16.564  1.00 56.76  ? 2   ASN A CA  1 
ATOM   14   C C   . ASN A 1 3   ? 0.232   1.069   15.607  1.00 54.09  ? 2   ASN A C   1 
ATOM   15   O O   . ASN A 1 3   ? -0.583  0.225   15.967  1.00 55.81  ? 2   ASN A O   1 
ATOM   16   C CB  . ASN A 1 3   ? 1.312   1.480   17.818  1.00 52.85  ? 2   ASN A CB  1 
ATOM   17   C CG  . ASN A 1 3   ? 2.458   0.524   17.494  1.00 58.56  ? 2   ASN A CG  1 
ATOM   18   O OD1 . ASN A 1 3   ? 3.003   0.536   16.384  1.00 57.12  ? 2   ASN A OD1 1 
ATOM   19   N ND2 . ASN A 1 3   ? 2.825   -0.308  18.459  1.00 68.08  ? 2   ASN A ND2 1 
ATOM   20   N N   . PHE A 1 4   ? 0.800   1.057   14.410  1.00 47.94  ? 3   PHE A N   1 
ATOM   21   C CA  . PHE A 1 4   ? 0.372   0.136   13.377  1.00 34.88  ? 3   PHE A CA  1 
ATOM   22   C C   . PHE A 1 4   ? 1.354   -0.991  13.113  1.00 32.60  ? 3   PHE A C   1 
ATOM   23   O O   . PHE A 1 4   ? 1.291   -1.632  12.070  1.00 32.94  ? 3   PHE A O   1 
ATOM   24   C CB  . PHE A 1 4   ? 0.139   0.929   12.102  1.00 32.40  ? 3   PHE A CB  1 
ATOM   25   C CG  . PHE A 1 4   ? -0.711  2.153   12.295  1.00 28.01  ? 3   PHE A CG  1 
ATOM   26   C CD1 . PHE A 1 4   ? -1.942  2.072   12.936  1.00 38.01  ? 3   PHE A CD1 1 
ATOM   27   C CD2 . PHE A 1 4   ? -0.305  3.376   11.791  1.00 30.55  ? 3   PHE A CD2 1 
ATOM   28   C CE1 . PHE A 1 4   ? -2.764  3.197   13.062  1.00 36.13  ? 3   PHE A CE1 1 
ATOM   29   C CE2 . PHE A 1 4   ? -1.115  4.503   11.910  1.00 38.21  ? 3   PHE A CE2 1 
ATOM   30   C CZ  . PHE A 1 4   ? -2.347  4.411   12.546  1.00 37.25  ? 3   PHE A CZ  1 
ATOM   31   N N   . SER A 1 5   ? 2.269   -1.225  14.043  1.00 24.60  ? 4   SER A N   1 
ATOM   32   C CA  . SER A 1 5   ? 3.249   -2.285  13.852  1.00 30.16  ? 4   SER A CA  1 
ATOM   33   C C   . SER A 1 5   ? 2.594   -3.660  13.707  1.00 31.11  ? 4   SER A C   1 
ATOM   34   O O   . SER A 1 5   ? 1.507   -3.894  14.249  1.00 32.14  ? 4   SER A O   1 
ATOM   35   C CB  . SER A 1 5   ? 4.269   -2.279  14.993  1.00 19.19  ? 4   SER A CB  1 
ATOM   36   O OG  . SER A 1 5   ? 5.028   -1.078  14.972  1.00 27.27  ? 4   SER A OG  1 
ATOM   37   N N   . GLY A 1 6   ? 3.234   -4.549  12.946  1.00 26.25  ? 5   GLY A N   1 
ATOM   38   C CA  . GLY A 1 6   ? 2.694   -5.880  12.760  1.00 20.94  ? 5   GLY A CA  1 
ATOM   39   C C   . GLY A 1 6   ? 2.894   -6.449  11.372  1.00 22.82  ? 5   GLY A C   1 
ATOM   40   O O   . GLY A 1 6   ? 3.340   -5.753  10.461  1.00 25.64  ? 5   GLY A O   1 
ATOM   41   N N   . LYS A 1 7   ? 2.595   -7.734  11.225  1.00 22.37  ? 6   LYS A N   1 
ATOM   42   C CA  . LYS A 1 7   ? 2.705   -8.423  9.945   1.00 19.17  ? 6   LYS A CA  1 
ATOM   43   C C   . LYS A 1 7   ? 1.274   -8.790  9.545   1.00 17.26  ? 6   LYS A C   1 
ATOM   44   O O   . LYS A 1 7   ? 0.499   -9.235  10.372  1.00 17.14  ? 6   LYS A O   1 
ATOM   45   C CB  . LYS A 1 7   ? 3.583   -9.663  10.087  1.00 16.01  ? 6   LYS A CB  1 
ATOM   46   C CG  . LYS A 1 7   ? 4.029   -10.258 8.770   1.00 36.62  ? 6   LYS A CG  1 
ATOM   47   C CD  . LYS A 1 7   ? 5.262   -11.154 8.929   1.00 53.91  ? 6   LYS A CD  1 
ATOM   48   C CE  . LYS A 1 7   ? 4.989   -12.394 9.783   1.00 56.15  ? 6   LYS A CE  1 
ATOM   49   N NZ  . LYS A 1 7   ? 6.168   -13.318 9.869   1.00 58.60  ? 6   LYS A NZ  1 
ATOM   50   N N   . TYR A 1 8   ? 0.907   -8.509  8.301   1.00 16.51  ? 7   TYR A N   1 
ATOM   51   C CA  . TYR A 1 8   ? -0.436  -8.759  7.803   1.00 15.07  ? 7   TYR A CA  1 
ATOM   52   C C   . TYR A 1 8   ? -0.362  -9.462  6.462   1.00 17.61  ? 7   TYR A C   1 
ATOM   53   O O   . TYR A 1 8   ? 0.637   -9.372  5.768   1.00 12.88  ? 7   TYR A O   1 
ATOM   54   C CB  . TYR A 1 8   ? -1.168  -7.423  7.579   1.00 19.62  ? 7   TYR A CB  1 
ATOM   55   C CG  . TYR A 1 8   ? -1.066  -6.444  8.726   1.00 28.13  ? 7   TYR A CG  1 
ATOM   56   C CD1 . TYR A 1 8   ? 0.079   -5.664  8.900   1.00 31.57  ? 7   TYR A CD1 1 
ATOM   57   C CD2 . TYR A 1 8   ? -2.109  -6.299  9.642   1.00 29.75  ? 7   TYR A CD2 1 
ATOM   58   C CE1 . TYR A 1 8   ? 0.184   -4.761  9.963   1.00 40.16  ? 7   TYR A CE1 1 
ATOM   59   C CE2 . TYR A 1 8   ? -2.017  -5.397  10.704  1.00 37.71  ? 7   TYR A CE2 1 
ATOM   60   C CZ  . TYR A 1 8   ? -0.868  -4.635  10.859  1.00 37.89  ? 7   TYR A CZ  1 
ATOM   61   O OH  . TYR A 1 8   ? -0.763  -3.751  11.909  1.00 47.32  ? 7   TYR A OH  1 
ATOM   62   N N   . GLN A 1 9   ? -1.432  -10.143 6.085   1.00 13.25  ? 8   GLN A N   1 
ATOM   63   C CA  . GLN A 1 9   ? -1.466  -10.806 4.801   1.00 16.35  ? 8   GLN A CA  1 
ATOM   64   C C   . GLN A 1 9   ? -2.769  -10.487 4.107   1.00 16.59  ? 8   GLN A C   1 
ATOM   65   O O   . GLN A 1 9   ? -3.803  -10.400 4.752   1.00 20.38  ? 8   GLN A O   1 
ATOM   66   C CB  . GLN A 1 9   ? -1.325  -12.309 4.952   1.00 14.36  ? 8   GLN A CB  1 
ATOM   67   C CG  . GLN A 1 9   ? -1.360  -13.018 3.625   1.00 26.52  ? 8   GLN A CG  1 
ATOM   68   C CD  . GLN A 1 9   ? -0.897  -14.434 3.740   1.00 34.26  ? 8   GLN A CD  1 
ATOM   69   O OE1 . GLN A 1 9   ? -1.547  -15.259 4.379   1.00 42.21  ? 8   GLN A OE1 1 
ATOM   70   N NE2 . GLN A 1 9   ? 0.239   -14.731 3.134   1.00 31.75  ? 8   GLN A NE2 1 
ATOM   71   N N   . VAL A 1 10  ? -2.706  -10.272 2.800   1.00 18.62  ? 9   VAL A N   1 
ATOM   72   C CA  . VAL A 1 10  ? -3.885  -9.975  2.013   1.00 16.00  ? 9   VAL A CA  1 
ATOM   73   C C   . VAL A 1 10  ? -4.829  -11.155 2.097   1.00 18.59  ? 9   VAL A C   1 
ATOM   74   O O   . VAL A 1 10  ? -4.394  -12.299 2.022   1.00 16.91  ? 9   VAL A O   1 
ATOM   75   C CB  . VAL A 1 10  ? -3.528  -9.745  0.537   1.00 20.50  ? 9   VAL A CB  1 
ATOM   76   C CG1 . VAL A 1 10  ? -4.782  -9.430  -0.267  1.00 13.63  ? 9   VAL A CG1 1 
ATOM   77   C CG2 . VAL A 1 10  ? -2.537  -8.622  0.428   1.00 15.43  ? 9   VAL A CG2 1 
ATOM   78   N N   . GLN A 1 11  ? -6.111  -10.856 2.274   1.00 19.82  ? 10  GLN A N   1 
ATOM   79   C CA  . GLN A 1 11  ? -7.153  -11.863 2.377   1.00 24.06  ? 10  GLN A CA  1 
ATOM   80   C C   . GLN A 1 11  ? -8.007  -11.807 1.121   1.00 25.80  ? 10  GLN A C   1 
ATOM   81   O O   . GLN A 1 11  ? -8.406  -12.847 0.608   1.00 29.31  ? 10  GLN A O   1 
ATOM   82   C CB  . GLN A 1 11  ? -8.033  -11.622 3.621   1.00 16.87  ? 10  GLN A CB  1 
ATOM   83   C CG  . GLN A 1 11  ? -7.279  -11.614 4.965   1.00 22.88  ? 10  GLN A CG  1 
ATOM   84   C CD  . GLN A 1 11  ? -6.521  -12.921 5.260   1.00 35.68  ? 10  GLN A CD  1 
ATOM   85   O OE1 . GLN A 1 11  ? -7.098  -14.009 5.245   1.00 40.02  ? 10  GLN A OE1 1 
ATOM   86   N NE2 . GLN A 1 11  ? -5.227  -12.807 5.549   1.00 30.19  ? 10  GLN A NE2 1 
ATOM   87   N N   . SER A 1 12  ? -8.265  -10.593 0.627   1.00 30.72  ? 11  SER A N   1 
ATOM   88   C CA  . SER A 1 12  ? -9.072  -10.374 -0.577  1.00 24.02  ? 11  SER A CA  1 
ATOM   89   C C   . SER A 1 12  ? -8.800  -9.007  -1.207  1.00 24.41  ? 11  SER A C   1 
ATOM   90   O O   . SER A 1 12  ? -8.330  -8.083  -0.541  1.00 26.52  ? 11  SER A O   1 
ATOM   91   C CB  . SER A 1 12  ? -10.563 -10.483 -0.254  1.00 23.63  ? 11  SER A CB  1 
ATOM   92   O OG  . SER A 1 12  ? -11.010 -9.357  0.490   1.00 20.96  ? 11  SER A OG  1 
ATOM   93   N N   . GLN A 1 13  ? -9.109  -8.888  -2.493  1.00 28.53  ? 12  GLN A N   1 
ATOM   94   C CA  . GLN A 1 13  ? -8.908  -7.641  -3.218  1.00 37.61  ? 12  GLN A CA  1 
ATOM   95   C C   . GLN A 1 13  ? -9.812  -7.525  -4.446  1.00 40.02  ? 12  GLN A C   1 
ATOM   96   O O   . GLN A 1 13  ? -10.236 -8.530  -5.016  1.00 49.01  ? 12  GLN A O   1 
ATOM   97   C CB  . GLN A 1 13  ? -7.424  -7.447  -3.599  1.00 32.03  ? 12  GLN A CB  1 
ATOM   98   C CG  . GLN A 1 13  ? -6.776  -8.577  -4.405  1.00 34.25  ? 12  GLN A CG  1 
ATOM   99   C CD  . GLN A 1 13  ? -5.250  -8.477  -4.425  1.00 39.65  ? 12  GLN A CD  1 
ATOM   100  O OE1 . GLN A 1 13  ? -4.689  -7.413  -4.182  1.00 34.82  ? 12  GLN A OE1 1 
ATOM   101  N NE2 . GLN A 1 13  ? -4.577  -9.591  -4.690  1.00 46.08  ? 12  GLN A NE2 1 
ATOM   102  N N   . GLU A 1 14  ? -10.154 -6.292  -4.804  1.00 39.00  ? 13  GLU A N   1 
ATOM   103  C CA  . GLU A 1 14  ? -10.998 -6.017  -5.955  1.00 38.33  ? 13  GLU A CA  1 
ATOM   104  C C   . GLU A 1 14  ? -10.281 -5.061  -6.885  1.00 39.17  ? 13  GLU A C   1 
ATOM   105  O O   . GLU A 1 14  ? -9.615  -4.125  -6.427  1.00 36.11  ? 13  GLU A O   1 
ATOM   106  C CB  . GLU A 1 14  ? -12.276 -5.319  -5.528  1.00 51.94  ? 13  GLU A CB  1 
ATOM   107  C CG  . GLU A 1 14  ? -13.155 -6.057  -4.571  1.00 66.19  ? 13  GLU A CG  1 
ATOM   108  C CD  . GLU A 1 14  ? -14.337 -5.198  -4.172  1.00 77.77  ? 13  GLU A CD  1 
ATOM   109  O OE1 . GLU A 1 14  ? -15.112 -4.805  -5.075  1.00 80.79  ? 13  GLU A OE1 1 
ATOM   110  O OE2 . GLU A 1 14  ? -14.469 -4.891  -2.965  1.00 84.17  ? 13  GLU A OE2 1 
ATOM   111  N N   . ASN A 1 15  ? -10.478 -5.263  -8.184  1.00 35.56  ? 14  ASN A N   1 
ATOM   112  C CA  . ASN A 1 15  ? -9.900  -4.419  -9.233  1.00 32.06  ? 14  ASN A CA  1 
ATOM   113  C C   . ASN A 1 15  ? -8.381  -4.338  -9.279  1.00 30.37  ? 14  ASN A C   1 
ATOM   114  O O   . ASN A 1 15  ? -7.816  -3.296  -9.610  1.00 31.73  ? 14  ASN A O   1 
ATOM   115  C CB  . ASN A 1 15  ? -10.505 -3.015  -9.193  1.00 34.35  ? 14  ASN A CB  1 
ATOM   116  C CG  . ASN A 1 15  ? -12.005 -3.037  -9.326  1.00 36.12  ? 14  ASN A CG  1 
ATOM   117  O OD1 . ASN A 1 15  ? -12.549 -3.807  -10.109 1.00 34.39  ? 14  ASN A OD1 1 
ATOM   118  N ND2 . ASN A 1 15  ? -12.686 -2.231  -8.526  1.00 44.41  ? 14  ASN A ND2 1 
ATOM   119  N N   . PHE A 1 16  ? -7.727  -5.447  -8.973  1.00 26.89  ? 15  PHE A N   1 
ATOM   120  C CA  . PHE A 1 16  ? -6.280  -5.513  -9.009  1.00 29.66  ? 15  PHE A CA  1 
ATOM   121  C C   . PHE A 1 16  ? -5.782  -5.368  -10.458 1.00 34.62  ? 15  PHE A C   1 
ATOM   122  O O   . PHE A 1 16  ? -4.914  -4.530  -10.745 1.00 36.58  ? 15  PHE A O   1 
ATOM   123  C CB  . PHE A 1 16  ? -5.812  -6.844  -8.404  1.00 17.84  ? 15  PHE A CB  1 
ATOM   124  C CG  . PHE A 1 16  ? -4.354  -7.135  -8.624  1.00 24.13  ? 15  PHE A CG  1 
ATOM   125  C CD1 . PHE A 1 16  ? -3.387  -6.611  -7.763  1.00 22.36  ? 15  PHE A CD1 1 
ATOM   126  C CD2 . PHE A 1 16  ? -3.941  -7.931  -9.700  1.00 21.19  ? 15  PHE A CD2 1 
ATOM   127  C CE1 . PHE A 1 16  ? -2.017  -6.875  -7.966  1.00 23.02  ? 15  PHE A CE1 1 
ATOM   128  C CE2 . PHE A 1 16  ? -2.580  -8.198  -9.916  1.00 24.03  ? 15  PHE A CE2 1 
ATOM   129  C CZ  . PHE A 1 16  ? -1.616  -7.667  -9.043  1.00 21.78  ? 15  PHE A CZ  1 
ATOM   130  N N   . GLU A 1 17  ? -6.373  -6.136  -11.374 1.00 38.48  ? 16  GLU A N   1 
ATOM   131  C CA  . GLU A 1 17  ? -5.962  -6.113  -12.780 1.00 39.62  ? 16  GLU A CA  1 
ATOM   132  C C   . GLU A 1 17  ? -6.137  -4.791  -13.520 1.00 35.92  ? 16  GLU A C   1 
ATOM   133  O O   . GLU A 1 17  ? -5.185  -4.298  -14.117 1.00 34.27  ? 16  GLU A O   1 
ATOM   134  C CB  . GLU A 1 17  ? -6.608  -7.254  -13.557 1.00 48.78  ? 16  GLU A CB  1 
ATOM   135  C CG  . GLU A 1 17  ? -5.812  -7.659  -14.776 1.00 64.51  ? 16  GLU A CG  1 
ATOM   136  C CD  . GLU A 1 17  ? -6.203  -9.025  -15.298 1.00 73.68  ? 16  GLU A CD  1 
ATOM   137  O OE1 . GLU A 1 17  ? -6.031  -10.024 -14.556 1.00 76.13  ? 16  GLU A OE1 1 
ATOM   138  O OE2 . GLU A 1 17  ? -6.678  -9.098  -16.452 1.00 79.56  ? 16  GLU A OE2 1 
ATOM   139  N N   . PRO A 1 18  ? -7.348  -4.193  -13.486 1.00 34.19  ? 17  PRO A N   1 
ATOM   140  C CA  . PRO A 1 18  ? -7.590  -2.914  -14.170 1.00 30.68  ? 17  PRO A CA  1 
ATOM   141  C C   . PRO A 1 18  ? -6.684  -1.812  -13.626 1.00 37.19  ? 17  PRO A C   1 
ATOM   142  O O   . PRO A 1 18  ? -6.045  -1.093  -14.392 1.00 42.53  ? 17  PRO A O   1 
ATOM   143  C CB  . PRO A 1 18  ? -9.051  -2.611  -13.829 1.00 30.27  ? 17  PRO A CB  1 
ATOM   144  C CG  . PRO A 1 18  ? -9.651  -3.950  -13.601 1.00 33.03  ? 17  PRO A CG  1 
ATOM   145  C CD  . PRO A 1 18  ? -8.577  -4.675  -12.834 1.00 30.85  ? 17  PRO A CD  1 
ATOM   146  N N   . PHE A 1 19  ? -6.619  -1.697  -12.300 1.00 37.90  ? 18  PHE A N   1 
ATOM   147  C CA  . PHE A 1 19  ? -5.798  -0.683  -11.643 1.00 33.78  ? 18  PHE A CA  1 
ATOM   148  C C   . PHE A 1 19  ? -4.331  -0.860  -11.992 1.00 33.43  ? 18  PHE A C   1 
ATOM   149  O O   . PHE A 1 19  ? -3.656  0.100   -12.373 1.00 34.42  ? 18  PHE A O   1 
ATOM   150  C CB  . PHE A 1 19  ? -5.974  -0.741  -10.119 1.00 26.84  ? 18  PHE A CB  1 
ATOM   151  C CG  . PHE A 1 19  ? -5.269  0.373   -9.380  1.00 25.18  ? 18  PHE A CG  1 
ATOM   152  C CD1 . PHE A 1 19  ? -5.919  1.589   -9.143  1.00 14.69  ? 18  PHE A CD1 1 
ATOM   153  C CD2 . PHE A 1 19  ? -3.951  0.214   -8.934  1.00 28.37  ? 18  PHE A CD2 1 
ATOM   154  C CE1 . PHE A 1 19  ? -5.276  2.633   -8.479  1.00 19.44  ? 18  PHE A CE1 1 
ATOM   155  C CE2 . PHE A 1 19  ? -3.286  1.257   -8.263  1.00 24.72  ? 18  PHE A CE2 1 
ATOM   156  C CZ  . PHE A 1 19  ? -3.950  2.467   -8.037  1.00 25.40  ? 18  PHE A CZ  1 
ATOM   157  N N   . MET A 1 20  ? -3.843  -2.089  -11.868 1.00 34.27  ? 19  MET A N   1 
ATOM   158  C CA  . MET A 1 20  ? -2.449  -2.380  -12.153 1.00 31.62  ? 19  MET A CA  1 
ATOM   159  C C   . MET A 1 20  ? -2.124  -2.099  -13.614 1.00 32.27  ? 19  MET A C   1 
ATOM   160  O O   . MET A 1 20  ? -1.067  -1.539  -13.928 1.00 25.89  ? 19  MET A O   1 
ATOM   161  C CB  . MET A 1 20  ? -2.123  -3.816  -11.761 1.00 29.65  ? 19  MET A CB  1 
ATOM   162  C CG  . MET A 1 20  ? -1.103  -3.916  -10.632 1.00 39.01  ? 19  MET A CG  1 
ATOM   163  S SD  . MET A 1 20  ? -1.427  -2.864  -9.195  1.00 42.70  ? 19  MET A SD  1 
ATOM   164  C CE  . MET A 1 20  ? -0.189  -1.681  -9.366  1.00 40.33  ? 19  MET A CE  1 
ATOM   165  N N   . LYS A 1 21  ? -3.081  -2.403  -14.485 1.00 36.24  ? 20  LYS A N   1 
ATOM   166  C CA  . LYS A 1 21  ? -2.938  -2.154  -15.918 1.00 41.75  ? 20  LYS A CA  1 
ATOM   167  C C   . LYS A 1 21  ? -2.700  -0.661  -16.160 1.00 43.21  ? 20  LYS A C   1 
ATOM   168  O O   . LYS A 1 21  ? -1.699  -0.275  -16.775 1.00 51.46  ? 20  LYS A O   1 
ATOM   169  C CB  . LYS A 1 21  ? -4.195  -2.602  -16.666 1.00 35.11  ? 20  LYS A CB  1 
ATOM   170  C CG  . LYS A 1 21  ? -3.967  -3.711  -17.683 1.00 43.06  ? 20  LYS A CG  1 
ATOM   171  C CD  . LYS A 1 21  ? -5.286  -4.253  -18.243 1.00 50.28  ? 20  LYS A CD  1 
ATOM   172  C CE  . LYS A 1 21  ? -6.083  -5.008  -17.182 1.00 59.98  ? 20  LYS A CE  1 
ATOM   173  N NZ  . LYS A 1 21  ? -7.361  -5.595  -17.693 1.00 65.53  ? 20  LYS A NZ  1 
ATOM   174  N N   . ALA A 1 22  ? -3.594  0.178   -15.636 1.00 41.03  ? 21  ALA A N   1 
ATOM   175  C CA  . ALA A 1 22  ? -3.480  1.633   -15.791 1.00 34.36  ? 21  ALA A CA  1 
ATOM   176  C C   . ALA A 1 22  ? -2.243  2.218   -15.111 1.00 31.72  ? 21  ALA A C   1 
ATOM   177  O O   . ALA A 1 22  ? -1.911  3.380   -15.326 1.00 29.30  ? 21  ALA A O   1 
ATOM   178  C CB  . ALA A 1 22  ? -4.733  2.324   -15.279 1.00 36.15  ? 21  ALA A CB  1 
ATOM   179  N N   . MET A 1 23  ? -1.587  1.431   -14.265 1.00 31.29  ? 22  MET A N   1 
ATOM   180  C CA  . MET A 1 23  ? -0.384  1.895   -13.594 1.00 31.07  ? 22  MET A CA  1 
ATOM   181  C C   . MET A 1 23  ? 0.856   1.593   -14.405 1.00 31.15  ? 22  MET A C   1 
ATOM   182  O O   . MET A 1 23  ? 1.931   2.110   -14.113 1.00 31.98  ? 22  MET A O   1 
ATOM   183  C CB  . MET A 1 23  ? -0.259  1.307   -12.192 1.00 31.67  ? 22  MET A CB  1 
ATOM   184  C CG  . MET A 1 23  ? -1.076  2.064   -11.180 1.00 34.98  ? 22  MET A CG  1 
ATOM   185  S SD  . MET A 1 23  ? -0.977  3.851   -11.497 1.00 52.52  ? 22  MET A SD  1 
ATOM   186  C CE  . MET A 1 23  ? 0.679   4.246   -10.836 1.00 36.36  ? 22  MET A CE  1 
ATOM   187  N N   . GLY A 1 24  ? 0.695   0.778   -15.441 1.00 37.52  ? 23  GLY A N   1 
ATOM   188  C CA  . GLY A 1 24  ? 1.818   0.431   -16.295 1.00 43.97  ? 23  GLY A CA  1 
ATOM   189  C C   . GLY A 1 24  ? 2.655   -0.718  -15.766 1.00 48.99  ? 23  GLY A C   1 
ATOM   190  O O   . GLY A 1 24  ? 3.822   -0.867  -16.127 1.00 53.39  ? 23  GLY A O   1 
ATOM   191  N N   . LEU A 1 25  ? 2.075   -1.514  -14.877 1.00 46.98  ? 24  LEU A N   1 
ATOM   192  C CA  . LEU A 1 25  ? 2.781   -2.656  -14.326 1.00 40.48  ? 24  LEU A CA  1 
ATOM   193  C C   . LEU A 1 25  ? 2.743   -3.647  -15.487 1.00 36.67  ? 24  LEU A C   1 
ATOM   194  O O   . LEU A 1 25  ? 1.694   -3.852  -16.090 1.00 39.26  ? 24  LEU A O   1 
ATOM   195  C CB  . LEU A 1 25  ? 2.015   -3.172  -13.097 1.00 40.65  ? 24  LEU A CB  1 
ATOM   196  C CG  . LEU A 1 25  ? 2.612   -4.080  -12.010 1.00 35.32  ? 24  LEU A CG  1 
ATOM   197  C CD1 . LEU A 1 25  ? 2.406   -5.516  -12.347 1.00 35.97  ? 24  LEU A CD1 1 
ATOM   198  C CD2 . LEU A 1 25  ? 4.071   -3.783  -11.744 1.00 37.57  ? 24  LEU A CD2 1 
ATOM   199  N N   . PRO A 1 26  ? 3.905   -4.183  -15.886 1.00 36.88  ? 25  PRO A N   1 
ATOM   200  C CA  . PRO A 1 26  ? 3.979   -5.142  -16.994 1.00 37.96  ? 25  PRO A CA  1 
ATOM   201  C C   . PRO A 1 26  ? 3.142   -6.402  -16.836 1.00 40.97  ? 25  PRO A C   1 
ATOM   202  O O   . PRO A 1 26  ? 3.207   -7.104  -15.832 1.00 45.78  ? 25  PRO A O   1 
ATOM   203  C CB  . PRO A 1 26  ? 5.476   -5.441  -17.094 1.00 35.41  ? 25  PRO A CB  1 
ATOM   204  C CG  . PRO A 1 26  ? 5.991   -5.138  -15.721 1.00 42.56  ? 25  PRO A CG  1 
ATOM   205  C CD  . PRO A 1 26  ? 5.244   -3.893  -15.355 1.00 39.89  ? 25  PRO A CD  1 
ATOM   206  N N   . GLU A 1 27  ? 2.360   -6.664  -17.871 1.00 49.17  ? 26  GLU A N   1 
ATOM   207  C CA  . GLU A 1 27  ? 1.445   -7.796  -17.992 1.00 54.86  ? 26  GLU A CA  1 
ATOM   208  C C   . GLU A 1 27  ? 1.752   -9.043  -17.165 1.00 56.87  ? 26  GLU A C   1 
ATOM   209  O O   . GLU A 1 27  ? 0.930   -9.486  -16.363 1.00 57.02  ? 26  GLU A O   1 
ATOM   210  C CB  . GLU A 1 27  ? 1.332   -8.203  -19.468 1.00 67.33  ? 26  GLU A CB  1 
ATOM   211  C CG  . GLU A 1 27  ? 1.503   -7.064  -20.500 1.00 80.44  ? 26  GLU A CG  1 
ATOM   212  C CD  . GLU A 1 27  ? 2.968   -6.651  -20.759 1.00 84.03  ? 26  GLU A CD  1 
ATOM   213  O OE1 . GLU A 1 27  ? 3.912   -7.289  -20.226 1.00 83.22  ? 26  GLU A OE1 1 
ATOM   214  O OE2 . GLU A 1 27  ? 3.169   -5.671  -21.511 1.00 82.94  ? 26  GLU A OE2 1 
ATOM   215  N N   . ASP A 1 28  ? 2.919   -9.634  -17.394 1.00 60.55  ? 27  ASP A N   1 
ATOM   216  C CA  . ASP A 1 28  ? 3.306   -10.847 -16.686 1.00 63.20  ? 27  ASP A CA  1 
ATOM   217  C C   . ASP A 1 28  ? 3.258   -10.703 -15.171 1.00 59.61  ? 27  ASP A C   1 
ATOM   218  O O   . ASP A 1 28  ? 2.777   -11.605 -14.485 1.00 62.47  ? 27  ASP A O   1 
ATOM   219  C CB  . ASP A 1 28  ? 4.674   -11.361 -17.166 1.00 74.87  ? 27  ASP A CB  1 
ATOM   220  C CG  . ASP A 1 28  ? 5.748   -10.279 -17.183 1.00 89.38  ? 27  ASP A CG  1 
ATOM   221  O OD1 . ASP A 1 28  ? 5.698   -9.383  -18.065 1.00 92.51  ? 27  ASP A OD1 1 
ATOM   222  O OD2 . ASP A 1 28  ? 6.657   -10.341 -16.322 1.00 95.16  ? 27  ASP A OD2 1 
ATOM   223  N N   . LEU A 1 29  ? 3.722   -9.570  -14.650 1.00 53.39  ? 28  LEU A N   1 
ATOM   224  C CA  . LEU A 1 29  ? 3.683   -9.343  -13.211 1.00 46.89  ? 28  LEU A CA  1 
ATOM   225  C C   . LEU A 1 29  ? 2.234   -9.293  -12.772 1.00 42.12  ? 28  LEU A C   1 
ATOM   226  O O   . LEU A 1 29  ? 1.884   -9.855  -11.744 1.00 45.72  ? 28  LEU A O   1 
ATOM   227  C CB  . LEU A 1 29  ? 4.363   -8.032  -12.811 1.00 42.91  ? 28  LEU A CB  1 
ATOM   228  C CG  . LEU A 1 29  ? 5.876   -7.902  -12.897 1.00 47.45  ? 28  LEU A CG  1 
ATOM   229  C CD1 . LEU A 1 29  ? 6.297   -6.633  -12.172 1.00 36.65  ? 28  LEU A CD1 1 
ATOM   230  C CD2 . LEU A 1 29  ? 6.526   -9.114  -12.261 1.00 52.16  ? 28  LEU A CD2 1 
ATOM   231  N N   . ILE A 1 30  ? 1.387   -8.626  -13.548 1.00 34.69  ? 29  ILE A N   1 
ATOM   232  C CA  . ILE A 1 30  ? -0.022  -8.547  -13.205 1.00 34.20  ? 29  ILE A CA  1 
ATOM   233  C C   . ILE A 1 30  ? -0.533  -9.971  -13.073 1.00 36.00  ? 29  ILE A C   1 
ATOM   234  O O   . ILE A 1 30  ? -1.185  -10.308 -12.091 1.00 38.89  ? 29  ILE A O   1 
ATOM   235  C CB  . ILE A 1 30  ? -0.843  -7.831  -14.286 1.00 37.48  ? 29  ILE A CB  1 
ATOM   236  C CG1 . ILE A 1 30  ? -0.391  -6.380  -14.418 1.00 42.84  ? 29  ILE A CG1 1 
ATOM   237  C CG2 . ILE A 1 30  ? -2.342  -7.896  -13.960 1.00 36.21  ? 29  ILE A CG2 1 
ATOM   238  C CD1 . ILE A 1 30  ? -1.127  -5.610  -15.515 1.00 49.91  ? 29  ILE A CD1 1 
ATOM   239  N N   . GLN A 1 31  ? -0.187  -10.809 -14.043 1.00 39.34  ? 30  GLN A N   1 
ATOM   240  C CA  . GLN A 1 31  ? -0.624  -12.198 -14.040 1.00 49.84  ? 30  GLN A CA  1 
ATOM   241  C C   . GLN A 1 31  ? -0.134  -12.948 -12.814 1.00 46.80  ? 30  GLN A C   1 
ATOM   242  O O   . GLN A 1 31  ? -0.888  -13.695 -12.195 1.00 45.41  ? 30  GLN A O   1 
ATOM   243  C CB  . GLN A 1 31  ? -0.158  -12.915 -15.312 1.00 58.58  ? 30  GLN A CB  1 
ATOM   244  C CG  . GLN A 1 31  ? -0.877  -12.461 -16.576 1.00 78.68  ? 30  GLN A CG  1 
ATOM   245  C CD  . GLN A 1 31  ? -2.389  -12.692 -16.524 1.00 86.47  ? 30  GLN A CD  1 
ATOM   246  O OE1 . GLN A 1 31  ? -2.867  -13.821 -16.658 1.00 89.65  ? 30  GLN A OE1 1 
ATOM   247  N NE2 . GLN A 1 31  ? -3.145  -11.612 -16.341 1.00 91.93  ? 30  GLN A NE2 1 
ATOM   248  N N   . LYS A 1 32  ? 1.122   -12.707 -12.455 1.00 45.79  ? 31  LYS A N   1 
ATOM   249  C CA  . LYS A 1 32  ? 1.741   -13.350 -11.304 1.00 46.24  ? 31  LYS A CA  1 
ATOM   250  C C   . LYS A 1 32  ? 1.195   -12.852 -9.970  1.00 44.93  ? 31  LYS A C   1 
ATOM   251  O O   . LYS A 1 32  ? 0.702   -13.644 -9.162  1.00 53.75  ? 31  LYS A O   1 
ATOM   252  C CB  . LYS A 1 32  ? 3.264   -13.175 -11.361 1.00 50.44  ? 31  LYS A CB  1 
ATOM   253  C CG  . LYS A 1 32  ? 3.937   -13.991 -12.472 1.00 57.41  ? 31  LYS A CG  1 
ATOM   254  C CD  . LYS A 1 32  ? 5.206   -13.333 -13.019 1.00 60.05  ? 31  LYS A CD  1 
ATOM   255  C CE  . LYS A 1 32  ? 6.300   -13.183 -11.973 1.00 65.14  ? 31  LYS A CE  1 
ATOM   256  N NZ  . LYS A 1 32  ? 6.800   -14.489 -11.463 1.00 70.14  ? 31  LYS A NZ  1 
ATOM   257  N N   . GLY A 1 33  ? 1.260   -11.544 -9.747  1.00 39.23  ? 32  GLY A N   1 
ATOM   258  C CA  . GLY A 1 33  ? 0.789   -10.951 -8.504  1.00 31.19  ? 32  GLY A CA  1 
ATOM   259  C C   . GLY A 1 33  ? -0.707  -11.012 -8.347  1.00 31.72  ? 32  GLY A C   1 
ATOM   260  O O   . GLY A 1 33  ? -1.252  -10.730 -7.279  1.00 30.70  ? 32  GLY A O   1 
ATOM   261  N N   . LYS A 1 34  ? -1.377  -11.331 -9.441  1.00 35.10  ? 33  LYS A N   1 
ATOM   262  C CA  . LYS A 1 34  ? -2.819  -11.458 -9.460  1.00 38.37  ? 33  LYS A CA  1 
ATOM   263  C C   . LYS A 1 34  ? -3.263  -12.513 -8.456  1.00 36.77  ? 33  LYS A C   1 
ATOM   264  O O   . LYS A 1 34  ? -4.277  -12.354 -7.785  1.00 41.63  ? 33  LYS A O   1 
ATOM   265  C CB  . LYS A 1 34  ? -3.257  -11.848 -10.874 1.00 44.62  ? 33  LYS A CB  1 
ATOM   266  C CG  . LYS A 1 34  ? -4.697  -12.304 -11.038 1.00 59.20  ? 33  LYS A CG  1 
ATOM   267  C CD  . LYS A 1 34  ? -5.026  -12.605 -12.514 1.00 63.77  ? 33  LYS A CD  1 
ATOM   268  C CE  . LYS A 1 34  ? -3.957  -13.478 -13.198 1.00 67.62  ? 33  LYS A CE  1 
ATOM   269  N NZ  . LYS A 1 34  ? -3.715  -14.820 -12.580 1.00 64.30  ? 33  LYS A NZ  1 
ATOM   270  N N   . ASP A 1 35  ? -2.434  -13.583 -8.271  1.00 37.39  ? 34  ASP A N   1 
ATOM   271  C CA  . ASP A 1 35  ? -2.871  -14.706 -7.439  1.00 36.56  ? 34  ASP A CA  1 
ATOM   272  C C   . ASP A 1 35  ? -1.925  -14.787 -6.248  1.00 38.41  ? 34  ASP A C   1 
ATOM   273  O O   . ASP A 1 35  ? -2.023  -15.859 -5.511  1.00 45.36  ? 34  ASP A O   1 
ATOM   274  C CB  . ASP A 1 35  ? -2.817  -16.000 -8.257  0.50 36.86  ? 34  ASP A CB  1 
ATOM   275  C CG  A ASP A 1 35  ? -1.654  -16.041 -9.251  0.50 31.49  ? 34  ASP A CG  1 
ATOM   276  C CG  B ASP A 1 35  ? -4.162  -16.380 -8.840  0.50 35.52  ? 34  ASP A CG  1 
ATOM   277  O OD1 A ASP A 1 35  ? -0.444  -15.880 -8.834  0.50 39.23  ? 34  ASP A OD1 1 
ATOM   278  O OD1 B ASP A 1 35  ? -5.226  -16.364 -8.111  0.50 34.96  ? 34  ASP A OD1 1 
ATOM   279  O OD2 A ASP A 1 35  ? -1.884  -16.237 -10.505 0.50 31.14  ? 34  ASP A OD2 1 
ATOM   280  O OD2 B ASP A 1 35  ? -4.235  -16.715 -10.083 0.50 32.61  ? 34  ASP A OD2 1 
ATOM   281  N N   . ILE A 1 36  ? -1.088  -13.855 -5.900  1.00 33.64  ? 35  ILE A N   1 
ATOM   282  C CA  . ILE A 1 36  ? -0.221  -13.939 -4.723  1.00 26.75  ? 35  ILE A CA  1 
ATOM   283  C C   . ILE A 1 36  ? -0.834  -13.174 -3.544  1.00 25.71  ? 35  ILE A C   1 
ATOM   284  O O   . ILE A 1 36  ? -1.278  -12.036 -3.684  1.00 30.31  ? 35  ILE A O   1 
ATOM   285  C CB  . ILE A 1 36  ? 1.221   -13.427 -5.019  1.00 20.28  ? 35  ILE A CB  1 
ATOM   286  C CG1 . ILE A 1 36  ? 1.915   -14.358 -6.026  1.00 21.45  ? 35  ILE A CG1 1 
ATOM   287  C CG2 . ILE A 1 36  ? 2.039   -13.372 -3.729  1.00 9.31   ? 35  ILE A CG2 1 
ATOM   288  C CD1 . ILE A 1 36  ? 3.315   -13.911 -6.448  1.00 15.23  ? 35  ILE A CD1 1 
ATOM   289  N N   . LYS A 1 37  ? -0.946  -13.844 -2.406  1.00 25.16  ? 36  LYS A N   1 
ATOM   290  C CA  . LYS A 1 37  ? -1.492  -13.223 -1.208  1.00 21.62  ? 36  LYS A CA  1 
ATOM   291  C C   . LYS A 1 37  ? -0.303  -12.655 -0.471  1.00 16.00  ? 36  LYS A C   1 
ATOM   292  O O   . LYS A 1 37  ? 0.275   -13.305 0.385   1.00 18.39  ? 36  LYS A O   1 
ATOM   293  C CB  . LYS A 1 37  ? -2.233  -14.258 -0.357  1.00 23.63  ? 36  LYS A CB  1 
ATOM   294  C CG  . LYS A 1 37  ? -3.757  -14.128 -0.404  1.00 26.43  ? 36  LYS A CG  1 
ATOM   295  C CD  . LYS A 1 37  ? -4.286  -14.258 -1.814  1.00 37.60  ? 36  LYS A CD  1 
ATOM   296  C CE  . LYS A 1 37  ? -5.767  -13.890 -1.913  1.00 50.01  ? 36  LYS A CE  1 
ATOM   297  N NZ  . LYS A 1 37  ? -6.652  -14.787 -1.105  1.00 51.84  ? 36  LYS A NZ  1 
ATOM   298  N N   . GLY A 1 38  ? 0.096   -11.461 -0.882  1.00 19.24  ? 37  GLY A N   1 
ATOM   299  C CA  . GLY A 1 38  ? 1.245   -10.795 -0.297  1.00 21.61  ? 37  GLY A CA  1 
ATOM   300  C C   . GLY A 1 38  ? 1.206   -10.475 1.182   1.00 19.50  ? 37  GLY A C   1 
ATOM   301  O O   . GLY A 1 38  ? 0.142   -10.321 1.777   1.00 23.51  ? 37  GLY A O   1 
ATOM   302  N N   . VAL A 1 39  ? 2.392   -10.354 1.762   1.00 17.43  ? 38  VAL A N   1 
ATOM   303  C CA  . VAL A 1 39  ? 2.555   -10.062 3.175   1.00 17.09  ? 38  VAL A CA  1 
ATOM   304  C C   . VAL A 1 39  ? 3.146   -8.665  3.299   1.00 16.79  ? 38  VAL A C   1 
ATOM   305  O O   . VAL A 1 39  ? 4.018   -8.300  2.521   1.00 22.20  ? 38  VAL A O   1 
ATOM   306  C CB  . VAL A 1 39  ? 3.499   -11.103 3.828   1.00 13.57  ? 38  VAL A CB  1 
ATOM   307  C CG1 . VAL A 1 39  ? 3.895   -10.679 5.226   1.00 15.29  ? 38  VAL A CG1 1 
ATOM   308  C CG2 . VAL A 1 39  ? 2.821   -12.462 3.861   1.00 20.22  ? 38  VAL A CG2 1 
ATOM   309  N N   . SER A 1 40  ? 2.625   -7.872  4.229   1.00 18.33  ? 39  SER A N   1 
ATOM   310  C CA  . SER A 1 40  ? 3.106   -6.508  4.470   1.00 18.81  ? 39  SER A CA  1 
ATOM   311  C C   . SER A 1 40  ? 3.537   -6.374  5.921   1.00 17.35  ? 39  SER A C   1 
ATOM   312  O O   . SER A 1 40  ? 2.815   -6.781  6.826   1.00 23.15  ? 39  SER A O   1 
ATOM   313  C CB  . SER A 1 40  ? 2.007   -5.490  4.166   1.00 13.54  ? 39  SER A CB  1 
ATOM   314  O OG  . SER A 1 40  ? 1.673   -5.500  2.782   1.00 27.39  ? 39  SER A OG  1 
ATOM   315  N N   . GLU A 1 41  ? 4.732   -5.848  6.143   1.00 17.44  ? 40  GLU A N   1 
ATOM   316  C CA  . GLU A 1 41  ? 5.229   -5.679  7.493   1.00 25.74  ? 40  GLU A CA  1 
ATOM   317  C C   . GLU A 1 41  ? 5.432   -4.211  7.807   1.00 26.31  ? 40  GLU A C   1 
ATOM   318  O O   . GLU A 1 41  ? 6.080   -3.492  7.041   1.00 22.74  ? 40  GLU A O   1 
ATOM   319  C CB  . GLU A 1 41  ? 6.528   -6.444  7.679   1.00 32.02  ? 40  GLU A CB  1 
ATOM   320  C CG  . GLU A 1 41  ? 7.066   -6.374  9.097   1.00 55.27  ? 40  GLU A CG  1 
ATOM   321  C CD  . GLU A 1 41  ? 8.104   -7.446  9.405   1.00 68.61  ? 40  GLU A CD  1 
ATOM   322  O OE1 . GLU A 1 41  ? 8.674   -8.036  8.457   1.00 73.41  ? 40  GLU A OE1 1 
ATOM   323  O OE2 . GLU A 1 41  ? 8.346   -7.693  10.612  1.00 78.05  ? 40  GLU A OE2 1 
ATOM   324  N N   . ILE A 1 42  ? 4.853   -3.769  8.920   1.00 21.96  ? 41  ILE A N   1 
ATOM   325  C CA  . ILE A 1 42  ? 4.947   -2.385  9.359   1.00 23.10  ? 41  ILE A CA  1 
ATOM   326  C C   . ILE A 1 42  ? 5.691   -2.235  10.689  1.00 29.24  ? 41  ILE A C   1 
ATOM   327  O O   . ILE A 1 42  ? 5.523   -3.035  11.610  1.00 34.37  ? 41  ILE A O   1 
ATOM   328  C CB  . ILE A 1 42  ? 3.540   -1.766  9.520   1.00 17.79  ? 41  ILE A CB  1 
ATOM   329  C CG1 . ILE A 1 42  ? 2.800   -1.800  8.178   1.00 27.88  ? 41  ILE A CG1 1 
ATOM   330  C CG2 . ILE A 1 42  ? 3.637   -0.335  10.038  1.00 16.56  ? 41  ILE A CG2 1 
ATOM   331  C CD1 . ILE A 1 42  ? 1.355   -1.364  8.255   1.00 30.52  ? 41  ILE A CD1 1 
ATOM   332  N N   . VAL A 1 43  ? 6.548   -1.226  10.761  1.00 33.32  ? 42  VAL A N   1 
ATOM   333  C CA  . VAL A 1 43  ? 7.284   -0.917  11.972  1.00 31.85  ? 42  VAL A CA  1 
ATOM   334  C C   . VAL A 1 43  ? 7.017   0.566   12.144  1.00 33.61  ? 42  VAL A C   1 
ATOM   335  O O   . VAL A 1 43  ? 7.501   1.386   11.365  1.00 33.54  ? 42  VAL A O   1 
ATOM   336  C CB  . VAL A 1 43  ? 8.777   -1.194  11.826  1.00 37.68  ? 42  VAL A CB  1 
ATOM   337  C CG1 . VAL A 1 43  ? 9.491   -0.781  13.091  1.00 39.97  ? 42  VAL A CG1 1 
ATOM   338  C CG2 . VAL A 1 43  ? 9.009   -2.679  11.562  1.00 31.41  ? 42  VAL A CG2 1 
ATOM   339  N N   . HIS A 1 44  ? 6.171   0.885   13.118  1.00 35.56  ? 43  HIS A N   1 
ATOM   340  C CA  . HIS A 1 44  ? 5.737   2.251   13.393  1.00 39.35  ? 43  HIS A CA  1 
ATOM   341  C C   . HIS A 1 44  ? 6.357   2.813   14.658  1.00 42.93  ? 43  HIS A C   1 
ATOM   342  O O   . HIS A 1 44  ? 6.129   2.290   15.746  1.00 43.59  ? 43  HIS A O   1 
ATOM   343  C CB  . HIS A 1 44  ? 4.216   2.251   13.545  1.00 39.08  ? 43  HIS A CB  1 
ATOM   344  C CG  . HIS A 1 44  ? 3.605   3.611   13.639  1.00 45.56  ? 43  HIS A CG  1 
ATOM   345  N ND1 . HIS A 1 44  ? 2.279   3.809   13.968  1.00 43.54  ? 43  HIS A ND1 1 
ATOM   346  C CD2 . HIS A 1 44  ? 4.120   4.840   13.398  1.00 49.85  ? 43  HIS A CD2 1 
ATOM   347  C CE1 . HIS A 1 44  ? 2.004   5.100   13.921  1.00 52.48  ? 43  HIS A CE1 1 
ATOM   348  N NE2 . HIS A 1 44  ? 3.101   5.747   13.578  1.00 52.18  ? 43  HIS A NE2 1 
ATOM   349  N N   . GLU A 1 45  ? 7.108   3.898   14.519  1.00 45.65  ? 44  GLU A N   1 
ATOM   350  C CA  . GLU A 1 45  ? 7.736   4.543   15.665  1.00 51.56  ? 44  GLU A CA  1 
ATOM   351  C C   . GLU A 1 45  ? 7.556   6.058   15.559  1.00 52.96  ? 44  GLU A C   1 
ATOM   352  O O   . GLU A 1 45  ? 8.320   6.738   14.878  1.00 47.24  ? 44  GLU A O   1 
ATOM   353  C CB  . GLU A 1 45  ? 9.219   4.182   15.732  1.00 58.34  ? 44  GLU A CB  1 
ATOM   354  C CG  . GLU A 1 45  ? 9.490   2.684   15.751  1.00 69.30  ? 44  GLU A CG  1 
ATOM   355  C CD  . GLU A 1 45  ? 10.671  2.305   16.632  1.00 79.59  ? 44  GLU A CD  1 
ATOM   356  O OE1 . GLU A 1 45  ? 10.693  2.728   17.814  1.00 84.06  ? 44  GLU A OE1 1 
ATOM   357  O OE2 . GLU A 1 45  ? 11.566  1.573   16.150  1.00 83.60  ? 44  GLU A OE2 1 
ATOM   358  N N   . GLY A 1 46  ? 6.531   6.583   16.225  1.00 53.99  ? 45  GLY A N   1 
ATOM   359  C CA  . GLY A 1 46  ? 6.270   8.010   16.166  1.00 56.30  ? 45  GLY A CA  1 
ATOM   360  C C   . GLY A 1 46  ? 5.765   8.385   14.787  1.00 56.84  ? 45  GLY A C   1 
ATOM   361  O O   . GLY A 1 46  ? 4.746   7.855   14.340  1.00 59.46  ? 45  GLY A O   1 
ATOM   362  N N   . LYS A 1 47  ? 6.452   9.307   14.118  1.00 58.71  ? 46  LYS A N   1 
ATOM   363  C CA  . LYS A 1 47  ? 6.071   9.717   12.763  1.00 57.33  ? 46  LYS A CA  1 
ATOM   364  C C   . LYS A 1 47  ? 6.859   8.905   11.725  1.00 51.45  ? 46  LYS A C   1 
ATOM   365  O O   . LYS A 1 47  ? 6.782   9.168   10.528  1.00 45.49  ? 46  LYS A O   1 
ATOM   366  C CB  . LYS A 1 47  ? 6.333   11.211  12.548  1.00 64.01  ? 46  LYS A CB  1 
ATOM   367  C CG  . LYS A 1 47  ? 5.327   12.149  13.196  1.00 72.67  ? 46  LYS A CG  1 
ATOM   368  C CD  . LYS A 1 47  ? 5.583   13.591  12.751  1.00 81.99  ? 46  LYS A CD  1 
ATOM   369  C CE  . LYS A 1 47  ? 4.467   14.548  13.176  1.00 88.07  ? 46  LYS A CE  1 
ATOM   370  N NZ  . LYS A 1 47  ? 4.418   14.818  14.648  1.00 91.04  ? 46  LYS A NZ  1 
ATOM   371  N N   . LYS A 1 48  ? 7.626   7.931   12.202  1.00 47.06  ? 47  LYS A N   1 
ATOM   372  C CA  . LYS A 1 48  ? 8.444   7.080   11.354  1.00 44.70  ? 47  LYS A CA  1 
ATOM   373  C C   . LYS A 1 48  ? 7.733   5.778   11.040  1.00 45.89  ? 47  LYS A C   1 
ATOM   374  O O   . LYS A 1 48  ? 7.399   4.999   11.940  1.00 46.82  ? 47  LYS A O   1 
ATOM   375  C CB  . LYS A 1 48  ? 9.785   6.791   12.039  1.00 48.76  ? 47  LYS A CB  1 
ATOM   376  C CG  . LYS A 1 48  ? 10.651  5.712   11.378  1.00 57.38  ? 47  LYS A CG  1 
ATOM   377  C CD  . LYS A 1 48  ? 11.794  6.293   10.545  1.00 67.59  ? 47  LYS A CD  1 
ATOM   378  C CE  . LYS A 1 48  ? 11.303  7.049   9.319   1.00 75.24  ? 47  LYS A CE  1 
ATOM   379  N NZ  . LYS A 1 48  ? 10.484  6.185   8.417   1.00 78.81  ? 47  LYS A NZ  1 
ATOM   380  N N   . VAL A 1 49  ? 7.495   5.551   9.756   1.00 46.68  ? 48  VAL A N   1 
ATOM   381  C CA  . VAL A 1 49  ? 6.842   4.336   9.308   1.00 45.75  ? 48  VAL A CA  1 
ATOM   382  C C   . VAL A 1 49  ? 7.793   3.600   8.381   1.00 42.94  ? 48  VAL A C   1 
ATOM   383  O O   . VAL A 1 49  ? 8.225   4.142   7.362   1.00 41.37  ? 48  VAL A O   1 
ATOM   384  C CB  . VAL A 1 49  ? 5.530   4.639   8.550   1.00 46.54  ? 48  VAL A CB  1 
ATOM   385  C CG1 . VAL A 1 49  ? 4.836   3.340   8.174   1.00 41.03  ? 48  VAL A CG1 1 
ATOM   386  C CG2 . VAL A 1 49  ? 4.616   5.515   9.399   1.00 44.01  ? 48  VAL A CG2 1 
ATOM   387  N N   . LYS A 1 50  ? 8.154   2.388   8.776   1.00 41.68  ? 49  LYS A N   1 
ATOM   388  C CA  . LYS A 1 50  ? 9.043   1.533   8.003   1.00 43.36  ? 49  LYS A CA  1 
ATOM   389  C C   . LYS A 1 50  ? 8.132   0.460   7.395   1.00 38.21  ? 49  LYS A C   1 
ATOM   390  O O   . LYS A 1 50  ? 7.573   -0.351  8.125   1.00 39.97  ? 49  LYS A O   1 
ATOM   391  C CB  . LYS A 1 50  ? 10.056  0.898   8.949   1.00 51.92  ? 49  LYS A CB  1 
ATOM   392  C CG  . LYS A 1 50  ? 11.372  0.523   8.315   1.00 66.72  ? 49  LYS A CG  1 
ATOM   393  C CD  . LYS A 1 50  ? 12.334  -0.026  9.363   1.00 77.82  ? 49  LYS A CD  1 
ATOM   394  C CE  . LYS A 1 50  ? 12.590  0.977   10.489  1.00 82.04  ? 49  LYS A CE  1 
ATOM   395  N NZ  . LYS A 1 50  ? 13.408  0.385   11.595  1.00 84.07  ? 49  LYS A NZ  1 
ATOM   396  N N   . LEU A 1 51  ? 7.968   0.477   6.073   1.00 33.97  ? 50  LEU A N   1 
ATOM   397  C CA  . LEU A 1 51  ? 7.089   -0.460  5.364   1.00 30.42  ? 50  LEU A CA  1 
ATOM   398  C C   . LEU A 1 51  ? 7.764   -1.456  4.399   1.00 29.14  ? 50  LEU A C   1 
ATOM   399  O O   . LEU A 1 51  ? 8.479   -1.062  3.479   1.00 35.37  ? 50  LEU A O   1 
ATOM   400  C CB  . LEU A 1 51  ? 6.032   0.347   4.598   1.00 34.26  ? 50  LEU A CB  1 
ATOM   401  C CG  . LEU A 1 51  ? 5.094   -0.399  3.646   1.00 32.31  ? 50  LEU A CG  1 
ATOM   402  C CD1 . LEU A 1 51  ? 4.272   -1.415  4.423   1.00 35.22  ? 50  LEU A CD1 1 
ATOM   403  C CD2 . LEU A 1 51  ? 4.188   0.598   2.939   1.00 38.19  ? 50  LEU A CD2 1 
ATOM   404  N N   . THR A 1 52  ? 7.474   -2.740  4.565   1.00 29.24  ? 51  THR A N   1 
ATOM   405  C CA  . THR A 1 52  ? 8.037   -3.768  3.698   1.00 24.66  ? 51  THR A CA  1 
ATOM   406  C C   . THR A 1 52  ? 6.932   -4.663  3.118   1.00 27.18  ? 51  THR A C   1 
ATOM   407  O O   . THR A 1 52  ? 6.134   -5.225  3.859   1.00 29.57  ? 51  THR A O   1 
ATOM   408  C CB  . THR A 1 52  ? 9.066   -4.623  4.465   1.00 27.98  ? 51  THR A CB  1 
ATOM   409  O OG1 . THR A 1 52  ? 10.153  -3.789  4.878   1.00 37.46  ? 51  THR A OG1 1 
ATOM   410  C CG2 . THR A 1 52  ? 9.598   -5.756  3.603   1.00 22.54  ? 51  THR A CG2 1 
ATOM   411  N N   . ILE A 1 53  ? 6.874   -4.752  1.788   1.00 25.92  ? 52  ILE A N   1 
ATOM   412  C CA  . ILE A 1 53  ? 5.886   -5.572  1.090   1.00 22.14  ? 52  ILE A CA  1 
ATOM   413  C C   . ILE A 1 53  ? 6.590   -6.698  0.330   1.00 23.49  ? 52  ILE A C   1 
ATOM   414  O O   . ILE A 1 53  ? 7.531   -6.461  -0.442  1.00 18.97  ? 52  ILE A O   1 
ATOM   415  C CB  . ILE A 1 53  ? 5.021   -4.723  0.124   1.00 20.41  ? 52  ILE A CB  1 
ATOM   416  C CG1 . ILE A 1 53  ? 4.259   -3.659  0.926   1.00 24.41  ? 52  ILE A CG1 1 
ATOM   417  C CG2 . ILE A 1 53  ? 4.030   -5.610  -0.627  1.00 24.90  ? 52  ILE A CG2 1 
ATOM   418  C CD1 . ILE A 1 53  ? 3.495   -2.648  0.094   1.00 32.66  ? 52  ILE A CD1 1 
ATOM   419  N N   . THR A 1 54  ? 6.170   -7.927  0.610   1.00 22.28  ? 53  THR A N   1 
ATOM   420  C CA  . THR A 1 54  ? 6.747   -9.107  -0.011  1.00 21.47  ? 53  THR A CA  1 
ATOM   421  C C   . THR A 1 54  ? 5.721   -9.868  -0.830  1.00 24.89  ? 53  THR A C   1 
ATOM   422  O O   . THR A 1 54  ? 4.677   -10.275 -0.317  1.00 26.00  ? 53  THR A O   1 
ATOM   423  C CB  . THR A 1 54  ? 7.325   -10.042 1.049   1.00 18.00  ? 53  THR A CB  1 
ATOM   424  O OG1 . THR A 1 54  ? 8.252   -9.316  1.863   1.00 20.98  ? 53  THR A OG1 1 
ATOM   425  C CG2 . THR A 1 54  ? 8.047   -11.197 0.395   1.00 21.09  ? 53  THR A CG2 1 
ATOM   426  N N   . TYR A 1 55  ? 6.007   -10.025 -2.114  1.00 25.60  ? 54  TYR A N   1 
ATOM   427  C CA  . TYR A 1 55  ? 5.136   -10.747 -3.019  1.00 24.35  ? 54  TYR A CA  1 
ATOM   428  C C   . TYR A 1 55  ? 5.960   -11.866 -3.616  1.00 26.40  ? 54  TYR A C   1 
ATOM   429  O O   . TYR A 1 55  ? 6.645   -11.685 -4.621  1.00 27.00  ? 54  TYR A O   1 
ATOM   430  C CB  . TYR A 1 55  ? 4.593   -9.825  -4.110  1.00 20.35  ? 54  TYR A CB  1 
ATOM   431  C CG  . TYR A 1 55  ? 3.188   -9.357  -3.837  1.00 18.07  ? 54  TYR A CG  1 
ATOM   432  C CD1 . TYR A 1 55  ? 2.931   -8.337  -2.911  1.00 22.97  ? 54  TYR A CD1 1 
ATOM   433  C CD2 . TYR A 1 55  ? 2.105   -9.944  -4.491  1.00 25.00  ? 54  TYR A CD2 1 
ATOM   434  C CE1 . TYR A 1 55  ? 1.622   -7.914  -2.647  1.00 16.93  ? 54  TYR A CE1 1 
ATOM   435  C CE2 . TYR A 1 55  ? 0.801   -9.531  -4.236  1.00 26.18  ? 54  TYR A CE2 1 
ATOM   436  C CZ  . TYR A 1 55  ? 0.567   -8.515  -3.316  1.00 27.59  ? 54  TYR A CZ  1 
ATOM   437  O OH  . TYR A 1 55  ? -0.719  -8.100  -3.097  1.00 34.19  ? 54  TYR A OH  1 
ATOM   438  N N   . GLY A 1 56  ? 5.914   -13.017 -2.959  1.00 23.99  ? 55  GLY A N   1 
ATOM   439  C CA  . GLY A 1 56  ? 6.673   -14.154 -3.415  1.00 29.47  ? 55  GLY A CA  1 
ATOM   440  C C   . GLY A 1 56  ? 8.137   -13.819 -3.286  1.00 34.33  ? 55  GLY A C   1 
ATOM   441  O O   . GLY A 1 56  ? 8.643   -13.629 -2.179  1.00 37.94  ? 55  GLY A O   1 
ATOM   442  N N   . SER A 1 57  ? 8.804   -13.675 -4.420  1.00 39.59  ? 56  SER A N   1 
ATOM   443  C CA  . SER A 1 57  ? 10.222  -13.360 -4.417  1.00 45.01  ? 56  SER A CA  1 
ATOM   444  C C   . SER A 1 57  ? 10.516  -11.873 -4.591  1.00 43.97  ? 56  SER A C   1 
ATOM   445  O O   . SER A 1 57  ? 11.674  -11.461 -4.479  1.00 45.72  ? 56  SER A O   1 
ATOM   446  C CB  . SER A 1 57  ? 10.956  -14.204 -5.466  1.00 46.49  ? 56  SER A CB  1 
ATOM   447  O OG  . SER A 1 57  ? 10.256  -14.236 -6.698  1.00 55.94  ? 56  SER A OG  1 
ATOM   448  N N   . LYS A 1 58  ? 9.484   -11.075 -4.868  1.00 39.04  ? 57  LYS A N   1 
ATOM   449  C CA  . LYS A 1 58  ? 9.653   -9.634  -5.028  1.00 39.67  ? 57  LYS A CA  1 
ATOM   450  C C   . LYS A 1 58  ? 9.395   -8.900  -3.713  1.00 39.71  ? 57  LYS A C   1 
ATOM   451  O O   . LYS A 1 58  ? 8.351   -9.086  -3.085  1.00 35.54  ? 57  LYS A O   1 
ATOM   452  C CB  . LYS A 1 58  ? 8.744   -9.085  -6.128  1.00 45.98  ? 57  LYS A CB  1 
ATOM   453  C CG  . LYS A 1 58  ? 8.943   -7.592  -6.377  1.00 54.94  ? 57  LYS A CG  1 
ATOM   454  C CD  . LYS A 1 58  ? 8.370   -7.153  -7.719  1.00 70.40  ? 57  LYS A CD  1 
ATOM   455  C CE  . LYS A 1 58  ? 8.664   -5.679  -7.984  1.00 79.11  ? 57  LYS A CE  1 
ATOM   456  N NZ  . LYS A 1 58  ? 8.257   -5.230  -9.354  1.00 86.24  ? 57  LYS A NZ  1 
ATOM   457  N N   . VAL A 1 59  ? 10.346  -8.054  -3.321  1.00 36.55  ? 58  VAL A N   1 
ATOM   458  C CA  . VAL A 1 59  ? 10.283  -7.287  -2.081  1.00 33.56  ? 58  VAL A CA  1 
ATOM   459  C C   . VAL A 1 59  ? 10.508  -5.805  -2.353  1.00 31.70  ? 58  VAL A C   1 
ATOM   460  O O   . VAL A 1 59  ? 11.358  -5.442  -3.156  1.00 36.11  ? 58  VAL A O   1 
ATOM   461  C CB  . VAL A 1 59  ? 11.394  -7.746  -1.112  1.00 32.72  ? 58  VAL A CB  1 
ATOM   462  C CG1 . VAL A 1 59  ? 11.334  -6.974  0.199   1.00 28.64  ? 58  VAL A CG1 1 
ATOM   463  C CG2 . VAL A 1 59  ? 11.286  -9.228  -0.866  1.00 42.03  ? 58  VAL A CG2 1 
ATOM   464  N N   . ILE A 1 60  ? 9.765   -4.954  -1.659  1.00 31.61  ? 59  ILE A N   1 
ATOM   465  C CA  . ILE A 1 60  ? 9.895   -3.510  -1.801  1.00 27.82  ? 59  ILE A CA  1 
ATOM   466  C C   . ILE A 1 60  ? 10.018  -2.899  -0.413  1.00 24.11  ? 59  ILE A C   1 
ATOM   467  O O   . ILE A 1 60  ? 9.222   -3.188  0.474   1.00 23.58  ? 59  ILE A O   1 
ATOM   468  C CB  . ILE A 1 60  ? 8.665   -2.899  -2.503  1.00 32.44  ? 59  ILE A CB  1 
ATOM   469  C CG1 . ILE A 1 60  ? 8.488   -3.516  -3.893  1.00 39.62  ? 59  ILE A CG1 1 
ATOM   470  C CG2 . ILE A 1 60  ? 8.821   -1.392  -2.632  1.00 34.05  ? 59  ILE A CG2 1 
ATOM   471  C CD1 . ILE A 1 60  ? 7.200   -3.104  -4.595  1.00 40.04  ? 59  ILE A CD1 1 
ATOM   472  N N   . HIS A 1 61  ? 11.034  -2.073  -0.216  1.00 33.42  ? 60  HIS A N   1 
ATOM   473  C CA  . HIS A 1 61  ? 11.248  -1.425  1.068   1.00 33.04  ? 60  HIS A CA  1 
ATOM   474  C C   . HIS A 1 61  ? 10.922  0.053   0.945   1.00 32.95  ? 60  HIS A C   1 
ATOM   475  O O   . HIS A 1 61  ? 11.339  0.698   -0.010  1.00 37.26  ? 60  HIS A O   1 
ATOM   476  C CB  . HIS A 1 61  ? 12.701  -1.576  1.512   1.00 37.08  ? 60  HIS A CB  1 
ATOM   477  C CG  . HIS A 1 61  ? 13.126  -2.992  1.726   1.00 46.81  ? 60  HIS A CG  1 
ATOM   478  N ND1 . HIS A 1 61  ? 12.976  -3.637  2.936   1.00 51.60  ? 60  HIS A ND1 1 
ATOM   479  C CD2 . HIS A 1 61  ? 13.685  -3.893  0.883   1.00 52.05  ? 60  HIS A CD2 1 
ATOM   480  C CE1 . HIS A 1 61  ? 13.423  -4.880  2.827   1.00 52.85  ? 60  HIS A CE1 1 
ATOM   481  N NE2 . HIS A 1 61  ? 13.856  -5.057  1.592   1.00 55.65  ? 60  HIS A NE2 1 
ATOM   482  N N   . ASN A 1 62  ? 10.164  0.580   1.899   1.00 29.25  ? 61  ASN A N   1 
ATOM   483  C CA  . ASN A 1 62  ? 9.800   1.988   1.901   1.00 30.09  ? 61  ASN A CA  1 
ATOM   484  C C   . ASN A 1 62  ? 9.857   2.474   3.330   1.00 33.81  ? 61  ASN A C   1 
ATOM   485  O O   . ASN A 1 62  ? 9.625   1.707   4.257   1.00 35.90  ? 61  ASN A O   1 
ATOM   486  C CB  . ASN A 1 62  ? 8.413   2.215   1.313   1.00 30.45  ? 61  ASN A CB  1 
ATOM   487  C CG  . ASN A 1 62  ? 8.440   2.402   -0.199  1.00 39.33  ? 61  ASN A CG  1 
ATOM   488  O OD1 . ASN A 1 62  ? 9.055   3.338   -0.708  1.00 38.05  ? 61  ASN A OD1 1 
ATOM   489  N ND2 . ASN A 1 62  ? 7.751   1.525   -0.922  1.00 35.78  ? 61  ASN A ND2 1 
ATOM   490  N N   . GLU A 1 63  ? 10.213  3.739   3.507   1.00 38.19  ? 62  GLU A N   1 
ATOM   491  C CA  . GLU A 1 63  ? 10.344  4.327   4.828   1.00 45.17  ? 62  GLU A CA  1 
ATOM   492  C C   . GLU A 1 63  ? 10.008  5.793   4.663   1.00 47.09  ? 62  GLU A C   1 
ATOM   493  O O   . GLU A 1 63  ? 10.473  6.427   3.719   1.00 53.86  ? 62  GLU A O   1 
ATOM   494  C CB  . GLU A 1 63  ? 11.789  4.189   5.305   1.00 50.06  ? 62  GLU A CB  1 
ATOM   495  C CG  . GLU A 1 63  ? 11.944  3.854   6.773   1.00 72.27  ? 62  GLU A CG  1 
ATOM   496  C CD  . GLU A 1 63  ? 13.390  3.574   7.161   1.00 80.94  ? 62  GLU A CD  1 
ATOM   497  O OE1 . GLU A 1 63  ? 13.845  2.417   6.993   1.00 83.59  ? 62  GLU A OE1 1 
ATOM   498  O OE2 . GLU A 1 63  ? 14.071  4.510   7.635   1.00 86.44  ? 62  GLU A OE2 1 
ATOM   499  N N   . PHE A 1 64  ? 9.176   6.323   5.549   1.00 43.74  ? 63  PHE A N   1 
ATOM   500  C CA  . PHE A 1 64  ? 8.791   7.728   5.470   1.00 40.53  ? 63  PHE A CA  1 
ATOM   501  C C   . PHE A 1 64  ? 8.328   8.285   6.810   1.00 40.10  ? 63  PHE A C   1 
ATOM   502  O O   . PHE A 1 64  ? 8.038   7.532   7.752   1.00 36.08  ? 63  PHE A O   1 
ATOM   503  C CB  . PHE A 1 64  ? 7.706   7.943   4.404   1.00 43.03  ? 63  PHE A CB  1 
ATOM   504  C CG  . PHE A 1 64  ? 6.523   7.028   4.546   1.00 46.24  ? 63  PHE A CG  1 
ATOM   505  C CD1 . PHE A 1 64  ? 5.471   7.353   5.405   1.00 44.54  ? 63  PHE A CD1 1 
ATOM   506  C CD2 . PHE A 1 64  ? 6.459   5.838   3.823   1.00 43.70  ? 63  PHE A CD2 1 
ATOM   507  C CE1 . PHE A 1 64  ? 4.376   6.511   5.543   1.00 46.90  ? 63  PHE A CE1 1 
ATOM   508  C CE2 . PHE A 1 64  ? 5.364   4.983   3.952   1.00 48.39  ? 63  PHE A CE2 1 
ATOM   509  C CZ  . PHE A 1 64  ? 4.319   5.320   4.816   1.00 49.46  ? 63  PHE A CZ  1 
ATOM   510  N N   . THR A 1 65  ? 8.320   9.609   6.898   1.00 40.36  ? 64  THR A N   1 
ATOM   511  C CA  . THR A 1 65  ? 7.900   10.300  8.103   1.00 38.11  ? 64  THR A CA  1 
ATOM   512  C C   . THR A 1 65  ? 6.576   10.998  7.836   1.00 34.45  ? 64  THR A C   1 
ATOM   513  O O   . THR A 1 65  ? 6.428   11.732  6.858   1.00 28.55  ? 64  THR A O   1 
ATOM   514  C CB  . THR A 1 65  ? 8.972   11.292  8.562   1.00 38.31  ? 64  THR A CB  1 
ATOM   515  O OG1 . THR A 1 65  ? 10.178  10.569  8.839   1.00 43.26  ? 64  THR A OG1 1 
ATOM   516  C CG2 . THR A 1 65  ? 8.531   12.016  9.817   1.00 40.85  ? 64  THR A CG2 1 
ATOM   517  N N   . LEU A 1 66  ? 5.595   10.689  8.672   1.00 37.47  ? 65  LEU A N   1 
ATOM   518  C CA  . LEU A 1 66  ? 4.261   11.255  8.551   1.00 41.76  ? 65  LEU A CA  1 
ATOM   519  C C   . LEU A 1 66  ? 4.334   12.776  8.477   1.00 43.06  ? 65  LEU A C   1 
ATOM   520  O O   . LEU A 1 66  ? 4.992   13.413  9.304   1.00 42.64  ? 65  LEU A O   1 
ATOM   521  C CB  . LEU A 1 66  ? 3.399   10.799  9.735   1.00 40.81  ? 65  LEU A CB  1 
ATOM   522  C CG  . LEU A 1 66  ? 3.213   9.281   9.864   1.00 42.18  ? 65  LEU A CG  1 
ATOM   523  C CD1 . LEU A 1 66  ? 2.628   8.922   11.215  1.00 42.74  ? 65  LEU A CD1 1 
ATOM   524  C CD2 . LEU A 1 66  ? 2.317   8.774   8.742   1.00 38.25  ? 65  LEU A CD2 1 
ATOM   525  N N   . GLY A 1 67  ? 3.716   13.342  7.446   1.00 45.49  ? 66  GLY A N   1 
ATOM   526  C CA  . GLY A 1 67  ? 3.713   14.784  7.276   1.00 53.77  ? 66  GLY A CA  1 
ATOM   527  C C   . GLY A 1 67  ? 4.824   15.315  6.387   1.00 57.71  ? 66  GLY A C   1 
ATOM   528  O O   . GLY A 1 67  ? 4.674   16.374  5.772   1.00 59.15  ? 66  GLY A O   1 
ATOM   529  N N   . GLU A 1 68  ? 5.930   14.578  6.312   1.00 62.31  ? 67  GLU A N   1 
ATOM   530  C CA  . GLU A 1 68  ? 7.080   14.960  5.498   1.00 65.64  ? 67  GLU A CA  1 
ATOM   531  C C   . GLU A 1 68  ? 6.974   14.471  4.057   1.00 65.34  ? 67  GLU A C   1 
ATOM   532  O O   . GLU A 1 68  ? 6.405   13.410  3.785   1.00 64.40  ? 67  GLU A O   1 
ATOM   533  C CB  . GLU A 1 68  ? 8.356   14.376  6.098   1.00 73.06  ? 67  GLU A CB  1 
ATOM   534  C CG  . GLU A 1 68  ? 9.253   15.354  6.814   1.00 86.29  ? 67  GLU A CG  1 
ATOM   535  C CD  . GLU A 1 68  ? 10.607  14.738  7.120   1.00 94.82  ? 67  GLU A CD  1 
ATOM   536  O OE1 . GLU A 1 68  ? 11.446  14.650  6.194   1.00 96.46  ? 67  GLU A OE1 1 
ATOM   537  O OE2 . GLU A 1 68  ? 10.826  14.319  8.276   1.00 100.99 ? 67  GLU A OE2 1 
ATOM   538  N N   . GLU A 1 69  ? 7.523   15.248  3.131   1.00 65.15  ? 68  GLU A N   1 
ATOM   539  C CA  . GLU A 1 69  ? 7.510   14.845  1.734   1.00 64.31  ? 68  GLU A CA  1 
ATOM   540  C C   . GLU A 1 69  ? 8.664   13.887  1.591   1.00 62.45  ? 68  GLU A C   1 
ATOM   541  O O   . GLU A 1 69  ? 9.792   14.223  1.942   1.00 68.97  ? 68  GLU A O   1 
ATOM   542  C CB  . GLU A 1 69  ? 7.714   16.035  0.795   1.00 66.45  ? 68  GLU A CB  1 
ATOM   543  C CG  . GLU A 1 69  ? 7.763   15.625  -0.671  1.00 71.96  ? 68  GLU A CG  1 
ATOM   544  C CD  . GLU A 1 69  ? 7.587   16.791  -1.619  1.00 77.69  ? 68  GLU A CD  1 
ATOM   545  O OE1 . GLU A 1 69  ? 6.442   17.274  -1.763  1.00 78.95  ? 68  GLU A OE1 1 
ATOM   546  O OE2 . GLU A 1 69  ? 8.592   17.217  -2.231  1.00 79.55  ? 68  GLU A OE2 1 
HETATM 547  N N   . SMC A 1 70  ? 8.377   12.676  1.137   1.00 61.94  ? 69  SMC A N   1 
HETATM 548  C CA  . SMC A 1 70  ? 9.416   11.674  0.960   1.00 60.98  ? 69  SMC A CA  1 
HETATM 549  C CB  . SMC A 1 70  ? 9.297   10.581  2.031   1.00 66.41  ? 69  SMC A CB  1 
HETATM 550  S SG  . SMC A 1 70  ? 9.281   11.165  3.763   1.00 77.22  ? 69  SMC A SG  1 
HETATM 551  C CS  . SMC A 1 70  ? 10.923  10.628  4.353   1.00 67.22  ? 69  SMC A CS  1 
HETATM 552  C C   . SMC A 1 70  ? 9.336   11.066  -0.437  1.00 56.74  ? 69  SMC A C   1 
HETATM 553  O O   . SMC A 1 70  ? 8.458   11.409  -1.238  1.00 45.21  ? 69  SMC A O   1 
ATOM   554  N N   . GLU A 1 71  ? 10.284  10.189  -0.736  1.00 58.37  ? 70  GLU A N   1 
ATOM   555  C CA  . GLU A 1 71  ? 10.310  9.526   -2.025  1.00 59.72  ? 70  GLU A CA  1 
ATOM   556  C C   . GLU A 1 71  ? 9.791   8.110   -1.811  1.00 53.98  ? 70  GLU A C   1 
ATOM   557  O O   . GLU A 1 71  ? 10.327  7.357   -0.998  1.00 51.77  ? 70  GLU A O   1 
ATOM   558  C CB  . GLU A 1 71  ? 11.732  9.525   -2.601  1.00 69.87  ? 70  GLU A CB  1 
ATOM   559  C CG  . GLU A 1 71  ? 11.794  9.187   -4.094  1.00 87.05  ? 70  GLU A CG  1 
ATOM   560  C CD  . GLU A 1 71  ? 12.705  10.122  -4.899  1.00 93.01  ? 70  GLU A CD  1 
ATOM   561  O OE1 . GLU A 1 71  ? 13.945  10.039  -4.740  1.00 97.35  ? 70  GLU A OE1 1 
ATOM   562  O OE2 . GLU A 1 71  ? 12.180  10.927  -5.707  1.00 91.82  ? 70  GLU A OE2 1 
ATOM   563  N N   . LEU A 1 72  ? 8.666   7.804   -2.445  1.00 49.99  ? 71  LEU A N   1 
ATOM   564  C CA  . LEU A 1 72  ? 8.054   6.490   -2.343  1.00 46.51  ? 71  LEU A CA  1 
ATOM   565  C C   . LEU A 1 72  ? 8.396   5.674   -3.571  1.00 45.62  ? 71  LEU A C   1 
ATOM   566  O O   . LEU A 1 72  ? 8.411   6.192   -4.692  1.00 45.62  ? 71  LEU A O   1 
ATOM   567  C CB  . LEU A 1 72  ? 6.528   6.608   -2.223  1.00 45.85  ? 71  LEU A CB  1 
ATOM   568  C CG  . LEU A 1 72  ? 5.994   7.249   -0.937  1.00 48.61  ? 71  LEU A CG  1 
ATOM   569  C CD1 . LEU A 1 72  ? 4.524   7.608   -1.088  1.00 48.98  ? 71  LEU A CD1 1 
ATOM   570  C CD2 . LEU A 1 72  ? 6.223   6.320   0.246   1.00 35.31  ? 71  LEU A CD2 1 
ATOM   571  N N   . GLU A 1 73  ? 8.690   4.400   -3.354  1.00 40.49  ? 72  GLU A N   1 
ATOM   572  C CA  . GLU A 1 73  ? 9.003   3.499   -4.440  1.00 33.88  ? 72  GLU A CA  1 
ATOM   573  C C   . GLU A 1 73  ? 7.721   2.745   -4.806  1.00 37.30  ? 72  GLU A C   1 
ATOM   574  O O   . GLU A 1 73  ? 7.104   2.093   -3.957  1.00 40.54  ? 72  GLU A O   1 
ATOM   575  C CB  . GLU A 1 73  ? 10.093  2.527   -4.000  1.00 26.30  ? 72  GLU A CB  1 
ATOM   576  C CG  . GLU A 1 73  ? 10.793  1.847   -5.145  1.00 23.21  ? 72  GLU A CG  1 
ATOM   577  C CD  . GLU A 1 73  ? 11.798  0.819   -4.686  1.00 30.35  ? 72  GLU A CD  1 
ATOM   578  O OE1 . GLU A 1 73  ? 12.167  0.812   -3.494  1.00 24.96  ? 72  GLU A OE1 1 
ATOM   579  O OE2 . GLU A 1 73  ? 12.218  0.008   -5.530  1.00 37.39  ? 72  GLU A OE2 1 
ATOM   580  N N   . THR A 1 74  ? 7.274   2.902   -6.046  1.00 40.41  ? 73  THR A N   1 
ATOM   581  C CA  . THR A 1 74  ? 6.063   2.232   -6.500  1.00 33.59  ? 73  THR A CA  1 
ATOM   582  C C   . THR A 1 74  ? 6.428   0.795   -6.847  1.00 33.34  ? 73  THR A C   1 
ATOM   583  O O   . THR A 1 74  ? 7.598   0.433   -6.787  1.00 33.72  ? 73  THR A O   1 
ATOM   584  C CB  . THR A 1 74  ? 5.470   2.933   -7.727  1.00 33.18  ? 73  THR A CB  1 
ATOM   585  O OG1 . THR A 1 74  ? 6.347   2.758   -8.846  1.00 38.67  ? 73  THR A OG1 1 
ATOM   586  C CG2 . THR A 1 74  ? 5.302   4.416   -7.451  1.00 33.47  ? 73  THR A CG2 1 
ATOM   587  N N   . MET A 1 75  ? 5.441   -0.009  -7.232  1.00 38.60  ? 74  MET A N   1 
ATOM   588  C CA  . MET A 1 75  ? 5.679   -1.408  -7.577  1.00 46.99  ? 74  MET A CA  1 
ATOM   589  C C   . MET A 1 75  ? 6.370   -1.610  -8.918  1.00 51.80  ? 74  MET A C   1 
ATOM   590  O O   . MET A 1 75  ? 6.852   -2.705  -9.208  1.00 56.15  ? 74  MET A O   1 
ATOM   591  C CB  . MET A 1 75  ? 4.381   -2.212  -7.554  1.00 54.21  ? 74  MET A CB  1 
ATOM   592  C CG  . MET A 1 75  ? 3.340   -1.771  -8.573  1.00 66.07  ? 74  MET A CG  1 
ATOM   593  S SD  . MET A 1 75  ? 2.425   -0.297  -8.068  1.00 76.60  ? 74  MET A SD  1 
ATOM   594  C CE  . MET A 1 75  ? 2.542   0.725   -9.544  1.00 76.17  ? 74  MET A CE  1 
ATOM   595  N N   . THR A 1 76  ? 6.394   -0.569  -9.745  1.00 53.32  ? 75  THR A N   1 
ATOM   596  C CA  . THR A 1 76  ? 7.040   -0.652  -11.055 1.00 54.46  ? 75  THR A CA  1 
ATOM   597  C C   . THR A 1 76  ? 8.546   -0.431  -10.922 1.00 58.34  ? 75  THR A C   1 
ATOM   598  O O   . THR A 1 76  ? 9.334   -0.881  -11.760 1.00 58.44  ? 75  THR A O   1 
ATOM   599  C CB  . THR A 1 76  ? 6.499   0.412   -12.015 1.00 55.17  ? 75  THR A CB  1 
ATOM   600  O OG1 . THR A 1 76  ? 6.773   1.718   -11.484 1.00 59.44  ? 75  THR A OG1 1 
ATOM   601  C CG2 . THR A 1 76  ? 4.997   0.248   -12.205 1.00 53.67  ? 75  THR A CG2 1 
ATOM   602  N N   . GLY A 1 77  ? 8.927   0.289   -9.868  1.00 61.04  ? 76  GLY A N   1 
ATOM   603  C CA  . GLY A 1 77  ? 10.325  0.600   -9.617  1.00 56.87  ? 76  GLY A CA  1 
ATOM   604  C C   . GLY A 1 77  ? 10.531  2.105   -9.618  1.00 55.35  ? 76  GLY A C   1 
ATOM   605  O O   . GLY A 1 77  ? 11.542  2.621   -9.122  1.00 49.48  ? 76  GLY A O   1 
ATOM   606  N N   . GLU A 1 78  ? 9.563   2.807   -10.205 1.00 51.77  ? 77  GLU A N   1 
ATOM   607  C CA  . GLU A 1 78  ? 9.577   4.258   -10.304 1.00 48.58  ? 77  GLU A CA  1 
ATOM   608  C C   . GLU A 1 78  ? 9.555   4.843   -8.907  1.00 47.98  ? 77  GLU A C   1 
ATOM   609  O O   . GLU A 1 78  ? 9.026   4.226   -7.976  1.00 49.66  ? 77  GLU A O   1 
ATOM   610  C CB  . GLU A 1 78  ? 8.341   4.721   -11.082 1.00 53.37  ? 77  GLU A CB  1 
ATOM   611  C CG  . GLU A 1 78  ? 8.173   6.230   -11.229 1.00 65.20  ? 77  GLU A CG  1 
ATOM   612  C CD  . GLU A 1 78  ? 6.972   6.618   -12.097 1.00 72.20  ? 77  GLU A CD  1 
ATOM   613  O OE1 . GLU A 1 78  ? 6.446   5.753   -12.835 1.00 73.35  ? 77  GLU A OE1 1 
ATOM   614  O OE2 . GLU A 1 78  ? 6.559   7.800   -12.051 1.00 75.80  ? 77  GLU A OE2 1 
ATOM   615  N N   . LYS A 1 79  ? 10.158  6.012   -8.749  1.00 44.39  ? 78  LYS A N   1 
ATOM   616  C CA  . LYS A 1 79  ? 10.167  6.672   -7.453  1.00 48.31  ? 78  LYS A CA  1 
ATOM   617  C C   . LYS A 1 79  ? 9.442   8.006   -7.574  1.00 51.98  ? 78  LYS A C   1 
ATOM   618  O O   . LYS A 1 79  ? 9.569   8.702   -8.588  1.00 52.56  ? 78  LYS A O   1 
ATOM   619  C CB  . LYS A 1 79  ? 11.593  6.834   -6.920  1.00 40.49  ? 78  LYS A CB  1 
ATOM   620  C CG  . LYS A 1 79  ? 12.175  5.529   -6.409  1.00 29.99  ? 78  LYS A CG  1 
ATOM   621  C CD  . LYS A 1 79  ? 13.573  5.675   -5.853  1.00 30.46  ? 78  LYS A CD  1 
ATOM   622  C CE  . LYS A 1 79  ? 14.101  4.311   -5.426  1.00 32.92  ? 78  LYS A CE  1 
ATOM   623  N NZ  . LYS A 1 79  ? 15.526  4.338   -4.962  1.00 27.00  ? 78  LYS A NZ  1 
ATOM   624  N N   . VAL A 1 80  ? 8.626   8.314   -6.569  1.00 52.36  ? 79  VAL A N   1 
ATOM   625  C CA  . VAL A 1 80  ? 7.835   9.543   -6.542  1.00 50.70  ? 79  VAL A CA  1 
ATOM   626  C C   . VAL A 1 80  ? 7.983   10.236  -5.203  1.00 51.65  ? 79  VAL A C   1 
ATOM   627  O O   . VAL A 1 80  ? 8.452   9.639   -4.238  1.00 50.24  ? 79  VAL A O   1 
ATOM   628  C CB  . VAL A 1 80  ? 6.330   9.252   -6.764  1.00 46.46  ? 79  VAL A CB  1 
ATOM   629  C CG1 . VAL A 1 80  ? 6.102   8.654   -8.142  1.00 47.25  ? 79  VAL A CG1 1 
ATOM   630  C CG2 . VAL A 1 80  ? 5.803   8.314   -5.678  1.00 47.75  ? 79  VAL A CG2 1 
ATOM   631  N N   . LYS A 1 81  ? 7.592   11.499  -5.149  1.00 54.09  ? 80  LYS A N   1 
ATOM   632  C CA  . LYS A 1 81  ? 7.665   12.262  -3.910  1.00 56.74  ? 80  LYS A CA  1 
ATOM   633  C C   . LYS A 1 81  ? 6.231   12.446  -3.437  1.00 52.31  ? 80  LYS A C   1 
ATOM   634  O O   . LYS A 1 81  ? 5.321   12.583  -4.256  1.00 52.84  ? 80  LYS A O   1 
ATOM   635  C CB  . LYS A 1 81  ? 8.346   13.614  -4.145  1.00 59.34  ? 80  LYS A CB  1 
ATOM   636  C CG  . LYS A 1 81  ? 9.734   13.490  -4.778  1.00 68.49  ? 80  LYS A CG  1 
ATOM   637  C CD  . LYS A 1 81  ? 10.442  14.835  -4.906  1.00 75.30  ? 80  LYS A CD  1 
ATOM   638  C CE  . LYS A 1 81  ? 10.956  15.341  -3.562  1.00 83.00  ? 80  LYS A CE  1 
ATOM   639  N NZ  . LYS A 1 81  ? 11.969  14.426  -2.953  1.00 85.67  ? 80  LYS A NZ  1 
ATOM   640  N N   . ALA A 1 82  ? 6.019   12.413  -2.128  1.00 46.39  ? 81  ALA A N   1 
ATOM   641  C CA  . ALA A 1 82  ? 4.675   12.561  -1.587  1.00 38.22  ? 81  ALA A CA  1 
ATOM   642  C C   . ALA A 1 82  ? 4.686   12.677  -0.076  1.00 34.94  ? 81  ALA A C   1 
ATOM   643  O O   . ALA A 1 82  ? 5.652   12.305  0.580   1.00 31.83  ? 81  ALA A O   1 
ATOM   644  C CB  . ALA A 1 82  ? 3.813   11.372  -2.004  1.00 39.35  ? 81  ALA A CB  1 
ATOM   645  N N   . VAL A 1 83  ? 3.608   13.212  0.472   1.00 37.61  ? 82  VAL A N   1 
ATOM   646  C CA  . VAL A 1 83  ? 3.494   13.338  1.913   1.00 44.42  ? 82  VAL A CA  1 
ATOM   647  C C   . VAL A 1 83  ? 2.384   12.406  2.366   1.00 44.19  ? 82  VAL A C   1 
ATOM   648  O O   . VAL A 1 83  ? 1.277   12.434  1.816   1.00 44.92  ? 82  VAL A O   1 
ATOM   649  C CB  . VAL A 1 83  ? 3.138   14.774  2.346   1.00 46.71  ? 82  VAL A CB  1 
ATOM   650  C CG1 . VAL A 1 83  ? 2.741   14.804  3.816   1.00 45.57  ? 82  VAL A CG1 1 
ATOM   651  C CG2 . VAL A 1 83  ? 4.318   15.689  2.122   1.00 50.88  ? 82  VAL A CG2 1 
ATOM   652  N N   . VAL A 1 84  ? 2.707   11.544  3.321   1.00 43.09  ? 83  VAL A N   1 
ATOM   653  C CA  . VAL A 1 84  ? 1.731   10.622  3.871   1.00 40.60  ? 83  VAL A CA  1 
ATOM   654  C C   . VAL A 1 84  ? 1.254   11.287  5.159   1.00 39.80  ? 83  VAL A C   1 
ATOM   655  O O   . VAL A 1 84  ? 2.059   11.646  6.021   1.00 37.98  ? 83  VAL A O   1 
ATOM   656  C CB  . VAL A 1 84  ? 2.348   9.234   4.165   1.00 38.57  ? 83  VAL A CB  1 
ATOM   657  C CG1 . VAL A 1 84  ? 1.266   8.263   4.604   1.00 32.44  ? 83  VAL A CG1 1 
ATOM   658  C CG2 . VAL A 1 84  ? 3.058   8.704   2.928   1.00 25.44  ? 83  VAL A CG2 1 
ATOM   659  N N   . LYS A 1 85  ? -0.047  11.520  5.243   1.00 42.31  ? 84  LYS A N   1 
ATOM   660  C CA  . LYS A 1 85  ? -0.635  12.175  6.400   1.00 46.61  ? 84  LYS A CA  1 
ATOM   661  C C   . LYS A 1 85  ? -1.468  11.248  7.268   1.00 43.65  ? 84  LYS A C   1 
ATOM   662  O O   . LYS A 1 85  ? -2.052  10.279  6.796   1.00 47.10  ? 84  LYS A O   1 
ATOM   663  C CB  . LYS A 1 85  ? -1.514  13.340  5.952   1.00 48.23  ? 84  LYS A CB  1 
ATOM   664  C CG  . LYS A 1 85  ? -0.816  14.400  5.136   1.00 49.83  ? 84  LYS A CG  1 
ATOM   665  C CD  . LYS A 1 85  ? -1.863  15.302  4.525   1.00 68.13  ? 84  LYS A CD  1 
ATOM   666  C CE  . LYS A 1 85  ? -1.276  16.375  3.626   1.00 77.17  ? 84  LYS A CE  1 
ATOM   667  N NZ  . LYS A 1 85  ? -2.370  17.218  3.036   1.00 83.94  ? 84  LYS A NZ  1 
ATOM   668  N N   . MET A 1 86  ? -1.558  11.613  8.538   1.00 49.88  ? 85  MET A N   1 
ATOM   669  C CA  . MET A 1 86  ? -2.320  10.879  9.537   1.00 52.91  ? 85  MET A CA  1 
ATOM   670  C C   . MET A 1 86  ? -3.694  11.554  9.596   1.00 54.02  ? 85  MET A C   1 
ATOM   671  O O   . MET A 1 86  ? -3.840  12.631  10.173  1.00 62.57  ? 85  MET A O   1 
ATOM   672  C CB  . MET A 1 86  ? -1.609  11.007  10.890  1.00 54.29  ? 85  MET A CB  1 
ATOM   673  C CG  . MET A 1 86  ? -2.117  10.110  11.991  1.00 57.23  ? 85  MET A CG  1 
ATOM   674  S SD  . MET A 1 86  ? -1.581  8.412   11.783  1.00 64.07  ? 85  MET A SD  1 
ATOM   675  C CE  . MET A 1 86  ? -3.161  7.619   11.481  1.00 64.88  ? 85  MET A CE  1 
ATOM   676  N N   . GLU A 1 87  ? -4.677  10.973  8.925   1.00 56.64  ? 86  GLU A N   1 
ATOM   677  C CA  . GLU A 1 87  ? -6.022  11.530  8.919   1.00 58.11  ? 86  GLU A CA  1 
ATOM   678  C C   . GLU A 1 87  ? -6.832  10.837  9.998   1.00 56.93  ? 86  GLU A C   1 
ATOM   679  O O   . GLU A 1 87  ? -7.134  9.645   9.903   1.00 59.86  ? 86  GLU A O   1 
ATOM   680  C CB  . GLU A 1 87  ? -6.675  11.336  7.554   1.00 68.12  ? 86  GLU A CB  1 
ATOM   681  C CG  . GLU A 1 87  ? -8.023  12.010  7.397   1.00 78.18  ? 86  GLU A CG  1 
ATOM   682  C CD  . GLU A 1 87  ? -8.542  11.923  5.975   1.00 86.63  ? 86  GLU A CD  1 
ATOM   683  O OE1 . GLU A 1 87  ? -8.115  12.746  5.132   1.00 87.93  ? 86  GLU A OE1 1 
ATOM   684  O OE2 . GLU A 1 87  ? -9.368  11.025  5.701   1.00 92.86  ? 86  GLU A OE2 1 
ATOM   685  N N   . GLY A 1 88  ? -7.191  11.592  11.025  1.00 51.55  ? 87  GLY A N   1 
ATOM   686  C CA  . GLY A 1 88  ? -7.933  11.019  12.123  1.00 44.38  ? 87  GLY A CA  1 
ATOM   687  C C   . GLY A 1 88  ? -6.970  10.280  13.028  1.00 41.09  ? 87  GLY A C   1 
ATOM   688  O O   . GLY A 1 88  ? -5.796  10.630  13.121  1.00 43.23  ? 87  GLY A O   1 
ATOM   689  N N   . ASP A 1 89  ? -7.460  9.215   13.643  1.00 40.33  ? 88  ASP A N   1 
ATOM   690  C CA  . ASP A 1 89  ? -6.689  8.407   14.575  1.00 39.24  ? 88  ASP A CA  1 
ATOM   691  C C   . ASP A 1 89  ? -6.201  7.089   13.970  1.00 42.85  ? 88  ASP A C   1 
ATOM   692  O O   . ASP A 1 89  ? -5.212  6.508   14.438  1.00 37.27  ? 88  ASP A O   1 
ATOM   693  C CB  . ASP A 1 89  ? -7.590  8.165   15.805  1.00 49.46  ? 88  ASP A CB  1 
ATOM   694  C CG  . ASP A 1 89  ? -7.261  6.886   16.572  1.00 58.91  ? 88  ASP A CG  1 
ATOM   695  O OD1 . ASP A 1 89  ? -7.608  5.784   16.078  1.00 56.85  ? 88  ASP A OD1 1 
ATOM   696  O OD2 . ASP A 1 89  ? -6.720  6.982   17.698  1.00 59.87  ? 88  ASP A OD2 1 
ATOM   697  N N   . ASN A 1 90  ? -6.867  6.649   12.903  1.00 41.49  ? 89  ASN A N   1 
ATOM   698  C CA  . ASN A 1 90  ? -6.554  5.362   12.278  1.00 38.57  ? 89  ASN A CA  1 
ATOM   699  C C   . ASN A 1 90  ? -6.395  5.330   10.754  1.00 33.56  ? 89  ASN A C   1 
ATOM   700  O O   . ASN A 1 90  ? -6.344  4.243   10.176  1.00 31.40  ? 89  ASN A O   1 
ATOM   701  C CB  . ASN A 1 90  ? -7.639  4.348   12.677  1.00 31.71  ? 89  ASN A CB  1 
ATOM   702  C CG  . ASN A 1 90  ? -9.003  4.717   12.118  1.00 31.40  ? 89  ASN A CG  1 
ATOM   703  O OD1 . ASN A 1 90  ? -9.258  5.877   11.797  1.00 35.74  ? 89  ASN A OD1 1 
ATOM   704  N ND2 . ASN A 1 90  ? -9.863  3.731   11.947  1.00 21.45  ? 89  ASN A ND2 1 
ATOM   705  N N   . LYS A 1 91  ? -6.332  6.489   10.103  1.00 30.40  ? 90  LYS A N   1 
ATOM   706  C CA  . LYS A 1 91  ? -6.186  6.535   8.652   1.00 28.08  ? 90  LYS A CA  1 
ATOM   707  C C   . LYS A 1 91  ? -4.912  7.212   8.205   1.00 33.72  ? 90  LYS A C   1 
ATOM   708  O O   . LYS A 1 91  ? -4.508  8.227   8.771   1.00 35.26  ? 90  LYS A O   1 
ATOM   709  C CB  . LYS A 1 91  ? -7.357  7.271   8.002   1.00 31.29  ? 90  LYS A CB  1 
ATOM   710  C CG  . LYS A 1 91  ? -8.559  6.404   7.689   1.00 43.06  ? 90  LYS A CG  1 
ATOM   711  C CD  . LYS A 1 91  ? -9.734  7.244   7.214   1.00 45.25  ? 90  LYS A CD  1 
ATOM   712  C CE  . LYS A 1 91  ? -10.887 7.239   8.225   1.00 55.71  ? 90  LYS A CE  1 
ATOM   713  N NZ  . LYS A 1 91  ? -10.548 7.771   9.589   1.00 48.71  ? 90  LYS A NZ  1 
ATOM   714  N N   . MET A 1 92  ? -4.259  6.619   7.211   1.00 33.98  ? 91  MET A N   1 
ATOM   715  C CA  . MET A 1 92  ? -3.044  7.172   6.618   1.00 29.46  ? 91  MET A CA  1 
ATOM   716  C C   . MET A 1 92  ? -3.463  7.510   5.194   1.00 27.89  ? 91  MET A C   1 
ATOM   717  O O   . MET A 1 92  ? -3.970  6.647   4.467   1.00 24.80  ? 91  MET A O   1 
ATOM   718  C CB  . MET A 1 92  ? -1.907  6.154   6.594   1.00 24.50  ? 91  MET A CB  1 
ATOM   719  C CG  . MET A 1 92  ? -1.119  6.015   7.896   1.00 23.96  ? 91  MET A CG  1 
ATOM   720  S SD  . MET A 1 92  ? 0.407   5.069   7.585   1.00 43.08  ? 91  MET A SD  1 
ATOM   721  C CE  . MET A 1 92  ? 0.998   4.734   9.204   1.00 30.13  ? 91  MET A CE  1 
ATOM   722  N N   . VAL A 1 93  ? -3.326  8.775   4.819   1.00 29.57  ? 92  VAL A N   1 
ATOM   723  C CA  . VAL A 1 93  ? -3.722  9.208   3.487   1.00 32.42  ? 92  VAL A CA  1 
ATOM   724  C C   . VAL A 1 93  ? -2.591  9.875   2.717   1.00 33.95  ? 92  VAL A C   1 
ATOM   725  O O   . VAL A 1 93  ? -1.761  10.576  3.296   1.00 34.48  ? 92  VAL A O   1 
ATOM   726  C CB  . VAL A 1 93  ? -4.927  10.155  3.570   1.00 26.68  ? 92  VAL A CB  1 
ATOM   727  C CG1 . VAL A 1 93  ? -5.284  10.695  2.201   1.00 32.62  ? 92  VAL A CG1 1 
ATOM   728  C CG2 . VAL A 1 93  ? -6.103  9.416   4.149   1.00 29.42  ? 92  VAL A CG2 1 
ATOM   729  N N   . THR A 1 94  ? -2.548  9.614   1.414   1.00 33.58  ? 93  THR A N   1 
ATOM   730  C CA  . THR A 1 94  ? -1.541  10.195  0.539   1.00 38.45  ? 93  THR A CA  1 
ATOM   731  C C   . THR A 1 94  ? -2.030  10.211  -0.910  1.00 39.63  ? 93  THR A C   1 
ATOM   732  O O   . THR A 1 94  ? -3.008  9.536   -1.263  1.00 38.21  ? 93  THR A O   1 
ATOM   733  C CB  . THR A 1 94  ? -0.209  9.438   0.628   1.00 43.77  ? 93  THR A CB  1 
ATOM   734  O OG1 . THR A 1 94  ? 0.730   10.005  -0.299  1.00 36.28  ? 93  THR A OG1 1 
ATOM   735  C CG2 . THR A 1 94  ? -0.416  7.958   0.317   1.00 43.03  ? 93  THR A CG2 1 
ATOM   736  N N   . THR A 1 95  ? -1.350  10.986  -1.747  1.00 39.30  ? 94  THR A N   1 
ATOM   737  C CA  . THR A 1 95  ? -1.709  11.101  -3.154  1.00 36.91  ? 94  THR A CA  1 
ATOM   738  C C   . THR A 1 95  ? -0.439  11.100  -3.991  1.00 41.06  ? 94  THR A C   1 
ATOM   739  O O   . THR A 1 95  ? 0.591   11.628  -3.560  1.00 42.22  ? 94  THR A O   1 
ATOM   740  C CB  . THR A 1 95  ? -2.475  12.407  -3.415  0.50 30.56  ? 94  THR A CB  1 
ATOM   741  O OG1 . THR A 1 95  ? -3.564  12.512  -2.491  0.50 36.96  ? 94  THR A OG1 1 
ATOM   742  C CG2 . THR A 1 95  ? -3.026  12.435  -4.824  0.50 28.91  ? 94  THR A CG2 1 
ATOM   743  N N   . PHE A 1 96  ? -0.498  10.446  -5.150  1.00 45.05  ? 95  PHE A N   1 
ATOM   744  C CA  . PHE A 1 96  ? 0.628   10.379  -6.083  1.00 44.82  ? 95  PHE A CA  1 
ATOM   745  C C   . PHE A 1 96  ? 0.163   9.884   -7.450  1.00 44.99  ? 95  PHE A C   1 
ATOM   746  O O   . PHE A 1 96  ? -0.702  9.011   -7.539  1.00 43.88  ? 95  PHE A O   1 
ATOM   747  C CB  . PHE A 1 96  ? 1.764   9.490   -5.543  1.00 47.51  ? 95  PHE A CB  1 
ATOM   748  C CG  . PHE A 1 96  ? 1.410   8.033   -5.418  1.00 50.29  ? 95  PHE A CG  1 
ATOM   749  C CD1 . PHE A 1 96  ? 1.528   7.177   -6.510  1.00 53.65  ? 95  PHE A CD1 1 
ATOM   750  C CD2 . PHE A 1 96  ? 0.979   7.510   -4.205  1.00 53.33  ? 95  PHE A CD2 1 
ATOM   751  C CE1 . PHE A 1 96  ? 1.226   5.826   -6.392  1.00 53.88  ? 95  PHE A CE1 1 
ATOM   752  C CE2 . PHE A 1 96  ? 0.676   6.159   -4.077  1.00 51.86  ? 95  PHE A CE2 1 
ATOM   753  C CZ  . PHE A 1 96  ? 0.799   5.317   -5.173  1.00 51.67  ? 95  PHE A CZ  1 
ATOM   754  N N   . LYS A 1 97  ? 0.701   10.479  -8.510  1.00 46.51  ? 96  LYS A N   1 
ATOM   755  C CA  . LYS A 1 97  ? 0.350   10.096  -9.882  1.00 45.96  ? 96  LYS A CA  1 
ATOM   756  C C   . LYS A 1 97  ? -1.155  10.022  -10.163 1.00 45.11  ? 96  LYS A C   1 
ATOM   757  O O   . LYS A 1 97  ? -1.618  9.151   -10.902 1.00 49.31  ? 96  LYS A O   1 
ATOM   758  C CB  . LYS A 1 97  ? 1.009   8.764   -10.255 1.00 45.96  ? 96  LYS A CB  1 
ATOM   759  C CG  . LYS A 1 97  ? 2.523   8.798   -10.233 1.00 53.34  ? 96  LYS A CG  1 
ATOM   760  C CD  . LYS A 1 97  ? 3.103   7.597   -10.953 1.00 59.36  ? 96  LYS A CD  1 
ATOM   761  C CE  . LYS A 1 97  ? 2.697   7.595   -12.421 1.00 60.33  ? 96  LYS A CE  1 
ATOM   762  N NZ  . LYS A 1 97  ? 3.265   6.436   -13.164 1.00 66.44  ? 96  LYS A NZ  1 
ATOM   763  N N   . GLY A 1 98  ? -1.919  10.932  -9.574  1.00 42.86  ? 97  GLY A N   1 
ATOM   764  C CA  . GLY A 1 98  ? -3.355  10.935  -9.797  1.00 45.56  ? 97  GLY A CA  1 
ATOM   765  C C   . GLY A 1 98  ? -4.131  9.940   -8.950  1.00 44.95  ? 97  GLY A C   1 
ATOM   766  O O   . GLY A 1 98  ? -5.365  9.903   -8.993  1.00 44.50  ? 97  GLY A O   1 
ATOM   767  N N   . ILE A 1 99  ? -3.411  9.130   -8.184  1.00 39.61  ? 98  ILE A N   1 
ATOM   768  C CA  . ILE A 1 99  ? -4.025  8.140   -7.319  1.00 34.87  ? 98  ILE A CA  1 
ATOM   769  C C   . ILE A 1 99  ? -4.247  8.735   -5.931  1.00 35.49  ? 98  ILE A C   1 
ATOM   770  O O   . ILE A 1 99  ? -3.435  9.533   -5.447  1.00 33.21  ? 98  ILE A O   1 
ATOM   771  C CB  . ILE A 1 99  ? -3.104  6.919   -7.150  1.00 34.25  ? 98  ILE A CB  1 
ATOM   772  C CG1 . ILE A 1 99  ? -2.834  6.258   -8.498  1.00 37.06  ? 98  ILE A CG1 1 
ATOM   773  C CG2 . ILE A 1 99  ? -3.707  5.918   -6.182  1.00 28.99  ? 98  ILE A CG2 1 
ATOM   774  C CD1 . ILE A 1 99  ? -1.724  5.207   -8.434  1.00 39.47  ? 98  ILE A CD1 1 
ATOM   775  N N   . LYS A 1 100 ? -5.363  8.356   -5.318  1.00 37.11  ? 99  LYS A N   1 
ATOM   776  C CA  . LYS A 1 100 ? -5.718  8.775   -3.959  1.00 37.55  ? 99  LYS A CA  1 
ATOM   777  C C   . LYS A 1 100 ? -5.652  7.502   -3.124  1.00 31.01  ? 99  LYS A C   1 
ATOM   778  O O   . LYS A 1 100 ? -6.321  6.516   -3.436  1.00 35.60  ? 99  LYS A O   1 
ATOM   779  C CB  . LYS A 1 100 ? -7.136  9.360   -3.922  1.00 42.84  ? 99  LYS A CB  1 
ATOM   780  C CG  . LYS A 1 100 ? -7.759  9.458   -2.525  1.00 57.06  ? 99  LYS A CG  1 
ATOM   781  C CD  . LYS A 1 100 ? -6.965  10.361  -1.583  1.00 63.68  ? 99  LYS A CD  1 
ATOM   782  C CE  . LYS A 1 100 ? -7.665  10.488  -0.244  1.00 70.22  ? 99  LYS A CE  1 
ATOM   783  N NZ  . LYS A 1 100 ? -9.046  11.043  -0.375  1.00 73.55  ? 99  LYS A NZ  1 
ATOM   784  N N   . SER A 1 101 ? -4.857  7.505   -2.069  1.00 25.90  ? 100 SER A N   1 
ATOM   785  C CA  . SER A 1 101 ? -4.740  6.301   -1.274  1.00 28.06  ? 100 SER A CA  1 
ATOM   786  C C   . SER A 1 101 ? -5.194  6.448   0.165   1.00 29.38  ? 100 SER A C   1 
ATOM   787  O O   . SER A 1 101 ? -4.740  7.347   0.885   1.00 29.51  ? 100 SER A O   1 
ATOM   788  C CB  . SER A 1 101 ? -3.300  5.800   -1.309  1.00 30.05  ? 100 SER A CB  1 
ATOM   789  O OG  . SER A 1 101 ? -3.209  4.487   -0.794  1.00 33.54  ? 100 SER A OG  1 
ATOM   790  N N   . VAL A 1 102 ? -6.072  5.543   0.587   1.00 26.00  ? 101 VAL A N   1 
ATOM   791  C CA  . VAL A 1 102 ? -6.564  5.538   1.955   1.00 27.95  ? 101 VAL A CA  1 
ATOM   792  C C   . VAL A 1 102 ? -6.378  4.172   2.626   1.00 25.43  ? 101 VAL A C   1 
ATOM   793  O O   . VAL A 1 102 ? -6.912  3.162   2.161   1.00 21.62  ? 101 VAL A O   1 
ATOM   794  C CB  . VAL A 1 102 ? -8.042  5.965   2.033   1.00 27.23  ? 101 VAL A CB  1 
ATOM   795  C CG1 . VAL A 1 102 ? -8.549  5.843   3.474   1.00 27.77  ? 101 VAL A CG1 1 
ATOM   796  C CG2 . VAL A 1 102 ? -8.187  7.403   1.545   1.00 22.73  ? 101 VAL A CG2 1 
ATOM   797  N N   . THR A 1 103 ? -5.578  4.153   3.690   1.00 24.73  ? 102 THR A N   1 
ATOM   798  C CA  . THR A 1 103 ? -5.300  2.949   4.474   1.00 20.19  ? 102 THR A CA  1 
ATOM   799  C C   . THR A 1 103 ? -5.992  3.141   5.832   1.00 20.67  ? 102 THR A C   1 
ATOM   800  O O   . THR A 1 103 ? -5.702  4.106   6.533   1.00 20.05  ? 102 THR A O   1 
ATOM   801  C CB  . THR A 1 103 ? -3.767  2.778   4.692   1.00 25.86  ? 102 THR A CB  1 
ATOM   802  O OG1 . THR A 1 103 ? -3.097  2.794   3.424   1.00 32.08  ? 102 THR A OG1 1 
ATOM   803  C CG2 . THR A 1 103 ? -3.446  1.470   5.406   1.00 17.45  ? 102 THR A CG2 1 
ATOM   804  N N   . GLU A 1 104 ? -6.937  2.265   6.168   1.00 14.29  ? 103 GLU A N   1 
ATOM   805  C CA  . GLU A 1 104 ? -7.671  2.353   7.430   1.00 15.98  ? 103 GLU A CA  1 
ATOM   806  C C   . GLU A 1 104 ? -7.421  1.146   8.333   1.00 11.68  ? 103 GLU A C   1 
ATOM   807  O O   . GLU A 1 104 ? -7.580  -0.005  7.918   1.00 8.65   ? 103 GLU A O   1 
ATOM   808  C CB  . GLU A 1 104 ? -9.174  2.537   7.168   1.00 11.00  ? 103 GLU A CB  1 
ATOM   809  C CG  . GLU A 1 104 ? -10.028 2.450   8.419   1.00 18.32  ? 103 GLU A CG  1 
ATOM   810  C CD  . GLU A 1 104 ? -11.470 2.862   8.206   1.00 16.55  ? 103 GLU A CD  1 
ATOM   811  O OE1 . GLU A 1 104 ? -11.890 3.081   7.054   1.00 27.92  ? 103 GLU A OE1 1 
ATOM   812  O OE2 . GLU A 1 104 ? -12.193 2.986   9.210   1.00 28.74  ? 103 GLU A OE2 1 
ATOM   813  N N   . PHE A 1 105 ? -7.009  1.426   9.562   1.00 17.51  ? 104 PHE A N   1 
ATOM   814  C CA  . PHE A 1 105 ? -6.694  0.395   10.553  1.00 21.31  ? 104 PHE A CA  1 
ATOM   815  C C   . PHE A 1 105 ? -7.800  0.215   11.599  1.00 23.89  ? 104 PHE A C   1 
ATOM   816  O O   . PHE A 1 105 ? -8.289  1.178   12.204  1.00 21.71  ? 104 PHE A O   1 
ATOM   817  C CB  . PHE A 1 105 ? -5.386  0.740   11.276  1.00 24.99  ? 104 PHE A CB  1 
ATOM   818  C CG  . PHE A 1 105 ? -4.173  0.789   10.378  1.00 26.42  ? 104 PHE A CG  1 
ATOM   819  C CD1 . PHE A 1 105 ? -3.855  1.945   9.667   1.00 32.42  ? 104 PHE A CD1 1 
ATOM   820  C CD2 . PHE A 1 105 ? -3.320  -0.308  10.277  1.00 36.95  ? 104 PHE A CD2 1 
ATOM   821  C CE1 . PHE A 1 105 ? -2.700  2.011   8.866   1.00 31.86  ? 104 PHE A CE1 1 
ATOM   822  C CE2 . PHE A 1 105 ? -2.164  -0.251  9.478   1.00 35.19  ? 104 PHE A CE2 1 
ATOM   823  C CZ  . PHE A 1 105 ? -1.857  0.913   8.775   1.00 33.33  ? 104 PHE A CZ  1 
ATOM   824  N N   . ASN A 1 106 ? -8.156  -1.034  11.841  1.00 24.14  ? 105 ASN A N   1 
ATOM   825  C CA  . ASN A 1 106 ? -9.192  -1.375  12.803  1.00 23.49  ? 105 ASN A CA  1 
ATOM   826  C C   . ASN A 1 106 ? -8.756  -2.671  13.469  1.00 27.02  ? 105 ASN A C   1 
ATOM   827  O O   . ASN A 1 106 ? -9.166  -3.773  13.066  1.00 27.96  ? 105 ASN A O   1 
ATOM   828  C CB  . ASN A 1 106 ? -10.548 -1.577  12.105  1.00 20.35  ? 105 ASN A CB  1 
ATOM   829  C CG  . ASN A 1 106 ? -11.206 -0.270  11.705  1.00 27.06  ? 105 ASN A CG  1 
ATOM   830  O OD1 . ASN A 1 106 ? -11.476 0.577   12.554  1.00 22.68  ? 105 ASN A OD1 1 
ATOM   831  N ND2 . ASN A 1 106 ? -11.487 -0.106  10.410  1.00 18.79  ? 105 ASN A ND2 1 
ATOM   832  N N   . GLY A 1 107 ? -7.871  -2.539  14.451  1.00 24.00  ? 106 GLY A N   1 
ATOM   833  C CA  . GLY A 1 107 ? -7.386  -3.699  15.165  1.00 25.24  ? 106 GLY A CA  1 
ATOM   834  C C   . GLY A 1 107 ? -6.595  -4.622  14.267  1.00 27.82  ? 106 GLY A C   1 
ATOM   835  O O   . GLY A 1 107 ? -5.580  -4.219  13.702  1.00 32.12  ? 106 GLY A O   1 
ATOM   836  N N   . ASP A 1 108 ? -7.089  -5.846  14.106  1.00 32.47  ? 107 ASP A N   1 
ATOM   837  C CA  . ASP A 1 108 ? -6.432  -6.858  13.282  1.00 30.11  ? 107 ASP A CA  1 
ATOM   838  C C   . ASP A 1 108 ? -6.688  -6.704  11.797  1.00 28.28  ? 107 ASP A C   1 
ATOM   839  O O   . ASP A 1 108 ? -6.096  -7.423  10.994  1.00 32.26  ? 107 ASP A O   1 
ATOM   840  C CB  . ASP A 1 108 ? -6.891  -8.249  13.695  1.00 35.03  ? 107 ASP A CB  1 
ATOM   841  C CG  . ASP A 1 108 ? -6.659  -8.523  15.162  1.00 50.66  ? 107 ASP A CG  1 
ATOM   842  O OD1 . ASP A 1 108 ? -5.575  -8.157  15.677  1.00 54.11  ? 107 ASP A OD1 1 
ATOM   843  O OD2 . ASP A 1 108 ? -7.569  -9.104  15.798  1.00 58.10  ? 107 ASP A OD2 1 
ATOM   844  N N   . THR A 1 109 ? -7.555  -5.770  11.437  1.00 21.52  ? 108 THR A N   1 
ATOM   845  C CA  . THR A 1 109 ? -7.908  -5.557  10.052  1.00 18.96  ? 108 THR A CA  1 
ATOM   846  C C   . THR A 1 109 ? -7.411  -4.246  9.448   1.00 23.79  ? 108 THR A C   1 
ATOM   847  O O   . THR A 1 109 ? -7.488  -3.188  10.089  1.00 23.48  ? 108 THR A O   1 
ATOM   848  C CB  . THR A 1 109 ? -9.441  -5.663  9.899   1.00 19.50  ? 108 THR A CB  1 
ATOM   849  O OG1 . THR A 1 109 ? -9.836  -7.008  10.189  1.00 19.20  ? 108 THR A OG1 1 
ATOM   850  C CG2 . THR A 1 109 ? -9.915  -5.278  8.486   1.00 15.10  ? 108 THR A CG2 1 
ATOM   851  N N   . ILE A 1 110 ? -6.822  -4.350  8.253   1.00 19.44  ? 109 ILE A N   1 
ATOM   852  C CA  . ILE A 1 110 ? -6.370  -3.188  7.486   1.00 18.69  ? 109 ILE A CA  1 
ATOM   853  C C   . ILE A 1 110 ? -7.205  -3.207  6.214   1.00 16.67  ? 109 ILE A C   1 
ATOM   854  O O   . ILE A 1 110 ? -7.481  -4.267  5.654   1.00 18.34  ? 109 ILE A O   1 
ATOM   855  C CB  . ILE A 1 110 ? -4.886  -3.239  7.045   1.00 20.74  ? 109 ILE A CB  1 
ATOM   856  C CG1 . ILE A 1 110 ? -3.951  -3.259  8.245   1.00 13.27  ? 109 ILE A CG1 1 
ATOM   857  C CG2 . ILE A 1 110 ? -4.533  -1.996  6.207   1.00 17.55  ? 109 ILE A CG2 1 
ATOM   858  C CD1 . ILE A 1 110 ? -2.490  -3.303  7.834   0.50 9.61   ? 109 ILE A CD1 1 
ATOM   859  N N   . THR A 1 111 ? -7.680  -2.039  5.815   1.00 23.06  ? 110 THR A N   1 
ATOM   860  C CA  . THR A 1 111 ? -8.458  -1.898  4.597   1.00 23.09  ? 110 THR A CA  1 
ATOM   861  C C   . THR A 1 111 ? -7.803  -0.785  3.797   1.00 17.76  ? 110 THR A C   1 
ATOM   862  O O   . THR A 1 111 ? -7.623  0.331   4.286   1.00 14.19  ? 110 THR A O   1 
ATOM   863  C CB  . THR A 1 111 ? -9.926  -1.558  4.904   1.00 25.94  ? 110 THR A CB  1 
ATOM   864  O OG1 . THR A 1 111 ? -10.508 -2.639  5.637   1.00 26.59  ? 110 THR A OG1 1 
ATOM   865  C CG2 . THR A 1 111 ? -10.710 -1.360  3.616   1.00 32.07  ? 110 THR A CG2 1 
ATOM   866  N N   . ASN A 1 112 ? -7.353  -1.118  2.604   1.00 23.85  ? 111 ASN A N   1 
ATOM   867  C CA  . ASN A 1 112 ? -6.700  -0.138  1.765   1.00 20.83  ? 111 ASN A CA  1 
ATOM   868  C C   . ASN A 1 112 ? -7.533  0.117   0.529   1.00 20.04  ? 111 ASN A C   1 
ATOM   869  O O   . ASN A 1 112 ? -8.025  -0.817  -0.099  1.00 23.58  ? 111 ASN A O   1 
ATOM   870  C CB  . ASN A 1 112 ? -5.314  -0.619  1.364   1.00 27.17  ? 111 ASN A CB  1 
ATOM   871  C CG  . ASN A 1 112 ? -4.523  0.450   0.662   1.00 29.97  ? 111 ASN A CG  1 
ATOM   872  O OD1 . ASN A 1 112 ? -4.616  0.626   -0.554  1.00 29.68  ? 111 ASN A OD1 1 
ATOM   873  N ND2 . ASN A 1 112 ? -3.757  1.202   1.433   1.00 28.67  ? 111 ASN A ND2 1 
ATOM   874  N N   . THR A 1 113 ? -7.690  1.389   0.192   1.00 25.68  ? 112 THR A N   1 
ATOM   875  C CA  . THR A 1 113 ? -8.468  1.801   -0.966  1.00 29.19  ? 112 THR A CA  1 
ATOM   876  C C   . THR A 1 113 ? -7.717  2.838   -1.799  1.00 30.16  ? 112 THR A C   1 
ATOM   877  O O   . THR A 1 113 ? -7.395  3.925   -1.307  1.00 29.99  ? 112 THR A O   1 
ATOM   878  C CB  . THR A 1 113 ? -9.799  2.418   -0.525  1.00 30.70  ? 112 THR A CB  1 
ATOM   879  O OG1 . THR A 1 113 ? -10.539 1.458   0.239   1.00 39.45  ? 112 THR A OG1 1 
ATOM   880  C CG2 . THR A 1 113 ? -10.605 2.853   -1.723  1.00 31.02  ? 112 THR A CG2 1 
ATOM   881  N N   . MET A 1 114 ? -7.420  2.484   -3.048  1.00 25.29  ? 113 MET A N   1 
ATOM   882  C CA  . MET A 1 114 ? -6.732  3.388   -3.954  1.00 21.21  ? 113 MET A CA  1 
ATOM   883  C C   . MET A 1 114 ? -7.634  3.637   -5.148  1.00 22.80  ? 113 MET A C   1 
ATOM   884  O O   . MET A 1 114 ? -8.126  2.698   -5.783  1.00 26.55  ? 113 MET A O   1 
ATOM   885  C CB  . MET A 1 114 ? -5.397  2.810   -4.413  1.00 15.97  ? 113 MET A CB  1 
ATOM   886  C CG  . MET A 1 114 ? -4.445  2.449   -3.296  1.00 14.58  ? 113 MET A CG  1 
ATOM   887  S SD  . MET A 1 114 ? -2.950  1.762   -3.995  1.00 26.46  ? 113 MET A SD  1 
ATOM   888  C CE  . MET A 1 114 ? -1.737  2.590   -3.038  1.00 22.92  ? 113 MET A CE  1 
ATOM   889  N N   . THR A 1 115 ? -7.878  4.908   -5.432  1.00 25.19  ? 114 THR A N   1 
ATOM   890  C CA  . THR A 1 115 ? -8.742  5.282   -6.535  1.00 22.66  ? 114 THR A CA  1 
ATOM   891  C C   . THR A 1 115 ? -7.992  6.003   -7.651  1.00 20.18  ? 114 THR A C   1 
ATOM   892  O O   . THR A 1 115 ? -7.236  6.949   -7.408  1.00 25.79  ? 114 THR A O   1 
ATOM   893  C CB  . THR A 1 115 ? -9.901  6.176   -6.039  0.50 16.50  ? 114 THR A CB  1 
ATOM   894  O OG1 . THR A 1 115 ? -9.363  7.299   -5.339  0.50 16.43  ? 114 THR A OG1 1 
ATOM   895  C CG2 . THR A 1 115 ? -10.796 5.410   -5.076  0.50 10.57  ? 114 THR A CG2 1 
ATOM   896  N N   . LEU A 1 116 ? -8.156  5.506   -8.869  1.00 27.88  ? 115 LEU A N   1 
ATOM   897  C CA  . LEU A 1 116 ? -7.545  6.112   -10.048 1.00 33.33  ? 115 LEU A CA  1 
ATOM   898  C C   . LEU A 1 116 ? -8.648  6.207   -11.090 1.00 32.33  ? 115 LEU A C   1 
ATOM   899  O O   . LEU A 1 116 ? -9.075  5.190   -11.647 1.00 35.17  ? 115 LEU A O   1 
ATOM   900  C CB  . LEU A 1 116 ? -6.398  5.262   -10.595 1.00 33.04  ? 115 LEU A CB  1 
ATOM   901  C CG  . LEU A 1 116 ? -5.740  5.864   -11.842 1.00 41.57  ? 115 LEU A CG  1 
ATOM   902  C CD1 . LEU A 1 116 ? -5.055  7.176   -11.487 1.00 42.85  ? 115 LEU A CD1 1 
ATOM   903  C CD2 . LEU A 1 116 ? -4.738  4.888   -12.434 1.00 50.61  ? 115 LEU A CD2 1 
ATOM   904  N N   . GLY A 1 117 ? -9.133  7.417   -11.326 1.00 31.37  ? 116 GLY A N   1 
ATOM   905  C CA  . GLY A 1 117 ? -10.192 7.603   -12.294 1.00 34.45  ? 116 GLY A CA  1 
ATOM   906  C C   . GLY A 1 117 ? -11.469 7.020   -11.744 1.00 35.15  ? 116 GLY A C   1 
ATOM   907  O O   . GLY A 1 117 ? -11.954 7.453   -10.706 1.00 36.05  ? 116 GLY A O   1 
ATOM   908  N N   . ASP A 1 118 ? -12.013 6.023   -12.425 1.00 42.51  ? 117 ASP A N   1 
ATOM   909  C CA  . ASP A 1 118 ? -13.234 5.390   -11.959 1.00 46.15  ? 117 ASP A CA  1 
ATOM   910  C C   . ASP A 1 118 ? -12.922 4.018   -11.347 1.00 42.60  ? 117 ASP A C   1 
ATOM   911  O O   . ASP A 1 118 ? -13.827 3.272   -10.969 1.00 48.94  ? 117 ASP A O   1 
ATOM   912  C CB  . ASP A 1 118 ? -14.233 5.253   -13.109 1.00 49.27  ? 117 ASP A CB  1 
ATOM   913  C CG  . ASP A 1 118 ? -15.654 5.025   -12.623 1.00 59.14  ? 117 ASP A CG  1 
ATOM   914  O OD1 . ASP A 1 118 ? -16.220 5.950   -11.999 1.00 67.12  ? 117 ASP A OD1 1 
ATOM   915  O OD2 . ASP A 1 118 ? -16.197 3.920   -12.851 1.00 59.34  ? 117 ASP A OD2 1 
ATOM   916  N N   . ILE A 1 119 ? -11.638 3.692   -11.253 1.00 36.06  ? 118 ILE A N   1 
ATOM   917  C CA  . ILE A 1 119 ? -11.210 2.418   -10.690 1.00 32.28  ? 118 ILE A CA  1 
ATOM   918  C C   . ILE A 1 119 ? -10.968 2.593   -9.195  1.00 32.84  ? 118 ILE A C   1 
ATOM   919  O O   . ILE A 1 119 ? -10.463 3.629   -8.759  1.00 32.37  ? 118 ILE A O   1 
ATOM   920  C CB  . ILE A 1 119 ? -9.882  1.932   -11.322 1.00 27.10  ? 118 ILE A CB  1 
ATOM   921  C CG1 . ILE A 1 119 ? -9.884  2.151   -12.837 1.00 30.67  ? 118 ILE A CG1 1 
ATOM   922  C CG2 . ILE A 1 119 ? -9.659  0.460   -11.013 1.00 16.67  ? 118 ILE A CG2 1 
ATOM   923  C CD1 . ILE A 1 119 ? -8.591  1.690   -13.526 1.00 27.95  ? 118 ILE A CD1 1 
ATOM   924  N N   . VAL A 1 120 ? -11.375 1.603   -8.410  1.00 33.81  ? 119 VAL A N   1 
ATOM   925  C CA  . VAL A 1 120 ? -11.153 1.623   -6.969  1.00 31.62  ? 119 VAL A CA  1 
ATOM   926  C C   . VAL A 1 120 ? -10.572 0.269   -6.635  1.00 31.01  ? 119 VAL A C   1 
ATOM   927  O O   . VAL A 1 120 ? -11.288 -0.736  -6.633  1.00 31.85  ? 119 VAL A O   1 
ATOM   928  C CB  . VAL A 1 120 ? -12.453 1.779   -6.141  1.00 35.33  ? 119 VAL A CB  1 
ATOM   929  C CG1 . VAL A 1 120 ? -12.135 1.634   -4.649  1.00 33.66  ? 119 VAL A CG1 1 
ATOM   930  C CG2 . VAL A 1 120 ? -13.125 3.117   -6.416  1.00 30.36  ? 119 VAL A CG2 1 
ATOM   931  N N   . TYR A 1 121 ? -9.259  0.232   -6.448  1.00 28.87  ? 120 TYR A N   1 
ATOM   932  C CA  . TYR A 1 121 ? -8.570  -0.998  -6.098  1.00 23.14  ? 120 TYR A CA  1 
ATOM   933  C C   . TYR A 1 121 ? -8.757  -1.163  -4.589  1.00 25.72  ? 120 TYR A C   1 
ATOM   934  O O   . TYR A 1 121 ? -8.404  -0.269  -3.812  1.00 19.74  ? 120 TYR A O   1 
ATOM   935  C CB  . TYR A 1 121 ? -7.095  -0.884  -6.488  1.00 16.14  ? 120 TYR A CB  1 
ATOM   936  C CG  . TYR A 1 121 ? -6.203  -1.996  -5.993  1.00 18.21  ? 120 TYR A CG  1 
ATOM   937  C CD1 . TYR A 1 121 ? -6.630  -3.323  -5.994  1.00 27.63  ? 120 TYR A CD1 1 
ATOM   938  C CD2 . TYR A 1 121 ? -4.935  -1.715  -5.499  1.00 25.97  ? 120 TYR A CD2 1 
ATOM   939  C CE1 . TYR A 1 121 ? -5.823  -4.329  -5.513  1.00 20.05  ? 120 TYR A CE1 1 
ATOM   940  C CE2 . TYR A 1 121 ? -4.120  -2.713  -5.014  1.00 16.75  ? 120 TYR A CE2 1 
ATOM   941  C CZ  . TYR A 1 121 ? -4.566  -4.015  -5.023  1.00 22.50  ? 120 TYR A CZ  1 
ATOM   942  O OH  . TYR A 1 121 ? -3.750  -4.997  -4.531  1.00 30.41  ? 120 TYR A OH  1 
ATOM   943  N N   . LYS A 1 122 ? -9.359  -2.280  -4.187  1.00 29.62  ? 121 LYS A N   1 
ATOM   944  C CA  . LYS A 1 122 ? -9.623  -2.547  -2.777  1.00 30.39  ? 121 LYS A CA  1 
ATOM   945  C C   . LYS A 1 122 ? -8.846  -3.749  -2.255  1.00 26.33  ? 121 LYS A C   1 
ATOM   946  O O   . LYS A 1 122 ? -8.781  -4.770  -2.927  1.00 24.23  ? 121 LYS A O   1 
ATOM   947  C CB  . LYS A 1 122 ? -11.114 -2.792  -2.585  1.00 34.66  ? 121 LYS A CB  1 
ATOM   948  C CG  . LYS A 1 122 ? -11.658 -2.323  -1.253  1.00 46.09  ? 121 LYS A CG  1 
ATOM   949  C CD  . LYS A 1 122 ? -12.635 -1.173  -1.449  1.00 58.50  ? 121 LYS A CD  1 
ATOM   950  C CE  . LYS A 1 122 ? -13.711 -1.524  -2.484  1.00 65.68  ? 121 LYS A CE  1 
ATOM   951  N NZ  . LYS A 1 122 ? -14.862 -0.576  -2.447  1.00 73.92  ? 121 LYS A NZ  1 
ATOM   952  N N   . ARG A 1 123 ? -8.264  -3.612  -1.061  1.00 26.71  ? 122 ARG A N   1 
ATOM   953  C CA  . ARG A 1 123 ? -7.494  -4.672  -0.399  1.00 25.85  ? 122 ARG A CA  1 
ATOM   954  C C   . ARG A 1 123 ? -7.932  -4.792  1.046   1.00 21.57  ? 122 ARG A C   1 
ATOM   955  O O   . ARG A 1 123 ? -8.134  -3.780  1.704   1.00 17.85  ? 122 ARG A O   1 
ATOM   956  C CB  . ARG A 1 123 ? -6.003  -4.333  -0.356  1.00 27.43  ? 122 ARG A CB  1 
ATOM   957  C CG  . ARG A 1 123 ? -5.227  -4.601  -1.607  1.00 29.59  ? 122 ARG A CG  1 
ATOM   958  C CD  . ARG A 1 123 ? -3.841  -3.988  -1.492  1.00 30.99  ? 122 ARG A CD  1 
ATOM   959  N NE  . ARG A 1 123 ? -2.940  -4.683  -0.570  1.00 27.50  ? 122 ARG A NE  1 
ATOM   960  C CZ  . ARG A 1 123 ? -1.906  -5.423  -0.963  1.00 24.80  ? 122 ARG A CZ  1 
ATOM   961  N NH1 . ARG A 1 123 ? -1.655  -5.586  -2.257  1.00 30.49  ? 122 ARG A NH1 1 
ATOM   962  N NH2 . ARG A 1 123 ? -1.050  -5.902  -0.071  1.00 15.28  ? 122 ARG A NH2 1 
ATOM   963  N N   . VAL A 1 124 ? -8.066  -6.025  1.527   1.00 22.46  ? 123 VAL A N   1 
ATOM   964  C CA  . VAL A 1 124 ? -8.423  -6.298  2.917   1.00 17.10  ? 123 VAL A CA  1 
ATOM   965  C C   . VAL A 1 124 ? -7.364  -7.272  3.445   1.00 15.17  ? 123 VAL A C   1 
ATOM   966  O O   . VAL A 1 124 ? -7.128  -8.333  2.848   1.00 17.87  ? 123 VAL A O   1 
ATOM   967  C CB  . VAL A 1 124 ? -9.846  -6.909  3.066   1.00 23.46  ? 123 VAL A CB  1 
ATOM   968  C CG1 . VAL A 1 124 ? -10.099 -7.321  4.500   1.00 11.54  ? 123 VAL A CG1 1 
ATOM   969  C CG2 . VAL A 1 124 ? -10.906 -5.902  2.641   1.00 17.07  ? 123 VAL A CG2 1 
ATOM   970  N N   . SER A 1 125 ? -6.665  -6.869  4.504   1.00 10.00  ? 124 SER A N   1 
ATOM   971  C CA  . SER A 1 125 ? -5.621  -7.693  5.109   1.00 17.13  ? 124 SER A CA  1 
ATOM   972  C C   . SER A 1 125 ? -5.885  -7.897  6.577   1.00 15.13  ? 124 SER A C   1 
ATOM   973  O O   . SER A 1 125 ? -6.593  -7.111  7.206   1.00 15.65  ? 124 SER A O   1 
ATOM   974  C CB  . SER A 1 125 ? -4.254  -7.029  4.962   1.00 12.26  ? 124 SER A CB  1 
ATOM   975  O OG  . SER A 1 125 ? -3.962  -6.809  3.606   1.00 12.70  ? 124 SER A OG  1 
ATOM   976  N N   . LYS A 1 126 ? -5.322  -8.955  7.136   1.00 17.12  ? 125 LYS A N   1 
ATOM   977  C CA  . LYS A 1 126 ? -5.504  -9.189  8.557   1.00 19.10  ? 125 LYS A CA  1 
ATOM   978  C C   . LYS A 1 126 ? -4.151  -9.504  9.133   1.00 19.98  ? 125 LYS A C   1 
ATOM   979  O O   . LYS A 1 126 ? -3.272  -9.970  8.411   1.00 20.12  ? 125 LYS A O   1 
ATOM   980  C CB  . LYS A 1 126 ? -6.494  -10.327 8.824   1.00 20.63  ? 125 LYS A CB  1 
ATOM   981  C CG  . LYS A 1 126 ? -6.005  -11.707 8.468   1.00 28.75  ? 125 LYS A CG  1 
ATOM   982  C CD  . LYS A 1 126 ? -6.991  -12.747 8.964   1.00 39.13  ? 125 LYS A CD  1 
ATOM   983  C CE  . LYS A 1 126 ? -6.484  -14.160 8.746   1.00 42.06  ? 125 LYS A CE  1 
ATOM   984  N NZ  . LYS A 1 126 ? -7.467  -15.169 9.239   1.00 48.32  ? 125 LYS A NZ  1 
ATOM   985  N N   . ARG A 1 127 ? -3.963  -9.201  10.413  1.00 23.92  ? 126 ARG A N   1 
ATOM   986  C CA  . ARG A 1 127 ? -2.698  -9.476  11.075  1.00 22.07  ? 126 ARG A CA  1 
ATOM   987  C C   . ARG A 1 127 ? -2.445  -10.979 11.246  1.00 20.72  ? 126 ARG A C   1 
ATOM   988  O O   . ARG A 1 127 ? -3.350  -11.728 11.631  1.00 22.79  ? 126 ARG A O   1 
ATOM   989  C CB  . ARG A 1 127 ? -2.648  -8.762  12.429  1.00 22.70  ? 126 ARG A CB  1 
ATOM   990  C CG  . ARG A 1 127 ? -1.346  -8.957  13.145  1.00 32.02  ? 126 ARG A CG  1 
ATOM   991  C CD  . ARG A 1 127 ? -1.342  -8.301  14.492  1.00 40.98  ? 126 ARG A CD  1 
ATOM   992  N NE  . ARG A 1 127 ? -1.125  -6.865  14.401  1.00 42.52  ? 126 ARG A NE  1 
ATOM   993  C CZ  . ARG A 1 127 ? -2.040  -5.960  14.721  1.00 52.86  ? 126 ARG A CZ  1 
ATOM   994  N NH1 . ARG A 1 127 ? -3.239  -6.347  15.147  1.00 59.96  ? 126 ARG A NH1 1 
ATOM   995  N NH2 . ARG A 1 127 ? -1.744  -4.670  14.664  1.00 58.83  ? 126 ARG A NH2 1 
ATOM   996  N N   . ILE A 1 128 ? -1.233  -11.413 10.901  1.00 21.17  ? 127 ILE A N   1 
ATOM   997  C CA  . ILE A 1 128 ? -0.820  -12.811 11.017  1.00 22.65  ? 127 ILE A CA  1 
ATOM   998  C C   . ILE A 1 128 ? 0.357   -12.937 11.971  1.00 27.39  ? 127 ILE A C   1 
ATOM   999  O O   . ILE A 1 128 ? 0.841   -11.898 12.474  1.00 35.24  ? 127 ILE A O   1 
ATOM   1000 C CB  . ILE A 1 128 ? -0.385  -13.426 9.662   1.00 18.71  ? 127 ILE A CB  1 
ATOM   1001 C CG1 . ILE A 1 128 ? 0.668   -12.548 8.980   1.00 18.33  ? 127 ILE A CG1 1 
ATOM   1002 C CG2 . ILE A 1 128 ? -1.577  -13.677 8.793   1.00 25.60  ? 127 ILE A CG2 1 
ATOM   1003 C CD1 . ILE A 1 128 ? 1.319   -13.207 7.781   1.00 15.36  ? 127 ILE A CD1 1 
ATOM   1004 O OXT . ILE A 1 128 ? 0.781   -14.083 12.202  1.00 32.83  ? 127 ILE A OXT 1 
HETATM 1005 C C1  . OLA B 2 .   ? 7.323   -13.750 -7.794  1.00 64.69  ? 128 OLA A C1  1 
HETATM 1006 O O1  . OLA B 2 .   ? 6.883   -14.369 -8.749  1.00 62.77  ? 128 OLA A O1  1 
HETATM 1007 O O2  . OLA B 2 .   ? 7.216   -14.212 -6.672  1.00 66.70  ? 128 OLA A O2  1 
HETATM 1008 C C2  . OLA B 2 .   ? 8.026   -12.405 -8.000  1.00 66.79  ? 128 OLA A C2  1 
HETATM 1009 C C3  . OLA B 2 .   ? 7.125   -11.309 -8.555  1.00 60.43  ? 128 OLA A C3  1 
HETATM 1010 C C4  . OLA B 2 .   ? 5.652   -11.674 -8.452  1.00 58.78  ? 128 OLA A C4  1 
HETATM 1011 C C5  . OLA B 2 .   ? 4.773   -10.623 -9.102  1.00 52.96  ? 128 OLA A C5  1 
HETATM 1012 C C6  . OLA B 2 .   ? 5.005   -9.250  -8.503  1.00 42.90  ? 128 OLA A C6  1 
HETATM 1013 C C7  . OLA B 2 .   ? 3.846   -8.342  -8.839  1.00 40.66  ? 128 OLA A C7  1 
HETATM 1014 C C8  . OLA B 2 .   ? 3.756   -7.182  -7.873  1.00 38.08  ? 128 OLA A C8  1 
HETATM 1015 C C9  . OLA B 2 .   ? 2.364   -6.863  -7.703  1.00 39.07  ? 128 OLA A C9  1 
HETATM 1016 C C10 . OLA B 2 .   ? 1.912   -5.690  -7.141  1.00 47.91  ? 128 OLA A C10 1 
HETATM 1017 C C11 . OLA B 2 .   ? 2.180   -5.289  -5.782  1.00 47.49  ? 128 OLA A C11 1 
HETATM 1018 C C12 . OLA B 2 .   ? 0.983   -4.501  -5.282  1.00 42.73  ? 128 OLA A C12 1 
HETATM 1019 C C13 . OLA B 2 .   ? 1.287   -3.784  -3.983  1.00 41.56  ? 128 OLA A C13 1 
HETATM 1020 C C14 . OLA B 2 .   ? 0.130   -2.878  -3.602  1.00 33.81  ? 128 OLA A C14 1 
HETATM 1021 C C15 . OLA B 2 .   ? 0.458   -2.085  -2.360  1.00 29.76  ? 128 OLA A C15 1 
HETATM 1022 C C16 . OLA B 2 .   ? -0.737  -1.262  -1.915  1.00 33.18  ? 128 OLA A C16 1 
HETATM 1023 C C17 . OLA B 2 .   ? -0.357  -0.328  -0.782  1.00 32.08  ? 128 OLA A C17 1 
HETATM 1024 C C18 . OLA B 2 .   ? -0.425  -1.127  0.524   1.00 33.48  ? 128 OLA A C18 1 
HETATM 1025 C C1  . OLA C 2 .   ? -1.294  -3.641  2.981   1.00 44.35  ? 129 OLA A C1  1 
HETATM 1026 O O1  . OLA C 2 .   ? -2.398  -3.238  2.658   1.00 48.77  ? 129 OLA A O1  1 
HETATM 1027 O O2  . OLA C 2 .   ? -0.923  -4.731  2.591   1.00 44.47  ? 129 OLA A O2  1 
HETATM 1028 C C2  . OLA C 2 .   ? -0.369  -2.784  3.873   1.00 37.95  ? 129 OLA A C2  1 
HETATM 1029 C C3  . OLA C 2 .   ? -0.924  -1.397  4.184   1.00 31.66  ? 129 OLA A C3  1 
HETATM 1030 C C4  . OLA C 2 .   ? 0.185   -0.424  4.578   1.00 31.27  ? 129 OLA A C4  1 
HETATM 1031 C C5  . OLA C 2 .   ? -0.336  1.015   4.633   1.00 44.03  ? 129 OLA A C5  1 
HETATM 1032 C C6  . OLA C 2 .   ? 0.781   2.051   4.508   1.00 35.78  ? 129 OLA A C6  1 
HETATM 1033 C C7  . OLA C 2 .   ? 0.247   3.348   3.897   1.00 36.29  ? 129 OLA A C7  1 
HETATM 1034 C C8  . OLA C 2 .   ? 1.331   4.074   3.101   1.00 34.34  ? 129 OLA A C8  1 
HETATM 1035 C C9  . OLA C 2 .   ? 0.795   4.483   1.816   1.00 31.89  ? 129 OLA A C9  1 
HETATM 1036 C C10 . OLA C 2 .   ? 1.508   4.384   0.642   1.00 25.93  ? 129 OLA A C10 1 
HETATM 1037 C C11 . OLA C 2 .   ? 2.082   3.129   0.211   1.00 41.35  ? 129 OLA A C11 1 
HETATM 1038 C C12 . OLA C 2 .   ? 2.556   3.217   -1.234  1.00 41.24  ? 129 OLA A C12 1 
HETATM 1039 C C13 . OLA C 2 .   ? 3.593   2.135   -1.519  1.00 41.06  ? 129 OLA A C13 1 
HETATM 1040 C C14 . OLA C 2 .   ? 3.792   1.936   -3.011  1.00 45.16  ? 129 OLA A C14 1 
HETATM 1041 C C15 . OLA C 2 .   ? 2.721   1.021   -3.583  1.00 52.01  ? 129 OLA A C15 1 
HETATM 1042 C C16 . OLA C 2 .   ? 2.487   1.308   -5.058  1.00 49.33  ? 129 OLA A C16 1 
HETATM 1043 C C17 . OLA C 2 .   ? 1.170   0.718   -5.531  1.00 45.46  ? 129 OLA A C17 1 
HETATM 1044 C C18 . OLA C 2 .   ? 0.655   1.589   -6.686  1.00 40.78  ? 129 OLA A C18 1 
HETATM 1045 C C1  . BEO D 3 .   ? -9.517  -7.923  -10.059 1.00 56.04  ? 130 BEO A C1  1 
HETATM 1046 O O1  . BEO D 3 .   ? -8.905  -8.050  -9.002  1.00 64.73  ? 130 BEO A O1  1 
HETATM 1047 O O2  . BEO D 3 .   ? -8.926  -7.570  -11.069 1.00 46.45  ? 130 BEO A O2  1 
HETATM 1048 C C2  . BEO D 3 .   ? -11.018 -8.190  -10.114 1.00 52.41  ? 130 BEO A C2  1 
HETATM 1049 C C3  . BEO D 3 .   ? -11.629 -8.412  -8.744  1.00 44.53  ? 130 BEO A C3  1 
HETATM 1050 C C4  . BEO D 3 .   ? -13.067 -7.928  -8.719  1.00 46.99  ? 130 BEO A C4  1 
HETATM 1051 X UNK . UNX E 4 .   ? 4.864   -1.049  -3.546  1.00 79.17  ? 131 UNX A UNK 1 
HETATM 1052 O O   . HOH F 5 .   ? -4.146  19.608  5.727   1.00 53.80  ? 132 HOH A O   1 
HETATM 1053 O O   . HOH F 5 .   ? -3.794  13.464  0.430   1.00 51.92  ? 133 HOH A O   1 
HETATM 1054 O O   . HOH F 5 .   ? 0.643   14.946  -5.532  1.00 70.18  ? 134 HOH A O   1 
HETATM 1055 O O   . HOH F 5 .   ? -1.049  13.119  -7.509  1.00 42.82  ? 135 HOH A O   1 
HETATM 1056 O O   . HOH F 5 .   ? 1.022   13.504  -10.819 1.00 65.35  ? 136 HOH A O   1 
HETATM 1057 O O   . HOH F 5 .   ? -2.635  10.896  -13.654 1.00 60.01  ? 137 HOH A O   1 
HETATM 1058 O O   . HOH F 5 .   ? 4.836   3.930   -11.642 1.00 37.38  ? 138 HOH A O   1 
HETATM 1059 O O   . HOH F 5 .   ? 7.408   -5.555  -19.531 1.00 67.58  ? 139 HOH A O   1 
HETATM 1060 O O   . HOH F 5 .   ? 10.833  -7.152  -10.711 1.00 34.22  ? 140 HOH A O   1 
HETATM 1061 O O   . HOH F 5 .   ? 10.178  -10.233 -10.897 1.00 76.23  ? 141 HOH A O   1 
HETATM 1062 O O   . HOH F 5 .   ? 12.675  -7.552  -4.888  1.00 58.25  ? 142 HOH A O   1 
HETATM 1063 O O   . HOH F 5 .   ? 12.769  -1.707  -2.421  1.00 30.09  ? 143 HOH A O   1 
HETATM 1064 O O   . HOH F 5 .   ? 7.274   -0.887  1.099   1.00 39.07  ? 144 HOH A O   1 
HETATM 1065 O O   . HOH F 5 .   ? 11.284  -1.232  4.503   1.00 66.03  ? 145 HOH A O   1 
HETATM 1066 O O   . HOH F 5 .   ? 9.970   -3.215  7.765   1.00 58.14  ? 146 HOH A O   1 
HETATM 1067 O O   . HOH F 5 .   ? 12.625  -7.988  4.502   1.00 54.54  ? 147 HOH A O   1 
HETATM 1068 O O   . HOH F 5 .   ? 10.516  -10.812 2.638   1.00 55.06  ? 148 HOH A O   1 
HETATM 1069 O O   . HOH F 5 .   ? 7.255   -8.132  3.966   1.00 36.59  ? 149 HOH A O   1 
HETATM 1070 O O   . HOH F 5 .   ? 7.223   -9.738  6.530   1.00 47.53  ? 150 HOH A O   1 
HETATM 1071 O O   . HOH F 5 .   ? 6.303   -11.274 13.716  1.00 72.19  ? 151 HOH A O   1 
HETATM 1072 O O   . HOH F 5 .   ? 1.556   -9.328  13.636  1.00 36.03  ? 152 HOH A O   1 
HETATM 1073 O O   . HOH F 5 .   ? 1.611   -7.407  16.513  1.00 89.13  ? 153 HOH A O   1 
HETATM 1074 O O   . HOH F 5 .   ? -1.084  -2.214  17.176  1.00 76.49  ? 154 HOH A O   1 
HETATM 1075 O O   . HOH F 5 .   ? -1.239  0.764   21.181  1.00 46.45  ? 155 HOH A O   1 
HETATM 1076 O O   . HOH F 5 .   ? -6.443  -6.030  18.334  1.00 63.83  ? 156 HOH A O   1 
HETATM 1077 O O   . HOH F 5 .   ? -9.320  -7.210  16.443  1.00 27.17  ? 157 HOH A O   1 
HETATM 1078 O O   . HOH F 5 .   ? -10.487 -6.326  13.824  1.00 38.19  ? 158 HOH A O   1 
HETATM 1079 O O   . HOH F 5 .   ? -11.931 1.474   4.841   1.00 17.15  ? 159 HOH A O   1 
HETATM 1080 O O   . HOH F 5 .   ? -9.974  2.072   3.114   1.00 24.64  ? 160 HOH A O   1 
HETATM 1081 O O   . HOH F 5 .   ? -13.168 5.107   5.943   1.00 38.06  ? 161 HOH A O   1 
HETATM 1082 O O   . HOH F 5 .   ? -10.931 9.467   3.176   1.00 72.40  ? 162 HOH A O   1 
HETATM 1083 O O   . HOH F 5 .   ? -11.646 11.048  7.586   1.00 66.78  ? 163 HOH A O   1 
HETATM 1084 O O   . HOH F 5 .   ? -6.926  14.502  11.464  1.00 53.02  ? 164 HOH A O   1 
HETATM 1085 O O   . HOH F 5 .   ? -3.407  9.793   18.396  1.00 58.85  ? 165 HOH A O   1 
HETATM 1086 O O   . HOH F 5 .   ? 3.784   17.170  17.208  1.00 66.14  ? 166 HOH A O   1 
HETATM 1087 O O   . HOH F 5 .   ? 5.404   11.133  4.125   1.00 39.17  ? 167 HOH A O   1 
HETATM 1088 O O   . HOH F 5 .   ? 6.779   9.564   0.989   1.00 42.09  ? 168 HOH A O   1 
HETATM 1089 O O   . HOH F 5 .   ? 10.593  5.086   0.933   1.00 63.59  ? 169 HOH A O   1 
HETATM 1090 O O   . HOH F 5 .   ? 16.338  5.172   -2.327  1.00 62.05  ? 170 HOH A O   1 
HETATM 1091 O O   . HOH F 5 .   ? 16.530  7.237   -5.185  1.00 32.98  ? 171 HOH A O   1 
HETATM 1092 O O   . HOH F 5 .   ? 16.161  3.278   9.372   1.00 64.18  ? 172 HOH A O   1 
HETATM 1093 O O   . HOH F 5 .   ? 13.948  3.966   13.174  1.00 69.81  ? 173 HOH A O   1 
HETATM 1094 O O   . HOH F 5 .   ? 7.693   -0.449  16.576  1.00 86.87  ? 174 HOH A O   1 
HETATM 1095 O O   . HOH F 5 .   ? 6.736   -5.564  13.291  1.00 51.05  ? 175 HOH A O   1 
HETATM 1096 O O   . HOH F 5 .   ? 4.380   -15.352 11.204  1.00 43.47  ? 176 HOH A O   1 
HETATM 1097 O O   . HOH F 5 .   ? 2.526   -16.692 2.690   1.00 21.58  ? 177 HOH A O   1 
HETATM 1098 O O   . HOH F 5 .   ? -3.449  -15.816 6.078   1.00 39.26  ? 178 HOH A O   1 
HETATM 1099 O O   . HOH F 5 .   ? -0.993  -7.034  3.727   1.00 54.85  ? 179 HOH A O   1 
HETATM 1100 O O   . HOH F 5 .   ? 1.243   -7.250  0.549   1.00 21.99  ? 180 HOH A O   1 
HETATM 1101 O O   . HOH F 5 .   ? -4.785  -4.175  3.246   1.00 38.63  ? 181 HOH A O   1 
HETATM 1102 O O   . HOH F 5 .   ? -5.847  -1.009  -2.037  1.00 29.88  ? 182 HOH A O   1 
HETATM 1103 O O   . HOH F 5 .   ? -9.014  6.127   -2.802  1.00 27.23  ? 183 HOH A O   1 
HETATM 1104 O O   . HOH F 5 .   ? -10.664 8.006   -1.715  1.00 86.97  ? 184 HOH A O   1 
HETATM 1105 O O   . HOH F 5 .   ? -2.546  5.433   1.621   1.00 41.79  ? 185 HOH A O   1 
HETATM 1106 O O   . HOH F 5 .   ? -14.128 0.338   -10.129 1.00 52.70  ? 186 HOH A O   1 
HETATM 1107 O O   . HOH F 5 .   ? -8.419  -0.577  -16.891 1.00 38.37  ? 187 HOH A O   1 
HETATM 1108 O O   . HOH F 5 .   ? -9.652  -12.344 -3.582  1.00 66.03  ? 188 HOH A O   1 
HETATM 1109 O O   . HOH F 5 .   ? -11.776 -10.593 2.677   1.00 47.17  ? 189 HOH A O   1 
HETATM 1110 O O   . HOH F 5 .   ? 4.510   -16.541 -9.444  1.00 45.89  ? 190 HOH A O   1 
HETATM 1111 O O   . HOH F 5 .   ? 3.640   -14.842 -15.795 1.00 54.16  ? 191 HOH A O   1 
HETATM 1112 O O   . HOH F 5 .   ? 15.358  -7.262  1.453   1.00 47.30  ? 192 HOH A O   1 
# 
